data_1YI5
#
_entry.id   1YI5
#
_cell.length_a   162.604
_cell.length_b   313.415
_cell.length_c   106.548
_cell.angle_alpha   90.00
_cell.angle_beta   90.00
_cell.angle_gamma   90.00
#
_symmetry.space_group_name_H-M   'C 2 2 21'
#
loop_
_entity.id
_entity.type
_entity.pdbx_description
1 polymer 'Acetylcholine-binding protein'
2 polymer 'Long neurotoxin 1'
#
loop_
_entity_poly.entity_id
_entity_poly.type
_entity_poly.pdbx_seq_one_letter_code
_entity_poly.pdbx_strand_id
1 'polypeptide(L)'
;LDRADILYNIRQTSRPDVIPTQRDRPVAVSVSLKFINILEVNEITNEVDVVFWQQTTWSDRTLAWNSSHSPDQVSVPISS
LWVPDLAAYNAISKPEVLTPQLARVVSDGEVLYMPSIRQRFSCDVSGVDTESGATCRIKIGSWTHHSREISVDPTTENSD
DSEYFSQYSRFEILDVTQKKNSVTYSCCPEAYEDVEVSLNFRKKGRSEIL
;
A,B,C,D,E
2 'polypeptide(L)' IRCFITPDITSKDCPNGHVCYTKTWCDAFCSIRGKRVDLGCAATCPTVKTGVDIQCCSTDNCNPFPTRKRP F,G,H,I,J
#
# COMPACT_ATOMS: atom_id res chain seq x y z
N LEU A 1 -14.82 -37.59 1.34
CA LEU A 1 -14.36 -36.27 0.83
C LEU A 1 -15.03 -35.16 1.59
N ASP A 2 -14.25 -34.24 2.13
CA ASP A 2 -14.79 -33.06 2.83
C ASP A 2 -14.17 -31.73 2.37
N ARG A 3 -14.87 -30.63 2.66
CA ARG A 3 -14.50 -29.29 2.23
C ARG A 3 -12.98 -29.07 2.25
N ALA A 4 -12.39 -29.36 3.40
CA ALA A 4 -10.95 -29.19 3.62
C ALA A 4 -10.15 -29.92 2.58
N ASP A 5 -10.45 -31.20 2.41
CA ASP A 5 -9.73 -32.04 1.45
C ASP A 5 -9.90 -31.58 0.00
N ILE A 6 -10.97 -30.82 -0.28
CA ILE A 6 -11.18 -30.27 -1.63
C ILE A 6 -10.27 -29.09 -1.85
N LEU A 7 -10.18 -28.21 -0.86
CA LEU A 7 -9.27 -27.06 -0.94
C LEU A 7 -7.81 -27.53 -0.94
N TYR A 8 -7.55 -28.68 -0.35
CA TYR A 8 -6.22 -29.31 -0.34
C TYR A 8 -5.85 -29.76 -1.74
N ASN A 9 -6.85 -30.29 -2.43
CA ASN A 9 -6.70 -30.67 -3.84
C ASN A 9 -6.26 -29.43 -4.61
N ILE A 10 -7.12 -28.41 -4.61
CA ILE A 10 -6.99 -27.24 -5.49
C ILE A 10 -5.74 -26.42 -5.20
N ARG A 11 -5.55 -26.07 -3.94
CA ARG A 11 -4.42 -25.25 -3.52
C ARG A 11 -3.07 -25.90 -3.89
N GLN A 12 -2.96 -27.22 -3.72
CA GLN A 12 -1.68 -27.93 -3.82
C GLN A 12 -1.31 -28.37 -5.25
N THR A 13 -2.30 -28.67 -6.07
CA THR A 13 -2.06 -29.19 -7.42
C THR A 13 -2.45 -28.23 -8.59
N SER A 14 -3.20 -27.17 -8.30
CA SER A 14 -3.49 -26.14 -9.30
C SER A 14 -2.48 -25.00 -9.24
N ARG A 15 -2.23 -24.41 -10.40
CA ARG A 15 -1.07 -23.55 -10.60
C ARG A 15 -1.51 -22.16 -11.04
N PRO A 16 -1.39 -21.18 -10.15
CA PRO A 16 -1.81 -19.78 -10.40
C PRO A 16 -1.42 -19.23 -11.76
N ASP A 17 -0.18 -19.39 -12.21
CA ASP A 17 0.12 -19.04 -13.59
C ASP A 17 0.54 -20.26 -14.40
N VAL A 18 -0.51 -20.97 -14.78
CA VAL A 18 -0.51 -21.92 -15.87
C VAL A 18 -1.93 -21.82 -16.42
N ILE A 19 -2.09 -21.09 -17.52
CA ILE A 19 -3.39 -20.96 -18.15
C ILE A 19 -3.99 -22.31 -18.52
N PRO A 20 -5.14 -22.67 -17.95
CA PRO A 20 -5.76 -23.96 -18.21
C PRO A 20 -6.05 -24.20 -19.68
N THR A 21 -5.04 -24.73 -20.36
CA THR A 21 -5.14 -25.09 -21.76
C THR A 21 -5.83 -26.45 -21.93
N GLN A 22 -6.74 -26.51 -22.89
CA GLN A 22 -7.15 -27.76 -23.50
C GLN A 22 -6.75 -27.62 -24.96
N ARG A 23 -5.66 -28.28 -25.34
CA ARG A 23 -4.90 -28.04 -26.60
C ARG A 23 -5.64 -27.35 -27.78
N ASP A 24 -5.12 -26.18 -28.19
CA ASP A 24 -5.65 -25.35 -29.29
C ASP A 24 -7.09 -24.83 -29.04
N ARG A 25 -7.65 -25.18 -27.88
CA ARG A 25 -8.97 -24.76 -27.44
C ARG A 25 -8.71 -23.71 -26.36
N PRO A 26 -9.23 -22.50 -26.54
CA PRO A 26 -9.00 -21.44 -25.56
C PRO A 26 -9.65 -21.76 -24.22
N VAL A 27 -9.57 -20.79 -23.33
CA VAL A 27 -10.28 -20.86 -22.08
C VAL A 27 -11.49 -20.00 -22.25
N ALA A 28 -12.66 -20.61 -22.08
CA ALA A 28 -13.93 -19.92 -22.27
C ALA A 28 -14.20 -18.99 -21.12
N VAL A 29 -13.88 -17.71 -21.31
CA VAL A 29 -14.16 -16.71 -20.30
C VAL A 29 -15.45 -15.96 -20.63
N SER A 30 -16.35 -15.93 -19.66
CA SER A 30 -17.61 -15.22 -19.79
C SER A 30 -17.60 -14.05 -18.81
N VAL A 31 -17.53 -12.84 -19.37
CA VAL A 31 -17.40 -11.61 -18.57
C VAL A 31 -18.67 -10.78 -18.60
N SER A 32 -18.80 -9.94 -17.58
CA SER A 32 -19.83 -8.94 -17.54
C SER A 32 -19.45 -7.88 -16.54
N LEU A 33 -19.82 -6.64 -16.87
CA LEU A 33 -19.82 -5.55 -15.90
C LEU A 33 -21.25 -5.28 -15.49
N LYS A 34 -21.51 -5.42 -14.20
CA LYS A 34 -22.78 -5.04 -13.60
C LYS A 34 -22.52 -3.77 -12.83
N PHE A 35 -23.05 -2.65 -13.32
CA PHE A 35 -22.71 -1.34 -12.79
C PHE A 35 -23.53 -1.04 -11.55
N ILE A 36 -22.83 -0.70 -10.47
CA ILE A 36 -23.44 -0.52 -9.14
C ILE A 36 -23.68 0.93 -8.80
N ASN A 37 -22.66 1.77 -8.95
CA ASN A 37 -22.76 3.16 -8.52
C ASN A 37 -21.80 4.10 -9.23
N ILE A 38 -22.37 5.16 -9.79
CA ILE A 38 -21.60 6.21 -10.47
C ILE A 38 -21.35 7.33 -9.46
N LEU A 39 -20.08 7.57 -9.17
CA LEU A 39 -19.70 8.46 -8.08
C LEU A 39 -19.39 9.88 -8.53
N GLU A 40 -18.25 10.02 -9.19
CA GLU A 40 -17.70 11.30 -9.56
C GLU A 40 -17.84 11.42 -11.05
N VAL A 41 -18.32 12.56 -11.52
CA VAL A 41 -18.34 12.83 -12.93
C VAL A 41 -17.83 14.21 -13.21
N ASN A 42 -17.04 14.31 -14.26
CA ASN A 42 -16.46 15.57 -14.69
C ASN A 42 -16.54 15.69 -16.21
N GLU A 43 -17.64 16.28 -16.67
CA GLU A 43 -17.86 16.54 -18.08
C GLU A 43 -16.65 17.22 -18.75
N ILE A 44 -15.94 18.05 -18.00
CA ILE A 44 -14.86 18.86 -18.56
C ILE A 44 -13.59 18.04 -18.82
N THR A 45 -13.29 17.08 -17.94
CA THR A 45 -12.08 16.24 -18.07
C THR A 45 -12.39 14.80 -18.55
N ASN A 46 -13.64 14.58 -18.96
CA ASN A 46 -14.11 13.27 -19.39
C ASN A 46 -13.51 12.17 -18.50
N GLU A 47 -13.77 12.36 -17.20
CA GLU A 47 -13.34 11.45 -16.13
C GLU A 47 -14.55 10.98 -15.29
N VAL A 48 -14.69 9.66 -15.16
CA VAL A 48 -15.77 9.08 -14.38
C VAL A 48 -15.15 8.25 -13.29
N ASP A 49 -15.76 8.32 -12.11
CA ASP A 49 -15.45 7.40 -11.03
C ASP A 49 -16.69 6.51 -10.89
N VAL A 50 -16.45 5.21 -10.92
CA VAL A 50 -17.52 4.25 -10.99
C VAL A 50 -17.19 3.05 -10.13
N VAL A 51 -18.22 2.25 -9.85
CA VAL A 51 -18.07 1.05 -9.07
C VAL A 51 -18.94 -0.03 -9.66
N PHE A 52 -18.37 -1.20 -9.90
CA PHE A 52 -19.07 -2.29 -10.61
C PHE A 52 -18.54 -3.67 -10.21
N TRP A 53 -19.32 -4.68 -10.49
CA TRP A 53 -18.90 -6.03 -10.21
C TRP A 53 -18.45 -6.65 -11.52
N GLN A 54 -17.15 -6.94 -11.64
CA GLN A 54 -16.57 -7.52 -12.87
C GLN A 54 -16.89 -8.98 -12.92
N GLN A 55 -18.17 -9.26 -13.10
CA GLN A 55 -18.72 -10.60 -13.13
C GLN A 55 -17.93 -11.46 -14.11
N THR A 56 -16.98 -12.22 -13.57
CA THR A 56 -16.09 -13.00 -14.38
C THR A 56 -16.29 -14.48 -14.09
N THR A 57 -16.00 -15.30 -15.09
CA THR A 57 -16.40 -16.70 -15.09
C THR A 57 -15.59 -17.52 -16.06
N TRP A 58 -15.27 -18.76 -15.71
CA TRP A 58 -14.57 -19.64 -16.64
C TRP A 58 -14.58 -21.14 -16.30
N SER A 59 -13.98 -21.92 -17.19
CA SER A 59 -13.92 -23.37 -17.06
C SER A 59 -12.47 -23.84 -16.87
N ASP A 60 -12.11 -24.14 -15.64
CA ASP A 60 -10.86 -24.86 -15.38
C ASP A 60 -11.20 -26.27 -14.97
N ARG A 61 -10.91 -27.21 -15.86
CA ARG A 61 -11.39 -28.59 -15.73
C ARG A 61 -10.49 -29.43 -14.84
N THR A 62 -9.24 -29.03 -14.64
CA THR A 62 -8.30 -29.84 -13.82
C THR A 62 -8.76 -29.91 -12.36
N LEU A 63 -9.31 -28.79 -11.88
CA LEU A 63 -9.81 -28.68 -10.50
C LEU A 63 -10.81 -29.77 -10.15
N ALA A 64 -11.74 -29.97 -11.10
CA ALA A 64 -12.92 -30.80 -10.93
C ALA A 64 -12.72 -31.97 -9.98
N TRP A 65 -13.81 -32.33 -9.30
CA TRP A 65 -13.82 -33.45 -8.35
C TRP A 65 -15.14 -34.24 -8.37
N ASN A 66 -15.15 -35.38 -7.67
CA ASN A 66 -16.33 -36.26 -7.57
C ASN A 66 -17.24 -35.79 -6.41
N SER A 67 -18.32 -35.11 -6.78
CA SER A 67 -19.20 -34.44 -5.82
C SER A 67 -20.40 -35.26 -5.37
N SER A 68 -20.52 -36.49 -5.85
CA SER A 68 -21.71 -37.34 -5.64
C SER A 68 -22.23 -37.34 -4.20
N HIS A 69 -21.39 -37.81 -3.27
CA HIS A 69 -21.71 -37.77 -1.85
C HIS A 69 -20.80 -36.75 -1.14
N SER A 70 -20.69 -35.57 -1.75
CA SER A 70 -19.76 -34.55 -1.31
C SER A 70 -20.25 -33.15 -1.72
N PRO A 71 -19.65 -32.09 -1.18
CA PRO A 71 -20.14 -30.72 -1.39
C PRO A 71 -20.00 -30.22 -2.82
N ASP A 72 -21.10 -29.68 -3.38
CA ASP A 72 -21.16 -29.29 -4.78
C ASP A 72 -20.29 -28.06 -5.06
N GLN A 73 -20.29 -27.12 -4.11
CA GLN A 73 -19.59 -25.86 -4.25
C GLN A 73 -18.70 -25.53 -3.04
N VAL A 74 -17.50 -25.00 -3.29
CA VAL A 74 -16.61 -24.43 -2.26
C VAL A 74 -16.10 -23.05 -2.67
N SER A 75 -15.61 -22.29 -1.71
CA SER A 75 -15.07 -20.98 -2.02
C SER A 75 -13.57 -20.95 -1.83
N VAL A 76 -12.86 -20.68 -2.92
CA VAL A 76 -11.40 -20.70 -2.95
C VAL A 76 -10.90 -19.26 -3.00
N PRO A 77 -9.66 -19.02 -2.55
CA PRO A 77 -9.02 -17.72 -2.77
C PRO A 77 -8.44 -17.53 -4.19
N ILE A 78 -8.31 -16.27 -4.61
CA ILE A 78 -7.79 -15.92 -5.93
C ILE A 78 -6.33 -16.27 -6.03
N SER A 79 -5.64 -16.15 -4.90
CA SER A 79 -4.22 -16.39 -4.84
C SER A 79 -3.80 -17.82 -5.24
N SER A 80 -4.71 -18.77 -5.07
CA SER A 80 -4.38 -20.17 -5.28
C SER A 80 -4.90 -20.73 -6.61
N LEU A 81 -5.61 -19.92 -7.39
CA LEU A 81 -6.14 -20.34 -8.68
C LEU A 81 -5.57 -19.55 -9.84
N TRP A 82 -5.80 -20.05 -11.04
CA TRP A 82 -5.50 -19.28 -12.24
C TRP A 82 -6.63 -18.26 -12.49
N VAL A 83 -6.23 -17.11 -13.01
CA VAL A 83 -7.10 -15.97 -13.20
C VAL A 83 -6.88 -15.36 -14.59
N PRO A 84 -7.95 -14.85 -15.21
CA PRO A 84 -7.78 -14.11 -16.45
C PRO A 84 -6.98 -12.85 -16.21
N ASP A 85 -6.05 -12.57 -17.12
CA ASP A 85 -5.25 -11.34 -17.06
C ASP A 85 -6.01 -10.18 -17.71
N LEU A 86 -7.27 -10.01 -17.32
CA LEU A 86 -8.14 -9.01 -17.95
C LEU A 86 -7.70 -7.63 -17.54
N ALA A 87 -8.04 -6.66 -18.35
CA ALA A 87 -7.60 -5.30 -18.11
C ALA A 87 -8.46 -4.31 -18.84
N ALA A 88 -8.83 -3.25 -18.16
CA ALA A 88 -9.56 -2.15 -18.77
C ALA A 88 -8.62 -1.27 -19.56
N TYR A 89 -8.70 -1.33 -20.89
CA TYR A 89 -7.78 -0.60 -21.75
C TYR A 89 -7.79 0.89 -21.46
N ASN A 90 -8.98 1.47 -21.32
CA ASN A 90 -9.11 2.91 -21.04
C ASN A 90 -9.23 3.21 -19.54
N ALA A 91 -8.36 2.55 -18.77
CA ALA A 91 -8.34 2.71 -17.33
C ALA A 91 -7.43 3.86 -16.97
N ILE A 92 -7.87 4.60 -15.96
CA ILE A 92 -7.09 5.69 -15.41
C ILE A 92 -6.36 5.20 -14.18
N SER A 93 -7.12 4.61 -13.24
CA SER A 93 -6.59 4.23 -11.93
C SER A 93 -6.61 2.72 -11.74
N LYS A 94 -5.89 2.28 -10.72
CA LYS A 94 -5.77 0.86 -10.43
C LYS A 94 -7.10 0.30 -9.91
N PRO A 95 -7.21 -1.03 -9.82
CA PRO A 95 -8.39 -1.64 -9.24
C PRO A 95 -8.42 -1.54 -7.72
N GLU A 96 -9.46 -0.90 -7.20
CA GLU A 96 -9.68 -0.85 -5.77
C GLU A 96 -10.68 -1.95 -5.41
N VAL A 97 -10.15 -3.06 -4.88
CA VAL A 97 -10.95 -4.24 -4.56
C VAL A 97 -11.67 -4.02 -3.23
N LEU A 98 -13.00 -4.21 -3.20
CA LEU A 98 -13.83 -4.03 -1.99
C LEU A 98 -14.12 -5.34 -1.23
N THR A 99 -14.56 -6.34 -1.98
CA THR A 99 -14.90 -7.64 -1.42
C THR A 99 -13.62 -8.42 -1.16
N PRO A 100 -13.71 -9.49 -0.40
CA PRO A 100 -12.58 -10.42 -0.27
C PRO A 100 -12.25 -11.05 -1.60
N GLN A 101 -10.96 -11.20 -1.85
CA GLN A 101 -10.48 -11.83 -3.06
C GLN A 101 -10.72 -13.32 -2.90
N LEU A 102 -11.93 -13.75 -3.27
CA LEU A 102 -12.29 -15.17 -3.31
C LEU A 102 -13.12 -15.47 -4.55
N ALA A 103 -12.96 -16.67 -5.09
CA ALA A 103 -13.85 -17.14 -6.14
C ALA A 103 -14.52 -18.44 -5.74
N ARG A 104 -15.74 -18.62 -6.23
CA ARG A 104 -16.50 -19.83 -6.03
C ARG A 104 -16.09 -20.84 -7.10
N VAL A 105 -15.94 -22.10 -6.73
CA VAL A 105 -15.54 -23.14 -7.68
C VAL A 105 -16.44 -24.36 -7.54
N VAL A 106 -17.10 -24.71 -8.62
CA VAL A 106 -18.02 -25.83 -8.67
C VAL A 106 -17.24 -27.13 -8.94
N SER A 107 -17.84 -28.27 -8.62
CA SER A 107 -17.22 -29.57 -8.85
C SER A 107 -16.92 -29.86 -10.33
N ASP A 108 -17.75 -29.32 -11.21
CA ASP A 108 -17.63 -29.56 -12.65
C ASP A 108 -16.51 -28.76 -13.32
N GLY A 109 -15.78 -27.96 -12.54
CA GLY A 109 -14.68 -27.15 -13.03
C GLY A 109 -15.05 -25.73 -13.42
N GLU A 110 -16.22 -25.26 -12.99
CA GLU A 110 -16.67 -23.89 -13.28
C GLU A 110 -16.21 -22.95 -12.17
N VAL A 111 -15.81 -21.74 -12.56
CA VAL A 111 -15.12 -20.82 -11.65
C VAL A 111 -15.76 -19.46 -11.69
N LEU A 112 -16.13 -18.95 -10.53
CA LEU A 112 -16.90 -17.75 -10.43
C LEU A 112 -16.15 -16.72 -9.60
N TYR A 113 -15.40 -15.86 -10.29
CA TYR A 113 -14.81 -14.69 -9.64
C TYR A 113 -15.58 -13.47 -10.10
N MET A 114 -16.22 -12.84 -9.14
CA MET A 114 -16.90 -11.58 -9.38
C MET A 114 -16.49 -10.72 -8.20
N PRO A 115 -15.52 -9.84 -8.42
CA PRO A 115 -15.12 -8.88 -7.39
C PRO A 115 -15.91 -7.59 -7.55
N SER A 116 -15.99 -6.83 -6.46
CA SER A 116 -16.56 -5.49 -6.48
C SER A 116 -15.38 -4.56 -6.73
N ILE A 117 -15.57 -3.55 -7.58
CA ILE A 117 -14.44 -2.73 -8.03
C ILE A 117 -14.75 -1.24 -8.04
N ARG A 118 -13.79 -0.44 -7.59
CA ARG A 118 -13.80 1.00 -7.84
C ARG A 118 -12.63 1.30 -8.75
N GLN A 119 -12.92 1.98 -9.84
CA GLN A 119 -11.89 2.36 -10.79
C GLN A 119 -12.35 3.60 -11.56
N ARG A 120 -11.42 4.51 -11.89
CA ARG A 120 -11.72 5.69 -12.69
C ARG A 120 -11.46 5.38 -14.16
N PHE A 121 -12.08 6.15 -15.05
CA PHE A 121 -12.08 5.81 -16.47
C PHE A 121 -12.20 6.99 -17.40
N SER A 122 -11.35 7.01 -18.42
CA SER A 122 -11.43 8.01 -19.47
C SER A 122 -12.46 7.54 -20.47
N CYS A 123 -13.54 8.31 -20.62
CA CYS A 123 -14.59 7.95 -21.56
C CYS A 123 -15.43 9.14 -21.97
N ASP A 124 -16.30 8.91 -22.95
CA ASP A 124 -17.22 9.96 -23.46
C ASP A 124 -18.28 10.33 -22.40
N VAL A 125 -17.95 11.40 -21.67
CA VAL A 125 -18.85 11.97 -20.68
C VAL A 125 -19.67 13.06 -21.33
N SER A 126 -19.29 13.47 -22.54
CA SER A 126 -20.02 14.51 -23.25
C SER A 126 -21.53 14.20 -23.31
N GLY A 127 -22.31 14.96 -22.53
CA GLY A 127 -23.77 14.93 -22.59
C GLY A 127 -24.45 14.34 -21.38
N VAL A 128 -24.05 14.76 -20.19
CA VAL A 128 -24.57 14.19 -18.94
C VAL A 128 -25.92 14.77 -18.57
N ASP A 129 -26.02 16.10 -18.59
CA ASP A 129 -27.25 16.81 -18.25
C ASP A 129 -28.16 16.91 -19.50
N THR A 130 -28.56 15.76 -20.01
CA THR A 130 -29.47 15.66 -21.15
C THR A 130 -30.52 14.59 -20.86
N GLU A 131 -31.55 14.54 -21.70
CA GLU A 131 -32.51 13.43 -21.64
C GLU A 131 -31.85 12.18 -22.24
N SER A 132 -31.07 12.38 -23.30
CA SER A 132 -30.40 11.29 -24.00
C SER A 132 -29.26 10.73 -23.15
N GLY A 133 -28.60 11.59 -22.39
CA GLY A 133 -27.54 11.17 -21.50
C GLY A 133 -26.23 10.87 -22.22
N ALA A 134 -25.15 10.85 -21.44
CA ALA A 134 -23.83 10.53 -21.96
C ALA A 134 -23.70 9.04 -22.16
N THR A 135 -22.99 8.67 -23.22
CA THR A 135 -22.73 7.28 -23.53
C THR A 135 -21.27 7.03 -23.28
N CYS A 136 -20.97 6.14 -22.35
CA CYS A 136 -19.63 6.02 -21.79
C CYS A 136 -18.99 4.68 -22.14
N ARG A 137 -17.96 4.71 -22.96
CA ARG A 137 -17.32 3.49 -23.43
C ARG A 137 -16.26 3.05 -22.45
N ILE A 138 -16.29 1.77 -22.08
CA ILE A 138 -15.17 1.15 -21.36
C ILE A 138 -14.75 -0.14 -22.05
N LYS A 139 -13.55 -0.12 -22.63
CA LYS A 139 -12.98 -1.28 -23.30
C LYS A 139 -12.22 -2.07 -22.26
N ILE A 140 -12.38 -3.39 -22.30
CA ILE A 140 -11.65 -4.31 -21.45
C ILE A 140 -11.42 -5.62 -22.15
N GLY A 141 -10.22 -6.17 -21.95
CA GLY A 141 -9.82 -7.43 -22.53
C GLY A 141 -8.48 -7.88 -21.99
N SER A 142 -8.10 -9.12 -22.27
CA SER A 142 -6.81 -9.60 -21.82
C SER A 142 -5.71 -8.73 -22.35
N TRP A 143 -4.69 -8.56 -21.53
CA TRP A 143 -3.55 -7.75 -21.91
C TRP A 143 -2.57 -8.55 -22.74
N THR A 144 -2.30 -9.77 -22.29
CA THR A 144 -1.22 -10.57 -22.83
C THR A 144 -1.74 -11.68 -23.71
N HIS A 145 -2.81 -12.31 -23.28
CA HIS A 145 -3.38 -13.43 -24.00
C HIS A 145 -4.32 -12.98 -25.12
N HIS A 146 -4.25 -13.70 -26.24
CA HIS A 146 -5.08 -13.44 -27.41
C HIS A 146 -6.22 -14.48 -27.50
N SER A 147 -6.99 -14.46 -28.59
CA SER A 147 -8.20 -15.28 -28.74
C SER A 147 -8.05 -16.77 -28.48
N ARG A 148 -7.18 -17.45 -29.22
CA ARG A 148 -7.06 -18.93 -29.14
C ARG A 148 -6.41 -19.43 -27.84
N GLU A 149 -6.04 -18.49 -26.96
CA GLU A 149 -5.64 -18.78 -25.58
C GLU A 149 -6.80 -18.45 -24.63
N ILE A 150 -7.37 -17.28 -24.79
CA ILE A 150 -8.52 -16.83 -24.01
C ILE A 150 -9.56 -16.13 -24.89
N SER A 151 -10.79 -16.58 -24.80
CA SER A 151 -11.87 -15.95 -25.54
C SER A 151 -12.78 -15.29 -24.54
N VAL A 152 -13.12 -14.04 -24.81
CA VAL A 152 -14.04 -13.30 -23.95
C VAL A 152 -15.38 -13.07 -24.65
N ASP A 153 -16.47 -13.40 -23.96
CA ASP A 153 -17.80 -13.27 -24.51
C ASP A 153 -18.68 -12.60 -23.49
N PRO A 154 -19.34 -11.51 -23.86
CA PRO A 154 -20.38 -10.94 -22.99
C PRO A 154 -21.65 -11.78 -23.09
N THR A 155 -22.23 -12.02 -21.92
CA THR A 155 -23.29 -13.02 -21.74
C THR A 155 -24.59 -12.62 -22.45
N SER A 159 -30.23 -9.37 -18.17
CA SER A 159 -31.00 -8.95 -16.98
C SER A 159 -31.78 -7.64 -17.20
N ASP A 160 -32.51 -7.23 -16.17
CA ASP A 160 -32.97 -5.85 -16.01
C ASP A 160 -31.76 -5.16 -15.42
N ASP A 161 -31.01 -4.45 -16.27
CA ASP A 161 -29.63 -4.03 -15.94
C ASP A 161 -29.54 -3.01 -14.77
N SER A 162 -30.66 -2.36 -14.46
CA SER A 162 -30.72 -1.26 -13.49
C SER A 162 -31.88 -1.38 -12.48
N GLU A 163 -32.17 -2.62 -12.07
CA GLU A 163 -33.11 -2.90 -10.99
C GLU A 163 -32.31 -2.86 -9.67
N TYR A 164 -31.01 -3.19 -9.74
CA TYR A 164 -30.16 -3.01 -8.56
C TYR A 164 -29.43 -1.66 -8.53
N PHE A 165 -28.78 -1.27 -9.64
CA PHE A 165 -27.93 -0.06 -9.61
C PHE A 165 -28.47 0.95 -8.60
N SER A 166 -27.60 1.33 -7.65
CA SER A 166 -27.99 2.13 -6.47
C SER A 166 -29.09 3.14 -6.72
N GLN A 167 -30.16 3.03 -5.92
CA GLN A 167 -31.26 3.98 -5.95
C GLN A 167 -30.76 5.35 -5.49
N TYR A 168 -29.55 5.37 -4.93
CA TYR A 168 -29.06 6.48 -4.13
C TYR A 168 -27.89 7.23 -4.77
N SER A 169 -27.63 7.00 -6.06
CA SER A 169 -26.57 7.74 -6.74
C SER A 169 -27.07 9.09 -7.25
N ARG A 170 -26.13 10.00 -7.50
CA ARG A 170 -26.41 11.31 -8.11
C ARG A 170 -26.96 11.13 -9.52
N PHE A 171 -26.74 9.93 -10.08
CA PHE A 171 -27.08 9.62 -11.46
C PHE A 171 -27.95 8.35 -11.56
N GLU A 172 -28.62 8.17 -12.70
CA GLU A 172 -29.44 7.00 -12.99
C GLU A 172 -29.06 6.36 -14.34
N ILE A 173 -29.09 5.03 -14.41
CA ILE A 173 -28.69 4.30 -15.62
C ILE A 173 -29.84 4.14 -16.59
N LEU A 174 -29.53 4.30 -17.87
CA LEU A 174 -30.52 4.18 -18.93
C LEU A 174 -30.48 2.81 -19.60
N ASP A 175 -29.31 2.43 -20.14
CA ASP A 175 -29.13 1.19 -20.92
C ASP A 175 -27.67 0.78 -21.03
N VAL A 176 -27.39 -0.49 -20.73
CA VAL A 176 -26.04 -1.03 -20.88
C VAL A 176 -26.00 -2.12 -21.94
N THR A 177 -25.10 -1.96 -22.90
CA THR A 177 -24.91 -2.92 -23.98
C THR A 177 -23.47 -3.41 -24.00
N GLN A 178 -23.30 -4.69 -23.72
CA GLN A 178 -22.01 -5.32 -23.86
C GLN A 178 -22.00 -5.86 -25.29
N LYS A 179 -21.07 -5.36 -26.11
CA LYS A 179 -20.93 -5.83 -27.50
C LYS A 179 -19.46 -6.14 -27.79
N LYS A 180 -19.17 -7.42 -28.00
CA LYS A 180 -17.80 -7.89 -28.20
C LYS A 180 -17.19 -7.36 -29.48
N ASN A 181 -15.86 -7.43 -29.55
CA ASN A 181 -15.08 -6.82 -30.62
C ASN A 181 -13.83 -7.65 -30.86
N SER A 182 -13.79 -8.34 -31.99
CA SER A 182 -12.64 -9.16 -32.33
C SER A 182 -11.77 -8.44 -33.34
N VAL A 183 -10.48 -8.40 -33.08
CA VAL A 183 -9.55 -7.57 -33.85
C VAL A 183 -8.25 -8.30 -34.12
N THR A 184 -7.84 -8.32 -35.39
CA THR A 184 -6.66 -9.07 -35.83
C THR A 184 -5.41 -8.22 -35.91
N TYR A 185 -4.29 -8.79 -35.48
CA TYR A 185 -2.99 -8.12 -35.54
C TYR A 185 -2.02 -8.89 -36.42
N SER A 186 -1.03 -8.16 -36.92
CA SER A 186 -0.22 -8.56 -38.07
C SER A 186 0.99 -9.43 -37.77
N CYS A 187 0.77 -10.52 -37.08
CA CYS A 187 1.86 -11.46 -36.81
C CYS A 187 1.32 -12.84 -36.55
N CYS A 188 0.38 -12.88 -35.61
CA CYS A 188 0.10 -14.07 -34.84
C CYS A 188 -1.23 -14.67 -35.27
N PRO A 189 -1.34 -15.99 -35.19
CA PRO A 189 -2.51 -16.71 -35.70
C PRO A 189 -3.76 -15.85 -35.90
N GLU A 190 -4.39 -15.39 -34.83
CA GLU A 190 -5.69 -14.74 -34.94
C GLU A 190 -5.73 -13.34 -34.30
N ALA A 191 -6.52 -13.14 -33.24
CA ALA A 191 -7.02 -11.78 -32.90
C ALA A 191 -7.18 -11.50 -31.41
N TYR A 192 -6.56 -10.44 -30.91
CA TYR A 192 -6.65 -10.12 -29.48
C TYR A 192 -8.08 -9.73 -29.12
N GLU A 193 -8.87 -10.70 -28.66
CA GLU A 193 -10.29 -10.45 -28.37
C GLU A 193 -10.46 -9.51 -27.17
N ASP A 194 -11.49 -8.66 -27.23
CA ASP A 194 -11.75 -7.69 -26.17
C ASP A 194 -13.21 -7.18 -26.16
N VAL A 195 -13.79 -7.10 -24.96
CA VAL A 195 -15.16 -6.64 -24.77
C VAL A 195 -15.26 -5.14 -24.61
N GLU A 196 -16.28 -4.55 -25.22
CA GLU A 196 -16.54 -3.11 -25.15
C GLU A 196 -17.91 -2.91 -24.52
N VAL A 197 -17.92 -2.48 -23.27
CA VAL A 197 -19.16 -2.19 -22.56
C VAL A 197 -19.62 -0.75 -22.79
N SER A 198 -20.91 -0.58 -23.04
CA SER A 198 -21.47 0.75 -23.36
C SER A 198 -22.45 1.21 -22.29
N LEU A 199 -21.99 2.11 -21.45
CA LEU A 199 -22.76 2.62 -20.32
C LEU A 199 -23.42 3.92 -20.68
N ASN A 200 -24.70 3.83 -21.06
CA ASN A 200 -25.53 5.03 -21.22
C ASN A 200 -26.12 5.45 -19.88
N PHE A 201 -25.90 6.71 -19.50
CA PHE A 201 -26.35 7.25 -18.21
C PHE A 201 -26.53 8.76 -18.21
N ARG A 202 -27.11 9.28 -17.13
CA ARG A 202 -27.44 10.70 -17.00
C ARG A 202 -27.59 11.17 -15.56
N LYS A 203 -27.78 12.49 -15.41
CA LYS A 203 -28.04 13.14 -14.13
C LYS A 203 -29.48 12.94 -13.65
N LYS A 204 -29.64 12.66 -12.36
CA LYS A 204 -30.96 12.51 -11.71
C LYS A 204 -31.62 13.89 -11.49
N GLY A 205 -32.94 13.90 -11.29
CA GLY A 205 -33.70 15.15 -11.16
C GLY A 205 -33.39 16.00 -9.93
N ILE B 1 -15.88 -13.46 -56.41
CA ILE B 1 -14.49 -13.89 -56.08
C ILE B 1 -14.34 -14.27 -54.61
N ARG B 2 -13.67 -15.40 -54.38
CA ARG B 2 -13.37 -15.88 -53.04
C ARG B 2 -12.22 -15.09 -52.44
N CYS B 3 -12.47 -14.38 -51.33
CA CYS B 3 -11.42 -13.63 -50.64
C CYS B 3 -11.31 -13.97 -49.16
N PHE B 4 -10.10 -13.84 -48.62
CA PHE B 4 -9.83 -14.12 -47.22
C PHE B 4 -10.45 -13.08 -46.32
N ILE B 5 -11.46 -13.47 -45.53
CA ILE B 5 -12.14 -12.54 -44.63
C ILE B 5 -11.57 -12.60 -43.22
N THR B 6 -11.65 -11.46 -42.53
CA THR B 6 -11.17 -11.28 -41.15
C THR B 6 -12.35 -11.05 -40.19
N PRO B 7 -12.25 -11.49 -38.94
CA PRO B 7 -11.02 -11.99 -38.32
C PRO B 7 -10.86 -13.49 -38.43
N ASP B 8 -11.52 -14.06 -39.43
CA ASP B 8 -11.44 -15.49 -39.63
C ASP B 8 -10.26 -15.80 -40.55
N ILE B 9 -9.71 -16.99 -40.37
CA ILE B 9 -8.48 -17.33 -41.04
C ILE B 9 -8.79 -17.72 -42.47
N THR B 10 -10.08 -17.94 -42.72
CA THR B 10 -10.58 -18.71 -43.86
C THR B 10 -11.13 -17.87 -45.02
N SER B 11 -11.29 -18.55 -46.16
CA SER B 11 -11.77 -17.93 -47.38
C SER B 11 -13.27 -18.11 -47.50
N LYS B 12 -13.95 -17.09 -48.04
CA LYS B 12 -15.41 -17.10 -48.15
C LYS B 12 -15.93 -16.51 -49.48
N ASP B 13 -17.19 -16.85 -49.77
CA ASP B 13 -17.74 -16.75 -51.11
C ASP B 13 -18.38 -15.37 -51.33
N CYS B 14 -17.67 -14.52 -52.05
CA CYS B 14 -18.25 -13.28 -52.52
C CYS B 14 -18.46 -13.48 -53.98
N PRO B 15 -19.69 -13.81 -54.38
CA PRO B 15 -20.09 -13.58 -55.78
C PRO B 15 -19.93 -12.08 -56.09
N ASN B 16 -19.04 -11.82 -57.03
CA ASN B 16 -18.52 -10.49 -57.36
C ASN B 16 -18.84 -9.30 -56.44
N GLY B 17 -18.24 -9.35 -55.26
CA GLY B 17 -17.65 -8.17 -54.68
C GLY B 17 -16.33 -8.21 -55.41
N HIS B 18 -16.06 -7.26 -56.31
CA HIS B 18 -14.99 -7.42 -57.32
C HIS B 18 -13.53 -7.39 -56.80
N VAL B 19 -13.32 -7.15 -55.51
CA VAL B 19 -11.97 -6.99 -54.97
C VAL B 19 -11.73 -7.71 -53.65
N CYS B 20 -10.53 -8.27 -53.52
CA CYS B 20 -9.97 -8.65 -52.23
C CYS B 20 -9.06 -7.50 -51.77
N TYR B 21 -9.25 -7.05 -50.53
CA TYR B 21 -8.51 -5.89 -50.00
C TYR B 21 -7.73 -6.18 -48.72
N THR B 22 -6.67 -5.39 -48.53
CA THR B 22 -5.73 -5.53 -47.43
C THR B 22 -5.40 -4.15 -46.83
N LYS B 23 -6.27 -3.70 -45.91
CA LYS B 23 -6.00 -2.52 -45.08
C LYS B 23 -4.89 -2.87 -44.11
N THR B 24 -3.96 -1.93 -43.91
CA THR B 24 -2.88 -2.09 -42.91
C THR B 24 -2.50 -0.72 -42.36
N TRP B 25 -2.55 -0.56 -41.04
CA TRP B 25 -2.21 0.72 -40.42
C TRP B 25 -1.57 0.57 -39.06
N CYS B 26 -0.69 1.52 -38.72
CA CYS B 26 -0.02 1.51 -37.43
C CYS B 26 -0.79 2.34 -36.40
N ASP B 27 -1.21 1.68 -35.33
CA ASP B 27 -1.88 2.32 -34.19
C ASP B 27 -0.89 2.49 -33.00
N ALA B 28 -1.39 2.45 -31.76
CA ALA B 28 -0.54 2.49 -30.57
C ALA B 28 -0.02 1.09 -30.14
N PHE B 29 -0.88 0.08 -30.22
CA PHE B 29 -0.52 -1.32 -29.92
C PHE B 29 0.44 -1.95 -30.97
N CYS B 30 1.19 -1.11 -31.68
CA CYS B 30 1.70 -1.48 -32.99
C CYS B 30 3.17 -1.78 -33.05
N SER B 31 3.98 -1.05 -32.29
CA SER B 31 5.42 -1.21 -32.40
C SER B 31 5.87 -2.62 -31.92
N ILE B 32 5.08 -3.25 -31.05
CA ILE B 32 5.35 -4.64 -30.66
C ILE B 32 4.75 -5.59 -31.69
N ARG B 33 3.41 -5.71 -31.67
CA ARG B 33 2.71 -6.82 -32.32
C ARG B 33 2.21 -6.48 -33.76
N GLY B 34 2.44 -5.24 -34.20
CA GLY B 34 2.47 -4.88 -35.62
C GLY B 34 1.36 -3.93 -36.05
N LYS B 35 1.32 -3.62 -37.33
CA LYS B 35 0.17 -2.90 -37.92
C LYS B 35 -1.11 -3.73 -37.70
N ARG B 36 -2.25 -3.07 -37.53
CA ARG B 36 -3.52 -3.79 -37.54
C ARG B 36 -3.77 -4.11 -39.00
N VAL B 37 -4.42 -5.26 -39.26
CA VAL B 37 -4.90 -5.58 -40.62
C VAL B 37 -6.34 -6.12 -40.60
N ASP B 38 -7.26 -5.45 -41.29
CA ASP B 38 -8.59 -6.03 -41.57
C ASP B 38 -8.62 -6.44 -43.03
N LEU B 39 -8.73 -7.74 -43.26
CA LEU B 39 -8.86 -8.29 -44.61
C LEU B 39 -10.32 -8.40 -44.97
N GLY B 40 -10.60 -8.61 -46.24
CA GLY B 40 -11.96 -8.84 -46.67
C GLY B 40 -12.18 -8.66 -48.15
N CYS B 41 -13.45 -8.69 -48.54
CA CYS B 41 -13.87 -8.42 -49.92
C CYS B 41 -14.87 -7.26 -49.99
N ALA B 42 -15.04 -6.72 -51.19
CA ALA B 42 -15.90 -5.56 -51.37
C ALA B 42 -16.25 -5.35 -52.84
N ALA B 43 -17.22 -4.47 -53.07
CA ALA B 43 -17.68 -4.15 -54.42
C ALA B 43 -16.57 -3.51 -55.27
N THR B 44 -15.92 -2.49 -54.70
CA THR B 44 -14.82 -1.77 -55.37
C THR B 44 -13.69 -1.48 -54.38
N CYS B 45 -12.54 -1.02 -54.89
CA CYS B 45 -11.40 -0.69 -54.02
C CYS B 45 -11.77 0.50 -53.12
N PRO B 46 -11.44 0.42 -51.83
CA PRO B 46 -11.95 1.39 -50.87
C PRO B 46 -11.27 2.75 -50.95
N THR B 47 -11.87 3.72 -50.26
CA THR B 47 -11.26 5.03 -50.05
C THR B 47 -10.04 4.87 -49.11
N VAL B 48 -9.10 5.81 -49.21
CA VAL B 48 -7.85 5.76 -48.45
C VAL B 48 -7.77 6.92 -47.40
N LYS B 49 -7.75 6.56 -46.12
CA LYS B 49 -7.42 7.52 -45.06
C LYS B 49 -5.92 7.81 -45.11
N THR B 50 -5.51 8.99 -44.65
CA THR B 50 -4.10 9.42 -44.82
C THR B 50 -3.17 8.68 -43.86
N GLY B 51 -2.18 8.00 -44.43
CA GLY B 51 -1.30 7.12 -43.67
C GLY B 51 -1.72 5.67 -43.75
N VAL B 52 -3.03 5.42 -43.77
CA VAL B 52 -3.54 4.07 -44.04
C VAL B 52 -2.90 3.57 -45.33
N ASP B 53 -2.64 2.27 -45.33
CA ASP B 53 -1.84 1.58 -46.35
C ASP B 53 -2.72 0.45 -46.93
N ILE B 54 -2.85 0.42 -48.26
CA ILE B 54 -3.82 -0.47 -48.92
C ILE B 54 -3.16 -1.51 -49.87
N GLN B 55 -3.91 -2.58 -50.20
CA GLN B 55 -3.52 -3.51 -51.28
C GLN B 55 -4.74 -4.29 -51.85
N CYS B 56 -5.19 -3.87 -53.04
CA CYS B 56 -6.32 -4.52 -53.73
C CYS B 56 -5.78 -5.58 -54.68
N CYS B 57 -6.65 -6.50 -55.11
CA CYS B 57 -6.30 -7.54 -56.09
C CYS B 57 -7.49 -8.40 -56.57
N SER B 58 -7.25 -9.33 -57.51
CA SER B 58 -8.33 -10.06 -58.21
C SER B 58 -8.11 -11.55 -58.52
N THR B 59 -7.09 -12.16 -57.91
CA THR B 59 -6.88 -13.60 -57.96
C THR B 59 -7.65 -14.28 -56.81
N ASP B 60 -8.37 -15.36 -57.11
CA ASP B 60 -9.10 -16.11 -56.08
C ASP B 60 -8.14 -16.40 -54.92
N ASN B 61 -8.34 -15.72 -53.80
CA ASN B 61 -7.41 -15.76 -52.68
C ASN B 61 -6.06 -15.19 -53.05
N CYS B 62 -5.99 -13.86 -53.02
CA CYS B 62 -4.77 -13.10 -53.37
C CYS B 62 -4.31 -12.11 -52.28
N ASN B 63 -4.97 -12.14 -51.12
CA ASN B 63 -4.75 -11.12 -50.10
C ASN B 63 -4.40 -11.68 -48.72
N PRO B 64 -3.73 -12.83 -48.67
CA PRO B 64 -3.58 -13.59 -47.44
C PRO B 64 -2.77 -12.89 -46.33
N PHE B 65 -2.59 -13.59 -45.22
CA PHE B 65 -1.82 -13.06 -44.10
C PHE B 65 -0.32 -13.03 -44.38
N PRO B 66 0.33 -11.90 -44.07
CA PRO B 66 1.79 -11.83 -43.98
C PRO B 66 2.34 -12.45 -42.66
N THR B 67 3.67 -12.54 -42.45
CA THR B 67 4.23 -13.03 -41.16
C THR B 67 4.88 -11.89 -40.27
N ARG B 68 5.29 -10.78 -40.92
CA ARG B 68 5.65 -9.53 -40.23
C ARG B 68 6.03 -8.46 -41.24
N LEU C 1 5.78 -31.20 -25.07
CA LEU C 1 5.96 -29.91 -24.37
C LEU C 1 4.66 -29.12 -24.39
N ASP C 2 4.22 -28.67 -23.21
CA ASP C 2 2.98 -27.88 -23.08
C ASP C 2 3.17 -26.60 -22.27
N ARG C 3 2.22 -25.66 -22.43
CA ARG C 3 2.27 -24.34 -21.79
C ARG C 3 2.82 -24.42 -20.37
N ALA C 4 2.21 -25.29 -19.57
CA ALA C 4 2.57 -25.49 -18.17
C ALA C 4 4.05 -25.76 -18.05
N ASP C 5 4.51 -26.76 -18.79
CA ASP C 5 5.90 -27.18 -18.74
C ASP C 5 6.87 -26.08 -19.15
N ILE C 6 6.38 -25.12 -19.94
CA ILE C 6 7.22 -24.01 -20.38
C ILE C 6 7.38 -22.99 -19.26
N LEU C 7 6.29 -22.69 -18.57
CA LEU C 7 6.35 -21.80 -17.42
C LEU C 7 7.14 -22.46 -16.27
N TYR C 8 7.15 -23.78 -16.21
CA TYR C 8 7.94 -24.54 -15.21
C TYR C 8 9.42 -24.36 -15.48
N ASN C 9 9.75 -24.37 -16.77
CA ASN C 9 11.08 -24.08 -17.26
C ASN C 9 11.51 -22.71 -16.70
N ILE C 10 10.77 -21.69 -17.11
CA ILE C 10 11.17 -20.30 -16.89
C ILE C 10 11.18 -19.92 -15.41
N ARG C 11 10.08 -20.22 -14.73
CA ARG C 11 9.94 -19.88 -13.30
C ARG C 11 11.07 -20.48 -12.44
N GLN C 12 11.42 -21.75 -12.71
CA GLN C 12 12.30 -22.51 -11.84
C GLN C 12 13.79 -22.29 -12.08
N THR C 13 14.17 -22.03 -13.33
CA THR C 13 15.59 -21.93 -13.70
C THR C 13 16.06 -20.51 -14.13
N SER C 14 15.12 -19.57 -14.35
CA SER C 14 15.47 -18.16 -14.58
C SER C 14 15.43 -17.36 -13.29
N ARG C 15 16.29 -16.36 -13.25
CA ARG C 15 16.68 -15.71 -12.00
C ARG C 15 16.38 -14.21 -12.06
N PRO C 16 15.32 -13.77 -11.36
CA PRO C 16 14.87 -12.37 -11.36
C PRO C 16 15.95 -11.31 -11.21
N ASP C 17 16.90 -11.48 -10.31
CA ASP C 17 18.07 -10.61 -10.38
C ASP C 17 19.34 -11.38 -10.67
N VAL C 18 19.47 -11.65 -11.96
CA VAL C 18 20.72 -11.97 -12.62
C VAL C 18 20.53 -11.40 -14.02
N ILE C 19 21.11 -10.24 -14.24
CA ILE C 19 21.03 -9.60 -15.54
C ILE C 19 21.57 -10.53 -16.63
N PRO C 20 20.73 -10.89 -17.60
CA PRO C 20 21.13 -11.79 -18.70
C PRO C 20 22.33 -11.33 -19.52
N THR C 21 23.51 -11.66 -19.01
CA THR C 21 24.77 -11.30 -19.66
C THR C 21 25.08 -12.31 -20.75
N GLN C 22 25.53 -11.77 -21.88
CA GLN C 22 26.29 -12.53 -22.85
C GLN C 22 27.64 -11.81 -22.93
N ARG C 23 28.65 -12.40 -22.30
CA ARG C 23 29.95 -11.78 -22.00
C ARG C 23 30.32 -10.49 -22.78
N ASP C 24 30.48 -9.38 -22.05
CA ASP C 24 30.93 -8.07 -22.60
C ASP C 24 29.93 -7.49 -23.62
N ARG C 25 28.85 -8.24 -23.85
CA ARG C 25 27.78 -7.84 -24.76
C ARG C 25 26.60 -7.47 -23.84
N PRO C 26 26.10 -6.25 -23.97
CA PRO C 26 25.00 -5.79 -23.12
C PRO C 26 23.72 -6.57 -23.39
N VAL C 27 22.67 -6.15 -22.70
CA VAL C 27 21.36 -6.66 -22.95
C VAL C 27 20.67 -5.62 -23.78
N ALA C 28 20.27 -6.03 -24.97
CA ALA C 28 19.67 -5.13 -25.93
C ALA C 28 18.26 -4.78 -25.50
N VAL C 29 18.10 -3.63 -24.85
CA VAL C 29 16.77 -3.19 -24.46
C VAL C 29 16.24 -2.17 -25.45
N SER C 30 15.03 -2.42 -25.93
CA SER C 30 14.34 -1.52 -26.85
C SER C 30 13.13 -0.93 -26.14
N VAL C 31 13.19 0.36 -25.89
CA VAL C 31 12.17 1.05 -25.13
C VAL C 31 11.36 1.99 -25.99
N SER C 32 10.17 2.29 -25.51
CA SER C 32 9.34 3.34 -26.08
C SER C 32 8.27 3.76 -25.10
N LEU C 33 7.95 5.04 -25.10
CA LEU C 33 6.78 5.55 -24.40
C LEU C 33 5.72 5.85 -25.44
N LYS C 34 4.58 5.15 -25.33
CA LYS C 34 3.41 5.42 -26.15
C LYS C 34 2.42 6.15 -25.24
N PHE C 35 2.22 7.44 -25.52
CA PHE C 35 1.48 8.32 -24.63
C PHE C 35 -0.02 8.14 -24.85
N ILE C 36 -0.73 7.85 -23.77
CA ILE C 36 -2.14 7.49 -23.81
C ILE C 36 -3.05 8.66 -23.47
N ASN C 37 -2.79 9.29 -22.34
CA ASN C 37 -3.70 10.30 -21.85
C ASN C 37 -3.07 11.29 -20.88
N ILE C 38 -3.19 12.57 -21.23
CA ILE C 38 -2.63 13.62 -20.42
C ILE C 38 -3.73 14.14 -19.51
N LEU C 39 -3.52 14.02 -18.20
CA LEU C 39 -4.59 14.27 -17.22
C LEU C 39 -4.61 15.66 -16.61
N GLU C 40 -3.63 15.91 -15.75
CA GLU C 40 -3.53 17.11 -14.95
C GLU C 40 -2.39 17.92 -15.53
N VAL C 41 -2.60 19.19 -15.73
CA VAL C 41 -1.48 20.03 -16.11
C VAL C 41 -1.53 21.31 -15.31
N ASN C 42 -0.36 21.76 -14.89
CA ASN C 42 -0.24 22.95 -14.06
C ASN C 42 0.94 23.77 -14.56
N GLU C 43 0.65 24.66 -15.49
CA GLU C 43 1.63 25.58 -16.06
C GLU C 43 2.47 26.27 -14.97
N ILE C 44 1.85 26.53 -13.82
CA ILE C 44 2.48 27.32 -12.76
C ILE C 44 3.55 26.50 -12.01
N THR C 45 3.27 25.21 -11.79
CA THR C 45 4.15 24.31 -11.03
C THR C 45 4.98 23.37 -11.91
N ASN C 46 4.87 23.56 -13.23
CA ASN C 46 5.52 22.68 -14.18
C ASN C 46 5.39 21.22 -13.76
N GLU C 47 4.13 20.83 -13.54
CA GLU C 47 3.75 19.48 -13.14
C GLU C 47 2.73 18.89 -14.12
N VAL C 48 3.02 17.70 -14.59
CA VAL C 48 2.13 17.00 -15.49
C VAL C 48 1.76 15.67 -14.87
N ASP C 49 0.50 15.30 -15.03
CA ASP C 49 0.01 13.97 -14.72
C ASP C 49 -0.32 13.33 -16.07
N VAL C 50 0.28 12.18 -16.31
CA VAL C 50 0.23 11.54 -17.61
C VAL C 50 0.08 10.03 -17.46
N VAL C 51 -0.32 9.38 -18.53
CA VAL C 51 -0.51 7.95 -18.55
C VAL C 51 -0.01 7.40 -19.86
N PHE C 52 0.83 6.40 -19.81
CA PHE C 52 1.53 5.91 -20.99
C PHE C 52 1.91 4.43 -20.86
N TRP C 53 2.16 3.78 -21.98
CA TRP C 53 2.58 2.39 -21.96
C TRP C 53 4.09 2.35 -22.19
N GLN C 54 4.85 1.97 -21.16
CA GLN C 54 6.32 1.94 -21.23
C GLN C 54 6.75 0.71 -22.00
N GLN C 55 6.45 0.74 -23.30
CA GLN C 55 6.72 -0.35 -24.22
C GLN C 55 8.17 -0.78 -24.11
N THR C 56 8.38 -1.82 -23.33
CA THR C 56 9.73 -2.28 -23.05
C THR C 56 9.93 -3.67 -23.66
N THR C 57 11.17 -3.99 -23.99
CA THR C 57 11.46 -5.15 -24.79
C THR C 57 12.91 -5.57 -24.67
N TRP C 58 13.19 -6.87 -24.66
CA TRP C 58 14.58 -7.33 -24.62
C TRP C 58 14.84 -8.78 -25.02
N SER C 59 16.11 -9.14 -24.99
CA SER C 59 16.59 -10.45 -25.37
C SER C 59 17.18 -11.20 -24.18
N ASP C 60 16.40 -12.11 -23.62
CA ASP C 60 16.88 -13.05 -22.63
C ASP C 60 16.92 -14.42 -23.29
N ARG C 61 18.11 -14.88 -23.64
CA ARG C 61 18.24 -16.07 -24.47
C ARG C 61 18.21 -17.39 -23.68
N THR C 62 18.47 -17.33 -22.37
CA THR C 62 18.48 -18.55 -21.56
C THR C 62 17.08 -19.20 -21.50
N LEU C 63 16.05 -18.38 -21.45
CA LEU C 63 14.67 -18.84 -21.39
C LEU C 63 14.32 -19.76 -22.54
N ALA C 64 14.78 -19.34 -23.71
CA ALA C 64 14.42 -19.94 -24.99
C ALA C 64 14.13 -21.46 -24.92
N TRP C 65 13.25 -21.91 -25.80
CA TRP C 65 12.88 -23.31 -25.90
C TRP C 65 12.59 -23.78 -27.35
N ASN C 66 12.39 -25.09 -27.50
CA ASN C 66 12.09 -25.72 -28.79
C ASN C 66 10.59 -25.65 -29.10
N SER C 67 10.20 -24.71 -29.97
CA SER C 67 8.79 -24.41 -30.26
C SER C 67 8.20 -25.14 -31.47
N SER C 68 8.99 -26.00 -32.11
CA SER C 68 8.61 -26.62 -33.39
C SER C 68 7.19 -27.20 -33.36
N HIS C 69 6.96 -28.15 -32.46
CA HIS C 69 5.63 -28.77 -32.27
C HIS C 69 5.06 -28.36 -30.91
N SER C 70 5.17 -27.06 -30.63
CA SER C 70 4.84 -26.49 -29.32
C SER C 70 4.50 -24.99 -29.43
N PRO C 71 3.95 -24.40 -28.37
CA PRO C 71 3.40 -23.03 -28.45
C PRO C 71 4.47 -21.98 -28.63
N ASP C 72 4.27 -21.06 -29.58
CA ASP C 72 5.28 -20.06 -29.94
C ASP C 72 5.44 -18.99 -28.85
N GLN C 73 4.32 -18.60 -28.24
CA GLN C 73 4.29 -17.52 -27.24
C GLN C 73 3.54 -17.94 -25.96
N VAL C 74 4.08 -17.57 -24.80
CA VAL C 74 3.40 -17.73 -23.50
C VAL C 74 3.50 -16.42 -22.72
N SER C 75 2.63 -16.25 -21.73
CA SER C 75 2.66 -15.03 -20.91
C SER C 75 3.11 -15.32 -19.49
N VAL C 76 4.22 -14.72 -19.11
CA VAL C 76 4.86 -14.96 -17.84
C VAL C 76 4.59 -13.78 -16.92
N PRO C 77 4.68 -13.98 -15.60
CA PRO C 77 4.68 -12.84 -14.67
C PRO C 77 6.02 -12.14 -14.52
N ILE C 78 5.99 -10.87 -14.14
CA ILE C 78 7.19 -10.04 -13.98
C ILE C 78 8.05 -10.55 -12.83
N SER C 79 7.38 -11.06 -11.81
CA SER C 79 8.04 -11.52 -10.59
C SER C 79 9.06 -12.65 -10.84
N SER C 80 8.84 -13.42 -11.89
CA SER C 80 9.64 -14.62 -12.13
C SER C 80 10.72 -14.43 -13.22
N LEU C 81 10.78 -13.24 -13.82
CA LEU C 81 11.79 -12.94 -14.84
C LEU C 81 12.71 -11.81 -14.43
N TRP C 82 13.80 -11.65 -15.19
CA TRP C 82 14.63 -10.47 -15.05
C TRP C 82 13.99 -9.29 -15.78
N VAL C 83 14.17 -8.11 -15.22
CA VAL C 83 13.55 -6.89 -15.71
C VAL C 83 14.57 -5.74 -15.73
N PRO C 84 14.42 -4.80 -16.66
CA PRO C 84 15.32 -3.65 -16.67
C PRO C 84 15.03 -2.81 -15.47
N ASP C 85 16.09 -2.28 -14.87
CA ASP C 85 15.96 -1.36 -13.74
C ASP C 85 15.78 0.06 -14.24
N LEU C 86 14.86 0.23 -15.18
CA LEU C 86 14.66 1.52 -15.81
C LEU C 86 14.00 2.47 -14.83
N ALA C 87 14.22 3.75 -15.05
CA ALA C 87 13.77 4.77 -14.11
C ALA C 87 13.65 6.12 -14.77
N ALA C 88 12.52 6.78 -14.55
CA ALA C 88 12.34 8.13 -15.05
C ALA C 88 13.10 9.08 -14.15
N TYR C 89 14.17 9.69 -14.68
CA TYR C 89 15.03 10.58 -13.89
C TYR C 89 14.25 11.76 -13.32
N ASN C 90 13.43 12.38 -14.15
CA ASN C 90 12.64 13.52 -13.71
C ASN C 90 11.25 13.12 -13.24
N ALA C 91 11.22 12.06 -12.43
CA ALA C 91 9.98 11.56 -11.88
C ALA C 91 9.64 12.27 -10.59
N ILE C 92 8.36 12.53 -10.41
CA ILE C 92 7.84 13.10 -9.18
C ILE C 92 7.28 11.96 -8.34
N SER C 93 6.39 11.16 -8.93
CA SER C 93 5.65 10.15 -8.16
C SER C 93 6.03 8.75 -8.59
N LYS C 94 5.67 7.77 -7.77
CA LYS C 94 5.99 6.37 -8.07
C LYS C 94 5.17 5.86 -9.27
N PRO C 95 5.49 4.68 -9.78
CA PRO C 95 4.69 4.08 -10.86
C PRO C 95 3.39 3.48 -10.37
N GLU C 96 2.29 3.99 -10.92
CA GLU C 96 0.97 3.45 -10.67
C GLU C 96 0.66 2.48 -11.82
N VAL C 97 0.83 1.18 -11.54
CA VAL C 97 0.63 0.15 -12.56
C VAL C 97 -0.86 -0.23 -12.67
N LEU C 98 -1.39 -0.16 -13.90
CA LEU C 98 -2.80 -0.43 -14.19
C LEU C 98 -3.10 -1.85 -14.64
N THR C 99 -2.33 -2.33 -15.62
CA THR C 99 -2.52 -3.68 -16.15
C THR C 99 -1.90 -4.68 -15.18
N PRO C 100 -2.16 -5.96 -15.41
CA PRO C 100 -1.47 -6.98 -14.63
C PRO C 100 0.01 -6.93 -14.95
N GLN C 101 0.83 -7.18 -13.94
CA GLN C 101 2.27 -7.25 -14.15
C GLN C 101 2.60 -8.61 -14.77
N LEU C 102 2.54 -8.66 -16.09
CA LEU C 102 2.91 -9.83 -16.88
C LEU C 102 3.68 -9.39 -18.11
N ALA C 103 4.61 -10.21 -18.55
CA ALA C 103 5.26 -9.99 -19.84
C ALA C 103 5.11 -11.20 -20.74
N ARG C 104 5.06 -10.94 -22.05
CA ARG C 104 5.01 -11.98 -23.08
C ARG C 104 6.43 -12.46 -23.37
N VAL C 105 6.59 -13.76 -23.54
CA VAL C 105 7.91 -14.31 -23.82
C VAL C 105 7.83 -15.28 -24.98
N VAL C 106 8.58 -14.99 -26.03
CA VAL C 106 8.63 -15.81 -27.23
C VAL C 106 9.63 -16.94 -27.04
N SER C 107 9.52 -17.99 -27.84
CA SER C 107 10.45 -19.12 -27.77
C SER C 107 11.90 -18.74 -28.08
N ASP C 108 12.10 -17.73 -28.92
CA ASP C 108 13.45 -17.34 -29.34
C ASP C 108 14.21 -16.52 -28.30
N GLY C 109 13.57 -16.29 -27.15
CA GLY C 109 14.17 -15.53 -26.06
C GLY C 109 13.83 -14.05 -26.04
N GLU C 110 12.81 -13.65 -26.80
CA GLU C 110 12.37 -12.25 -26.85
C GLU C 110 11.34 -12.00 -25.76
N VAL C 111 11.39 -10.82 -25.14
CA VAL C 111 10.60 -10.55 -23.95
C VAL C 111 9.89 -9.21 -24.06
N LEU C 112 8.58 -9.22 -23.87
CA LEU C 112 7.75 -8.07 -24.12
C LEU C 112 7.03 -7.66 -22.85
N TYR C 113 7.61 -6.73 -22.11
CA TYR C 113 6.91 -6.10 -20.99
C TYR C 113 6.52 -4.71 -21.40
N MET C 114 5.23 -4.48 -21.48
CA MET C 114 4.72 -3.16 -21.72
C MET C 114 3.61 -3.00 -20.70
N PRO C 115 3.91 -2.32 -19.59
CA PRO C 115 2.88 -1.95 -18.62
C PRO C 115 2.21 -0.63 -18.95
N SER C 116 0.99 -0.47 -18.45
CA SER C 116 0.26 0.80 -18.52
C SER C 116 0.64 1.53 -17.25
N ILE C 117 0.92 2.82 -17.34
CA ILE C 117 1.49 3.53 -16.19
C ILE C 117 0.88 4.90 -16.01
N ARG C 118 0.62 5.24 -14.75
CA ARG C 118 0.32 6.59 -14.35
C ARG C 118 1.44 7.13 -13.49
N GLN C 119 2.00 8.28 -13.87
CA GLN C 119 3.13 8.88 -13.16
C GLN C 119 3.13 10.38 -13.40
N ARG C 120 3.48 11.15 -12.37
CA ARG C 120 3.60 12.61 -12.49
C ARG C 120 5.04 12.97 -12.83
N PHE C 121 5.26 14.14 -13.40
CA PHE C 121 6.57 14.48 -13.94
C PHE C 121 6.85 15.96 -13.94
N SER C 122 8.05 16.33 -13.51
CA SER C 122 8.50 17.72 -13.61
C SER C 122 9.09 17.92 -14.99
N CYS C 123 8.48 18.81 -15.75
CA CYS C 123 8.94 19.06 -17.09
C CYS C 123 8.52 20.42 -17.58
N ASP C 124 9.06 20.81 -18.73
CA ASP C 124 8.73 22.07 -19.39
C ASP C 124 7.26 22.12 -19.82
N VAL C 125 6.42 22.69 -18.97
CA VAL C 125 5.01 22.90 -19.27
C VAL C 125 4.83 24.29 -19.85
N SER C 126 5.85 25.13 -19.74
CA SER C 126 5.77 26.47 -20.27
C SER C 126 5.28 26.45 -21.73
N GLY C 127 4.03 26.89 -21.94
CA GLY C 127 3.48 27.11 -23.27
C GLY C 127 2.38 26.18 -23.70
N VAL C 128 1.41 25.96 -22.82
CA VAL C 128 0.35 25.01 -23.07
C VAL C 128 -0.72 25.56 -23.97
N ASP C 129 -1.22 26.75 -23.62
CA ASP C 129 -2.28 27.42 -24.40
C ASP C 129 -1.68 28.20 -25.55
N THR C 130 -1.02 27.49 -26.46
CA THR C 130 -0.42 28.05 -27.66
C THR C 130 -0.76 27.19 -28.86
N GLU C 131 -0.46 27.69 -30.05
CA GLU C 131 -0.52 26.87 -31.24
C GLU C 131 0.70 25.92 -31.24
N SER C 132 1.84 26.45 -30.82
CA SER C 132 3.09 25.71 -30.78
C SER C 132 3.04 24.63 -29.73
N GLY C 133 2.41 24.95 -28.62
CA GLY C 133 2.27 24.02 -27.51
C GLY C 133 3.54 23.89 -26.68
N ALA C 134 3.36 23.33 -25.49
CA ALA C 134 4.47 23.06 -24.59
C ALA C 134 5.22 21.81 -25.02
N THR C 135 6.53 21.83 -24.84
CA THR C 135 7.37 20.71 -25.17
C THR C 135 7.88 20.16 -23.87
N CYS C 136 7.54 18.90 -23.59
CA CYS C 136 7.68 18.33 -22.26
C CYS C 136 8.73 17.21 -22.25
N ARG C 137 9.83 17.46 -21.58
CA ARG C 137 10.94 16.52 -21.55
C ARG C 137 10.74 15.48 -20.45
N ILE C 138 10.88 14.20 -20.80
CA ILE C 138 10.93 13.13 -19.82
C ILE C 138 12.16 12.27 -20.07
N LYS C 139 13.15 12.35 -19.19
CA LYS C 139 14.32 11.49 -19.30
C LYS C 139 14.08 10.20 -18.53
N ILE C 140 14.53 9.10 -19.11
CA ILE C 140 14.45 7.81 -18.46
C ILE C 140 15.60 6.96 -18.90
N GLY C 141 16.13 6.19 -17.96
CA GLY C 141 17.25 5.31 -18.20
C GLY C 141 17.53 4.45 -16.99
N SER C 142 18.34 3.42 -17.18
CA SER C 142 18.70 2.56 -16.08
C SER C 142 19.26 3.39 -14.95
N TRP C 143 18.96 3.00 -13.72
CA TRP C 143 19.49 3.69 -12.57
C TRP C 143 20.87 3.18 -12.18
N THR C 144 21.04 1.87 -12.22
CA THR C 144 22.25 1.22 -11.72
C THR C 144 23.15 0.76 -12.82
N HIS C 145 22.55 0.17 -13.84
CA HIS C 145 23.30 -0.39 -14.95
C HIS C 145 23.66 0.65 -16.01
N HIS C 146 24.90 0.56 -16.50
CA HIS C 146 25.40 1.47 -17.54
C HIS C 146 25.41 0.76 -18.91
N SER C 147 25.99 1.40 -19.92
CA SER C 147 25.89 0.93 -21.32
C SER C 147 26.23 -0.52 -21.59
N ARG C 148 27.45 -0.92 -21.25
CA ARG C 148 27.97 -2.25 -21.61
C ARG C 148 27.32 -3.39 -20.80
N GLU C 149 26.42 -3.03 -19.89
CA GLU C 149 25.55 -3.98 -19.20
C GLU C 149 24.16 -3.94 -19.80
N ILE C 150 23.64 -2.74 -20.01
CA ILE C 150 22.33 -2.52 -20.62
C ILE C 150 22.40 -1.37 -21.61
N SER C 151 21.92 -1.59 -22.83
CA SER C 151 21.85 -0.51 -23.80
C SER C 151 20.40 -0.23 -24.11
N VAL C 152 20.02 1.04 -24.06
CA VAL C 152 18.67 1.45 -24.36
C VAL C 152 18.62 2.19 -25.70
N ASP C 153 17.70 1.77 -26.57
CA ASP C 153 17.54 2.38 -27.89
C ASP C 153 16.05 2.63 -28.14
N PRO C 154 15.66 3.86 -28.48
CA PRO C 154 14.29 4.08 -28.96
C PRO C 154 14.29 3.63 -30.43
N THR C 155 13.53 2.63 -30.85
CA THR C 155 13.65 2.21 -32.27
C THR C 155 12.36 2.51 -33.07
N THR C 156 12.15 3.82 -33.31
CA THR C 156 10.91 4.37 -33.90
C THR C 156 10.90 4.29 -35.43
N ASN C 158 9.47 5.89 -37.85
CA ASN C 158 8.42 6.88 -37.64
C ASN C 158 7.12 6.20 -37.21
N SER C 159 6.36 6.90 -36.49
CA SER C 159 5.02 6.46 -36.09
C SER C 159 4.07 7.67 -35.88
N ASP C 160 2.80 7.48 -36.24
CA ASP C 160 1.75 8.44 -35.85
C ASP C 160 1.26 8.03 -34.47
N ASP C 161 1.97 8.49 -33.44
CA ASP C 161 1.76 8.03 -32.05
C ASP C 161 0.35 8.38 -31.52
N SER C 162 -0.23 9.44 -32.09
CA SER C 162 -1.58 9.93 -31.77
C SER C 162 -2.61 9.67 -32.89
N GLU C 163 -2.72 8.41 -33.26
CA GLU C 163 -3.96 7.86 -33.82
C GLU C 163 -4.70 7.18 -32.67
N TYR C 164 -3.99 6.70 -31.65
CA TYR C 164 -4.68 6.17 -30.45
C TYR C 164 -4.84 7.21 -29.36
N PHE C 165 -3.79 7.94 -29.01
CA PHE C 165 -3.85 8.86 -27.86
C PHE C 165 -5.28 9.36 -27.67
N SER C 166 -5.82 9.13 -26.47
CA SER C 166 -7.23 9.35 -26.16
C SER C 166 -7.87 10.55 -26.88
N GLN C 167 -8.94 10.26 -27.61
CA GLN C 167 -9.70 11.32 -28.29
C GLN C 167 -10.37 12.22 -27.24
N TYR C 168 -10.35 11.76 -25.99
CA TYR C 168 -11.22 12.27 -24.95
C TYR C 168 -10.43 13.00 -23.85
N SER C 169 -9.19 13.36 -24.12
CA SER C 169 -8.41 14.15 -23.16
C SER C 169 -8.70 15.65 -23.29
N ARG C 170 -8.39 16.42 -22.23
CA ARG C 170 -8.48 17.89 -22.27
C ARG C 170 -7.43 18.45 -23.25
N PHE C 171 -6.45 17.61 -23.60
CA PHE C 171 -5.33 18.00 -24.47
C PHE C 171 -5.21 17.09 -25.68
N GLU C 172 -4.47 17.55 -26.69
CA GLU C 172 -4.17 16.75 -27.88
C GLU C 172 -2.67 16.78 -28.20
N ILE C 173 -2.15 15.65 -28.70
CA ILE C 173 -0.72 15.49 -28.96
C ILE C 173 -0.34 15.98 -30.35
N LEU C 174 0.81 16.64 -30.43
CA LEU C 174 1.30 17.17 -31.69
C LEU C 174 2.38 16.29 -32.30
N ASP C 175 3.45 16.02 -31.55
CA ASP C 175 4.61 15.27 -32.06
C ASP C 175 5.48 14.71 -30.92
N VAL C 176 5.79 13.42 -30.99
CA VAL C 176 6.68 12.77 -30.01
C VAL C 176 7.97 12.30 -30.67
N THR C 177 9.10 12.72 -30.12
CA THR C 177 10.40 12.33 -30.63
C THR C 177 11.23 11.69 -29.53
N GLN C 178 11.51 10.40 -29.70
CA GLN C 178 12.41 9.72 -28.80
C GLN C 178 13.77 9.88 -29.42
N LYS C 179 14.69 10.49 -28.67
CA LYS C 179 16.05 10.73 -29.14
C LYS C 179 17.02 10.33 -28.04
N LYS C 180 17.78 9.27 -28.27
CA LYS C 180 18.69 8.74 -27.26
C LYS C 180 19.85 9.70 -26.95
N ASN C 181 20.49 9.47 -25.80
CA ASN C 181 21.53 10.34 -25.27
C ASN C 181 22.55 9.53 -24.47
N SER C 182 23.75 9.39 -25.04
CA SER C 182 24.82 8.63 -24.42
C SER C 182 25.75 9.58 -23.71
N VAL C 183 26.07 9.26 -22.46
CA VAL C 183 26.77 10.18 -21.57
C VAL C 183 27.87 9.49 -20.75
N THR C 184 29.11 9.99 -20.81
CA THR C 184 30.25 9.34 -20.15
C THR C 184 30.52 9.92 -18.79
N TYR C 185 30.84 9.04 -17.84
CA TYR C 185 31.21 9.46 -16.47
C TYR C 185 32.63 9.02 -16.15
N SER C 186 33.23 9.72 -15.17
CA SER C 186 34.68 9.74 -14.96
C SER C 186 35.25 8.64 -14.07
N CYS C 187 34.97 7.40 -14.42
CA CYS C 187 35.50 6.28 -13.68
C CYS C 187 35.55 5.03 -14.53
N CYS C 188 34.38 4.72 -15.09
CA CYS C 188 34.02 3.38 -15.48
C CYS C 188 34.04 3.28 -17.00
N PRO C 189 34.32 2.09 -17.51
CA PRO C 189 34.53 1.89 -18.94
C PRO C 189 33.88 2.95 -19.82
N GLU C 190 32.55 2.96 -19.89
CA GLU C 190 31.84 3.78 -20.87
C GLU C 190 30.84 4.75 -20.24
N ALA C 191 29.55 4.57 -20.52
CA ALA C 191 28.58 5.66 -20.42
C ALA C 191 27.18 5.22 -19.99
N TYR C 192 26.64 5.83 -18.94
CA TYR C 192 25.30 5.50 -18.46
C TYR C 192 24.22 5.91 -19.48
N GLU C 193 23.86 4.98 -20.38
CA GLU C 193 22.93 5.30 -21.46
C GLU C 193 21.54 5.65 -20.93
N ASP C 194 20.86 6.57 -21.61
CA ASP C 194 19.52 7.00 -21.22
C ASP C 194 18.71 7.68 -22.33
N VAL C 195 17.43 7.30 -22.44
CA VAL C 195 16.51 7.85 -23.44
C VAL C 195 15.80 9.11 -22.97
N GLU C 196 15.68 10.07 -23.87
CA GLU C 196 14.99 11.33 -23.59
C GLU C 196 13.83 11.44 -24.55
N VAL C 197 12.62 11.27 -24.03
CA VAL C 197 11.42 11.42 -24.85
C VAL C 197 10.92 12.85 -24.83
N SER C 198 10.51 13.34 -26.00
CA SER C 198 10.10 14.73 -26.15
C SER C 198 8.63 14.79 -26.53
N LEU C 199 7.80 15.13 -25.55
CA LEU C 199 6.36 15.20 -25.71
C LEU C 199 5.90 16.63 -26.01
N ASN C 200 5.70 16.93 -27.28
CA ASN C 200 5.07 18.18 -27.66
C ASN C 200 3.56 18.03 -27.62
N PHE C 201 2.89 18.92 -26.90
CA PHE C 201 1.43 18.89 -26.75
C PHE C 201 0.81 20.22 -26.38
N ARG C 202 -0.52 20.27 -26.41
CA ARG C 202 -1.24 21.52 -26.22
C ARG C 202 -2.69 21.30 -25.78
N LYS C 203 -3.41 22.40 -25.63
CA LYS C 203 -4.81 22.37 -25.25
C LYS C 203 -5.73 22.39 -26.47
N LYS C 204 -6.78 21.57 -26.38
CA LYS C 204 -7.87 21.52 -27.36
C LYS C 204 -8.67 22.83 -27.29
N GLY C 205 -9.78 22.88 -28.02
CA GLY C 205 -10.70 24.01 -27.95
C GLY C 205 -11.95 23.70 -27.14
N ILE D 1 45.54 15.38 -36.28
CA ILE D 1 45.95 14.73 -35.00
C ILE D 1 44.90 13.71 -34.52
N ARG D 2 45.35 12.49 -34.21
CA ARG D 2 44.48 11.43 -33.71
C ARG D 2 44.22 11.63 -32.21
N CYS D 3 42.95 11.82 -31.86
CA CYS D 3 42.55 12.00 -30.46
C CYS D 3 41.44 11.06 -30.00
N PHE D 4 41.46 10.74 -28.72
CA PHE D 4 40.48 9.82 -28.12
C PHE D 4 39.12 10.46 -28.07
N ILE D 5 38.18 9.96 -28.85
CA ILE D 5 36.82 10.52 -28.87
C ILE D 5 35.88 9.75 -27.94
N THR D 6 34.87 10.48 -27.44
CA THR D 6 33.84 9.96 -26.52
C THR D 6 32.49 9.93 -27.23
N PRO D 7 31.62 8.97 -26.90
CA PRO D 7 31.77 8.05 -25.77
C PRO D 7 32.45 6.73 -26.15
N ASP D 8 33.23 6.76 -27.21
CA ASP D 8 33.94 5.59 -27.66
C ASP D 8 35.28 5.49 -26.90
N ILE D 9 35.75 4.27 -26.75
CA ILE D 9 36.98 3.97 -26.01
C ILE D 9 38.19 4.39 -26.83
N THR D 10 37.98 4.48 -28.15
CA THR D 10 39.05 4.37 -29.13
C THR D 10 39.46 5.71 -29.77
N SER D 11 40.58 5.68 -30.49
CA SER D 11 41.15 6.88 -31.10
C SER D 11 40.72 7.01 -32.57
N LYS D 12 40.54 8.24 -33.00
CA LYS D 12 39.98 8.54 -34.32
C LYS D 12 40.74 9.64 -35.04
N ASP D 13 40.56 9.70 -36.34
CA ASP D 13 41.42 10.50 -37.21
C ASP D 13 40.87 11.89 -37.44
N CYS D 14 41.45 12.87 -36.77
CA CYS D 14 41.18 14.25 -37.07
C CYS D 14 42.38 14.75 -37.80
N PRO D 15 42.30 14.87 -39.13
CA PRO D 15 43.26 15.73 -39.84
C PRO D 15 43.06 17.14 -39.30
N ASN D 16 44.13 17.64 -38.71
CA ASN D 16 44.17 18.90 -37.97
C ASN D 16 42.85 19.60 -37.58
N GLY D 17 42.13 18.93 -36.68
CA GLY D 17 41.48 19.62 -35.59
C GLY D 17 42.67 19.71 -34.63
N HIS D 18 43.19 20.90 -34.38
CA HIS D 18 44.54 21.02 -33.80
C HIS D 18 44.71 20.57 -32.34
N VAL D 19 43.63 20.20 -31.65
CA VAL D 19 43.67 19.90 -30.21
C VAL D 19 42.93 18.64 -29.81
N CYS D 20 43.52 17.88 -28.89
CA CYS D 20 42.78 16.89 -28.09
C CYS D 20 42.38 17.57 -26.77
N TYR D 21 41.10 17.44 -26.40
CA TYR D 21 40.57 18.11 -25.21
C TYR D 21 39.94 17.16 -24.18
N THR D 22 39.95 17.60 -22.93
CA THR D 22 39.41 16.84 -21.80
C THR D 22 38.57 17.74 -20.86
N LYS D 23 37.29 17.91 -21.21
CA LYS D 23 36.32 18.57 -20.34
C LYS D 23 36.10 17.64 -19.14
N THR D 24 36.00 18.22 -17.94
CA THR D 24 35.65 17.48 -16.72
C THR D 24 34.90 18.40 -15.78
N TRP D 25 33.70 17.98 -15.37
CA TRP D 25 32.88 18.78 -14.48
C TRP D 25 32.05 17.95 -13.50
N CYS D 26 31.80 18.50 -12.32
CA CYS D 26 31.01 17.83 -11.32
C CYS D 26 29.53 18.23 -11.40
N ASP D 27 28.67 17.22 -11.63
CA ASP D 27 27.21 17.37 -11.67
C ASP D 27 26.55 16.90 -10.36
N ALA D 28 25.31 16.40 -10.45
CA ALA D 28 24.64 15.78 -9.31
C ALA D 28 24.99 14.28 -9.13
N PHE D 29 25.05 13.57 -10.25
CA PHE D 29 25.41 12.14 -10.31
C PHE D 29 26.88 11.88 -9.95
N CYS D 30 27.52 12.81 -9.24
CA CYS D 30 28.96 12.98 -9.32
C CYS D 30 29.73 12.51 -8.11
N SER D 31 29.18 12.70 -6.94
CA SER D 31 29.93 12.35 -5.74
C SER D 31 30.21 10.84 -5.65
N ILE D 32 29.37 10.01 -6.27
CA ILE D 32 29.64 8.57 -6.35
C ILE D 32 30.58 8.30 -7.51
N ARG D 33 30.02 8.39 -8.72
CA ARG D 33 30.61 7.80 -9.91
C ARG D 33 31.50 8.79 -10.70
N GLY D 34 31.55 10.05 -10.23
CA GLY D 34 32.63 10.98 -10.58
C GLY D 34 32.24 12.18 -11.41
N LYS D 35 33.21 13.04 -11.73
CA LYS D 35 32.99 14.12 -12.70
C LYS D 35 32.53 13.50 -14.02
N ARG D 36 31.69 14.18 -14.77
CA ARG D 36 31.42 13.80 -16.15
C ARG D 36 32.67 14.15 -16.94
N VAL D 37 33.02 13.34 -17.95
CA VAL D 37 34.08 13.70 -18.93
C VAL D 37 33.63 13.44 -20.38
N ASP D 38 33.62 14.50 -21.21
CA ASP D 38 33.46 14.36 -22.66
C ASP D 38 34.82 14.63 -23.33
N LEU D 39 35.42 13.59 -23.89
CA LEU D 39 36.68 13.70 -24.61
C LEU D 39 36.42 13.95 -26.05
N GLY D 40 37.45 14.37 -26.77
CA GLY D 40 37.34 14.57 -28.20
C GLY D 40 38.42 15.45 -28.79
N CYS D 41 38.24 15.81 -30.06
CA CYS D 41 39.14 16.72 -30.74
C CYS D 41 38.40 17.89 -31.34
N ALA D 42 39.15 18.92 -31.69
CA ALA D 42 38.56 20.18 -32.14
C ALA D 42 39.57 21.07 -32.86
N ALA D 43 39.07 22.12 -33.51
CA ALA D 43 39.90 23.07 -34.24
C ALA D 43 40.84 23.84 -33.31
N THR D 44 40.28 24.41 -32.24
CA THR D 44 41.02 25.16 -31.22
C THR D 44 40.59 24.76 -29.81
N CYS D 45 41.34 25.21 -28.80
CA CYS D 45 40.99 24.93 -27.40
C CYS D 45 39.68 25.65 -27.07
N PRO D 46 38.75 24.94 -26.43
CA PRO D 46 37.39 25.47 -26.24
C PRO D 46 37.28 26.60 -25.19
N THR D 47 36.12 27.28 -25.23
CA THR D 47 35.75 28.27 -24.22
C THR D 47 35.48 27.54 -22.90
N VAL D 48 35.65 28.26 -21.80
CA VAL D 48 35.56 27.70 -20.46
C VAL D 48 34.33 28.23 -19.70
N LYS D 49 33.38 27.34 -19.39
CA LYS D 49 32.28 27.65 -18.46
C LYS D 49 32.83 27.67 -17.02
N THR D 50 32.21 28.44 -16.16
CA THR D 50 32.77 28.72 -14.82
C THR D 50 32.63 27.49 -13.90
N GLY D 51 33.76 26.97 -13.41
CA GLY D 51 33.78 25.74 -12.65
C GLY D 51 34.16 24.55 -13.50
N VAL D 52 33.73 24.55 -14.76
CA VAL D 52 34.21 23.58 -15.73
C VAL D 52 35.74 23.58 -15.73
N ASP D 53 36.30 22.39 -15.89
CA ASP D 53 37.72 22.11 -15.71
C ASP D 53 38.28 21.47 -17.00
N ILE D 54 39.34 22.06 -17.56
CA ILE D 54 39.81 21.73 -18.91
C ILE D 54 41.20 21.07 -18.96
N GLN D 55 41.52 20.42 -20.09
CA GLN D 55 42.88 19.94 -20.40
C GLN D 55 43.11 19.75 -21.92
N CYS D 56 43.79 20.69 -22.55
CA CYS D 56 44.11 20.61 -23.98
C CYS D 56 45.51 20.04 -24.16
N CYS D 57 45.83 19.54 -25.35
CA CYS D 57 47.16 18.96 -25.65
C CYS D 57 47.36 18.58 -27.14
N SER D 58 48.58 18.16 -27.52
CA SER D 58 48.96 17.97 -28.96
C SER D 58 49.81 16.73 -29.33
N THR D 59 49.97 15.81 -28.40
CA THR D 59 50.62 14.53 -28.67
C THR D 59 49.56 13.57 -29.23
N ASP D 60 49.88 12.83 -30.31
CA ASP D 60 48.97 11.79 -30.86
C ASP D 60 48.46 10.90 -29.71
N ASN D 61 47.19 11.04 -29.35
CA ASN D 61 46.64 10.37 -28.18
C ASN D 61 47.32 10.85 -26.90
N CYS D 62 46.86 12.00 -26.41
CA CYS D 62 47.40 12.66 -25.22
C CYS D 62 46.34 13.00 -24.14
N ASN D 63 45.11 12.55 -24.35
CA ASN D 63 44.00 12.94 -23.49
C ASN D 63 43.20 11.79 -22.91
N PRO D 64 43.80 10.60 -22.77
CA PRO D 64 43.04 9.38 -22.47
C PRO D 64 42.23 9.41 -21.15
N PHE D 65 41.64 8.26 -20.85
CA PHE D 65 40.85 8.07 -19.66
C PHE D 65 41.67 8.03 -18.38
N PRO D 66 41.28 8.82 -17.35
CA PRO D 66 41.81 8.63 -15.98
C PRO D 66 41.02 7.49 -15.24
N THR D 67 41.16 7.30 -13.92
CA THR D 67 40.43 6.17 -13.23
C THR D 67 39.58 6.55 -11.97
N ARG D 68 40.11 7.49 -11.16
CA ARG D 68 39.33 8.28 -10.18
C ARG D 68 40.08 9.58 -9.73
N LEU E 1 34.13 -17.04 -12.73
CA LEU E 1 33.14 -16.26 -11.94
C LEU E 1 32.35 -15.35 -12.85
N ASP E 2 31.02 -15.42 -12.76
CA ASP E 2 30.13 -14.59 -13.56
C ASP E 2 29.07 -13.88 -12.72
N ARG E 3 28.47 -12.85 -13.31
CA ARG E 3 27.48 -11.99 -12.65
C ARG E 3 26.56 -12.76 -11.72
N ALA E 4 25.94 -13.79 -12.29
CA ALA E 4 24.99 -14.65 -11.57
C ALA E 4 25.59 -15.22 -10.29
N ASP E 5 26.77 -15.82 -10.42
CA ASP E 5 27.43 -16.44 -9.29
C ASP E 5 27.89 -15.42 -8.24
N ILE E 6 27.99 -14.15 -8.60
CA ILE E 6 28.32 -13.10 -7.64
C ILE E 6 27.09 -12.74 -6.80
N LEU E 7 25.96 -12.60 -7.46
CA LEU E 7 24.70 -12.35 -6.77
C LEU E 7 24.33 -13.55 -5.87
N TYR E 8 24.73 -14.75 -6.28
CA TYR E 8 24.52 -15.99 -5.54
C TYR E 8 25.28 -15.93 -4.23
N ASN E 9 26.51 -15.41 -4.33
CA ASN E 9 27.36 -15.20 -3.16
C ASN E 9 26.62 -14.28 -2.19
N ILE E 10 26.30 -13.09 -2.67
CA ILE E 10 25.77 -12.00 -1.85
C ILE E 10 24.41 -12.31 -1.22
N ARG E 11 23.47 -12.73 -2.06
CA ARG E 11 22.10 -13.06 -1.64
C ARG E 11 22.09 -14.15 -0.56
N GLN E 12 22.90 -15.21 -0.74
CA GLN E 12 22.84 -16.43 0.10
C GLN E 12 23.61 -16.30 1.43
N THR E 13 24.73 -15.59 1.44
CA THR E 13 25.60 -15.54 2.62
C THR E 13 25.62 -14.19 3.36
N SER E 14 25.10 -13.12 2.75
CA SER E 14 24.93 -11.83 3.44
C SER E 14 23.57 -11.70 4.08
N ARG E 15 23.55 -10.97 5.19
CA ARG E 15 22.46 -11.02 6.13
C ARG E 15 21.87 -9.62 6.32
N PRO E 16 20.68 -9.38 5.73
CA PRO E 16 19.98 -8.09 5.80
C PRO E 16 19.97 -7.41 7.16
N ASP E 17 19.69 -8.14 8.24
CA ASP E 17 19.91 -7.53 9.54
C ASP E 17 20.98 -8.27 10.31
N VAL E 18 22.20 -7.93 9.93
CA VAL E 18 23.40 -8.11 10.72
C VAL E 18 24.29 -6.95 10.30
N ILE E 19 24.32 -5.92 11.13
CA ILE E 19 25.16 -4.75 10.86
C ILE E 19 26.63 -5.15 10.70
N PRO E 20 27.20 -4.90 9.51
CA PRO E 20 28.58 -5.30 9.22
C PRO E 20 29.61 -4.71 10.16
N THR E 21 29.82 -5.40 11.27
CA THR E 21 30.77 -4.98 12.28
C THR E 21 32.16 -5.40 11.88
N GLN E 22 33.10 -4.50 12.11
CA GLN E 22 34.50 -4.86 12.26
C GLN E 22 34.90 -4.40 13.67
N ARG E 23 35.00 -5.37 14.58
CA ARG E 23 35.04 -5.15 16.05
C ARG E 23 35.44 -3.75 16.54
N ASP E 24 34.51 -3.10 17.28
CA ASP E 24 34.72 -1.77 17.89
C ASP E 24 34.92 -0.65 16.86
N ARG E 25 34.92 -1.02 15.59
CA ARG E 25 35.09 -0.12 14.45
C ARG E 25 33.70 0.00 13.83
N PRO E 26 33.18 1.21 13.73
CA PRO E 26 31.84 1.42 13.19
C PRO E 26 31.75 1.03 11.72
N VAL E 27 30.58 1.25 11.14
CA VAL E 27 30.40 1.11 9.71
C VAL E 27 30.44 2.52 9.17
N ALA E 28 31.39 2.76 8.27
CA ALA E 28 31.61 4.09 7.71
C ALA E 28 30.54 4.41 6.69
N VAL E 29 29.54 5.16 7.12
CA VAL E 29 28.49 5.60 6.23
C VAL E 29 28.77 7.00 5.77
N SER E 30 28.73 7.18 4.47
CA SER E 30 28.87 8.49 3.84
C SER E 30 27.55 8.86 3.18
N VAL E 31 26.93 9.90 3.72
CA VAL E 31 25.62 10.36 3.30
C VAL E 31 25.70 11.68 2.57
N SER E 32 24.69 11.91 1.76
CA SER E 32 24.43 13.22 1.18
C SER E 32 22.99 13.32 0.68
N LEU E 33 22.41 14.50 0.83
CA LEU E 33 21.17 14.81 0.17
C LEU E 33 21.51 15.69 -1.01
N LYS E 34 21.16 15.24 -2.22
CA LYS E 34 21.25 16.07 -3.42
C LYS E 34 19.83 16.42 -3.80
N PHE E 35 19.51 17.69 -3.65
CA PHE E 35 18.13 18.15 -3.74
C PHE E 35 17.74 18.35 -5.20
N ILE E 36 16.64 17.72 -5.59
CA ILE E 36 16.21 17.67 -6.99
C ILE E 36 15.10 18.65 -7.30
N ASN E 37 14.05 18.67 -6.50
CA ASN E 37 12.88 19.49 -6.81
C ASN E 37 12.03 19.82 -5.61
N ILE E 38 11.80 21.11 -5.41
CA ILE E 38 10.96 21.60 -4.32
C ILE E 38 9.56 21.81 -4.84
N LEU E 39 8.59 21.09 -4.28
CA LEU E 39 7.25 21.01 -4.83
C LEU E 39 6.25 21.96 -4.17
N GLU E 40 5.85 21.61 -2.96
CA GLU E 40 4.81 22.32 -2.25
C GLU E 40 5.52 23.11 -1.20
N VAL E 41 5.12 24.36 -1.03
CA VAL E 41 5.61 25.13 0.11
C VAL E 41 4.47 25.89 0.75
N ASN E 42 4.47 25.90 2.09
CA ASN E 42 3.44 26.55 2.85
C ASN E 42 4.06 27.31 4.00
N GLU E 43 4.40 28.56 3.72
CA GLU E 43 4.95 29.47 4.71
C GLU E 43 4.18 29.43 6.04
N ILE E 44 2.86 29.26 5.95
CA ILE E 44 1.98 29.36 7.11
C ILE E 44 2.10 28.15 8.03
N THR E 45 2.26 26.97 7.45
CA THR E 45 2.33 25.72 8.21
C THR E 45 3.75 25.17 8.34
N ASN E 46 4.72 25.94 7.88
CA ASN E 46 6.11 25.50 7.84
C ASN E 46 6.21 24.03 7.41
N GLU E 47 5.61 23.78 6.23
CA GLU E 47 5.55 22.47 5.58
C GLU E 47 6.15 22.57 4.16
N VAL E 48 7.10 21.69 3.87
CA VAL E 48 7.71 21.60 2.56
C VAL E 48 7.52 20.19 2.01
N ASP E 49 7.22 20.13 0.71
CA ASP E 49 7.25 18.89 -0.04
C ASP E 49 8.47 19.01 -0.94
N VAL E 50 9.33 18.01 -0.86
CA VAL E 50 10.63 18.04 -1.53
C VAL E 50 10.93 16.67 -2.11
N VAL E 51 11.88 16.66 -3.04
CA VAL E 51 12.32 15.44 -3.68
C VAL E 51 13.81 15.48 -3.83
N PHE E 52 14.49 14.43 -3.39
CA PHE E 52 15.94 14.41 -3.31
C PHE E 52 16.50 13.00 -3.37
N TRP E 53 17.78 12.89 -3.71
CA TRP E 53 18.47 11.61 -3.78
C TRP E 53 19.29 11.44 -2.51
N GLN E 54 18.88 10.52 -1.64
CA GLN E 54 19.56 10.30 -0.35
C GLN E 54 20.82 9.50 -0.64
N GLN E 55 21.76 10.14 -1.33
CA GLN E 55 23.01 9.51 -1.74
C GLN E 55 23.72 8.86 -0.55
N THR E 56 23.53 7.57 -0.42
CA THR E 56 24.04 6.86 0.72
C THR E 56 25.11 5.91 0.26
N THR E 57 26.04 5.59 1.17
CA THR E 57 27.26 4.88 0.80
C THR E 57 27.87 4.18 2.00
N TRP E 58 28.47 3.00 1.81
CA TRP E 58 29.17 2.34 2.91
C TRP E 58 30.15 1.24 2.54
N SER E 59 30.79 0.69 3.55
CA SER E 59 31.75 -0.39 3.39
C SER E 59 31.31 -1.67 4.09
N ASP E 60 30.80 -2.61 3.31
CA ASP E 60 30.52 -3.95 3.79
C ASP E 60 31.54 -4.87 3.17
N ARG E 61 32.50 -5.32 3.98
CA ARG E 61 33.66 -6.03 3.46
C ARG E 61 33.41 -7.51 3.22
N THR E 62 32.41 -8.09 3.89
CA THR E 62 32.16 -9.54 3.77
C THR E 62 31.79 -9.91 2.34
N LEU E 63 31.02 -9.02 1.70
CA LEU E 63 30.55 -9.20 0.32
C LEU E 63 31.67 -9.45 -0.66
N ALA E 64 32.72 -8.64 -0.49
CA ALA E 64 33.83 -8.55 -1.41
C ALA E 64 34.19 -9.85 -2.13
N TRP E 65 34.68 -9.72 -3.36
CA TRP E 65 35.10 -10.85 -4.17
C TRP E 65 36.36 -10.58 -5.03
N ASN E 66 36.84 -11.63 -5.69
CA ASN E 66 38.00 -11.56 -6.57
C ASN E 66 37.59 -11.14 -7.98
N SER E 67 37.84 -9.87 -8.31
CA SER E 67 37.36 -9.27 -9.56
C SER E 67 38.36 -9.28 -10.71
N SER E 68 39.54 -9.86 -10.47
CA SER E 68 40.65 -9.78 -11.44
C SER E 68 40.23 -10.06 -12.88
N HIS E 69 39.72 -11.27 -13.11
CA HIS E 69 39.20 -11.66 -14.44
C HIS E 69 37.68 -11.82 -14.34
N SER E 70 37.05 -10.83 -13.72
CA SER E 70 35.62 -10.87 -13.41
C SER E 70 35.04 -9.45 -13.31
N PRO E 71 33.72 -9.34 -13.30
CA PRO E 71 33.05 -8.03 -13.34
C PRO E 71 33.27 -7.17 -12.09
N ASP E 72 33.68 -5.93 -12.27
CA ASP E 72 34.09 -5.08 -11.17
C ASP E 72 32.88 -4.59 -10.35
N GLN E 73 31.75 -4.35 -11.03
CA GLN E 73 30.54 -3.86 -10.36
C GLN E 73 29.29 -4.70 -10.74
N VAL E 74 28.42 -4.96 -9.77
CA VAL E 74 27.10 -5.57 -10.01
C VAL E 74 26.02 -4.82 -9.25
N SER E 75 24.78 -4.98 -9.66
CA SER E 75 23.68 -4.26 -9.01
C SER E 75 22.79 -5.23 -8.24
N VAL E 76 22.74 -5.02 -6.93
CA VAL E 76 22.04 -5.89 -6.00
C VAL E 76 20.74 -5.22 -5.57
N PRO E 77 19.74 -5.98 -5.14
CA PRO E 77 18.56 -5.42 -4.48
C PRO E 77 18.78 -5.06 -3.01
N ILE E 78 18.00 -4.11 -2.51
CA ILE E 78 18.11 -3.66 -1.13
C ILE E 78 17.66 -4.73 -0.16
N SER E 79 16.69 -5.53 -0.59
CA SER E 79 16.12 -6.55 0.27
C SER E 79 17.13 -7.66 0.68
N SER E 80 18.20 -7.82 -0.09
CA SER E 80 19.16 -8.89 0.17
C SER E 80 20.47 -8.42 0.83
N LEU E 81 20.59 -7.12 1.09
CA LEU E 81 21.76 -6.56 1.76
C LEU E 81 21.43 -5.88 3.06
N TRP E 82 22.46 -5.56 3.84
CA TRP E 82 22.31 -4.71 5.01
C TRP E 82 22.22 -3.26 4.58
N VAL E 83 21.40 -2.51 5.32
CA VAL E 83 21.12 -1.11 5.01
C VAL E 83 21.19 -0.25 6.28
N PRO E 84 21.63 1.00 6.18
CA PRO E 84 21.60 1.88 7.34
C PRO E 84 20.17 2.14 7.72
N ASP E 85 19.91 2.17 9.03
CA ASP E 85 18.60 2.50 9.56
C ASP E 85 18.43 4.00 9.68
N LEU E 86 18.77 4.73 8.63
CA LEU E 86 18.76 6.17 8.68
C LEU E 86 17.35 6.67 8.72
N ALA E 87 17.18 7.86 9.25
CA ALA E 87 15.85 8.41 9.47
C ALA E 87 15.88 9.91 9.59
N ALA E 88 14.98 10.57 8.89
CA ALA E 88 14.84 12.01 8.99
C ALA E 88 14.07 12.33 10.25
N TYR E 89 14.75 12.92 11.22
CA TYR E 89 14.14 13.20 12.51
C TYR E 89 12.91 14.09 12.35
N ASN E 90 13.06 15.15 11.58
CA ASN E 90 11.96 16.11 11.37
C ASN E 90 11.11 15.75 10.16
N ALA E 91 10.78 14.48 10.03
CA ALA E 91 9.97 14.01 8.93
C ALA E 91 8.50 14.07 9.27
N ILE E 92 7.72 14.41 8.27
CA ILE E 92 6.28 14.46 8.35
C ILE E 92 5.72 13.17 7.80
N SER E 93 6.11 12.84 6.58
CA SER E 93 5.53 11.73 5.85
C SER E 93 6.53 10.63 5.61
N LYS E 94 6.02 9.47 5.21
CA LYS E 94 6.87 8.33 4.92
C LYS E 94 7.72 8.58 3.67
N PRO E 95 8.73 7.73 3.45
CA PRO E 95 9.49 7.75 2.21
C PRO E 95 8.72 7.24 0.99
N GLU E 96 8.52 8.10 0.01
CA GLU E 96 7.95 7.69 -1.27
C GLU E 96 9.11 7.40 -2.23
N VAL E 97 9.39 6.11 -2.41
CA VAL E 97 10.51 5.65 -3.25
C VAL E 97 10.11 5.62 -4.74
N LEU E 98 10.89 6.33 -5.57
CA LEU E 98 10.63 6.46 -7.02
C LEU E 98 11.37 5.42 -7.86
N THR E 99 12.69 5.34 -7.66
CA THR E 99 13.53 4.45 -8.45
C THR E 99 13.38 3.04 -7.93
N PRO E 100 14.01 2.07 -8.56
CA PRO E 100 13.93 0.69 -8.09
C PRO E 100 14.79 0.59 -6.87
N GLN E 101 14.36 -0.19 -5.89
CA GLN E 101 15.16 -0.39 -4.70
C GLN E 101 16.28 -1.35 -5.06
N LEU E 102 17.37 -0.77 -5.58
CA LEU E 102 18.61 -1.50 -5.86
C LEU E 102 19.80 -0.67 -5.42
N ALA E 103 20.86 -1.34 -4.99
CA ALA E 103 22.13 -0.67 -4.76
C ALA E 103 23.22 -1.29 -5.59
N ARG E 104 24.22 -0.49 -5.96
CA ARG E 104 25.39 -0.98 -6.65
C ARG E 104 26.41 -1.47 -5.62
N VAL E 105 27.09 -2.56 -5.93
CA VAL E 105 28.10 -3.12 -5.02
C VAL E 105 29.38 -3.45 -5.78
N VAL E 106 30.48 -2.83 -5.37
CA VAL E 106 31.77 -3.02 -6.00
C VAL E 106 32.43 -4.25 -5.39
N SER E 107 33.44 -4.79 -6.07
CA SER E 107 34.19 -5.96 -5.58
C SER E 107 34.93 -5.73 -4.27
N ASP E 108 35.34 -4.49 -4.02
CA ASP E 108 36.13 -4.17 -2.82
C ASP E 108 35.29 -4.00 -1.55
N GLY E 109 33.98 -4.21 -1.66
CA GLY E 109 33.07 -4.13 -0.53
C GLY E 109 32.39 -2.78 -0.34
N GLU E 110 32.41 -1.96 -1.38
CA GLU E 110 31.79 -0.65 -1.39
C GLU E 110 30.35 -0.75 -1.86
N VAL E 111 29.45 -0.01 -1.23
CA VAL E 111 28.02 -0.17 -1.49
C VAL E 111 27.36 1.18 -1.72
N LEU E 112 26.63 1.30 -2.82
CA LEU E 112 26.06 2.58 -3.24
C LEU E 112 24.55 2.47 -3.38
N TYR E 113 23.86 2.83 -2.31
CA TYR E 113 22.42 3.00 -2.37
C TYR E 113 22.12 4.47 -2.40
N MET E 114 21.56 4.91 -3.51
CA MET E 114 21.10 6.28 -3.62
C MET E 114 19.72 6.17 -4.24
N PRO E 115 18.69 6.20 -3.40
CA PRO E 115 17.32 6.21 -3.88
C PRO E 115 16.84 7.62 -4.16
N SER E 116 15.82 7.73 -4.99
CA SER E 116 15.11 8.98 -5.24
C SER E 116 13.95 9.01 -4.29
N ILE E 117 13.70 10.15 -3.67
CA ILE E 117 12.76 10.19 -2.56
C ILE E 117 11.86 11.40 -2.59
N ARG E 118 10.57 11.17 -2.31
CA ARG E 118 9.65 12.25 -2.00
C ARG E 118 9.26 12.11 -0.55
N GLN E 119 9.40 13.21 0.18
CA GLN E 119 9.06 13.26 1.60
C GLN E 119 8.72 14.70 2.01
N ARG E 120 7.74 14.86 2.90
CA ARG E 120 7.39 16.17 3.42
C ARG E 120 8.16 16.41 4.69
N PHE E 121 8.30 17.67 5.08
CA PHE E 121 9.19 18.03 6.18
C PHE E 121 8.82 19.28 6.93
N SER E 122 8.83 19.21 8.25
CA SER E 122 8.61 20.38 9.08
C SER E 122 9.94 21.07 9.21
N CYS E 123 10.01 22.29 8.72
CA CYS E 123 11.24 23.07 8.80
C CYS E 123 11.00 24.57 8.67
N ASP E 124 12.06 25.34 8.94
CA ASP E 124 11.98 26.80 8.88
C ASP E 124 11.74 27.27 7.44
N VAL E 125 10.46 27.49 7.14
CA VAL E 125 10.05 28.02 5.86
C VAL E 125 9.95 29.52 5.94
N SER E 126 10.00 30.07 7.16
CA SER E 126 9.91 31.52 7.32
C SER E 126 10.94 32.28 6.44
N GLY E 127 10.43 32.95 5.40
CA GLY E 127 11.24 33.82 4.56
C GLY E 127 11.46 33.33 3.13
N VAL E 128 10.39 32.91 2.47
CA VAL E 128 10.51 32.32 1.14
C VAL E 128 10.58 33.37 0.05
N ASP E 129 9.66 34.35 0.10
CA ASP E 129 9.62 35.43 -0.88
C ASP E 129 10.56 36.58 -0.43
N THR E 130 11.84 36.28 -0.37
CA THR E 130 12.88 37.27 -0.06
C THR E 130 14.05 37.05 -0.99
N GLU E 131 15.01 37.96 -0.95
CA GLU E 131 16.26 37.77 -1.67
C GLU E 131 17.14 36.77 -0.89
N SER E 132 17.08 36.85 0.44
CA SER E 132 17.82 35.97 1.34
C SER E 132 17.31 34.56 1.28
N GLY E 133 15.99 34.41 1.16
CA GLY E 133 15.35 33.12 1.09
C GLY E 133 15.24 32.43 2.43
N ALA E 134 14.36 31.44 2.49
CA ALA E 134 14.18 30.65 3.70
C ALA E 134 15.30 29.63 3.81
N THR E 135 15.70 29.36 5.04
CA THR E 135 16.72 28.36 5.30
C THR E 135 16.06 27.22 6.03
N CYS E 136 16.13 26.05 5.42
CA CYS E 136 15.28 24.93 5.80
C CYS E 136 16.11 23.79 6.36
N ARG E 137 15.93 23.52 7.65
CA ARG E 137 16.72 22.49 8.32
C ARG E 137 16.09 21.12 8.18
N ILE E 138 16.86 20.13 7.75
CA ILE E 138 16.44 18.73 7.80
C ILE E 138 17.48 17.90 8.52
N LYS E 139 17.12 17.41 9.71
CA LYS E 139 17.98 16.54 10.50
C LYS E 139 17.69 15.12 10.06
N ILE E 140 18.76 14.34 9.90
CA ILE E 140 18.63 12.91 9.67
C ILE E 140 19.81 12.19 10.27
N GLY E 141 19.54 11.00 10.77
CA GLY E 141 20.54 10.14 11.37
C GLY E 141 19.94 8.80 11.74
N SER E 142 20.79 7.86 12.09
CA SER E 142 20.30 6.55 12.49
C SER E 142 19.36 6.68 13.65
N TRP E 143 18.35 5.83 13.66
CA TRP E 143 17.38 5.84 14.73
C TRP E 143 17.85 5.04 15.89
N THR E 144 18.39 3.88 15.62
CA THR E 144 18.69 2.91 16.67
C THR E 144 20.16 2.83 16.94
N HIS E 145 20.95 2.84 15.87
CA HIS E 145 22.39 2.71 15.99
C HIS E 145 23.05 4.05 16.37
N HIS E 146 24.04 3.99 17.26
CA HIS E 146 24.80 5.16 17.66
C HIS E 146 26.18 5.18 16.99
N SER E 147 27.03 6.13 17.35
CA SER E 147 28.31 6.38 16.66
C SER E 147 29.24 5.17 16.45
N ARG E 148 29.60 4.47 17.52
CA ARG E 148 30.57 3.35 17.46
C ARG E 148 30.02 2.10 16.77
N GLU E 149 28.75 2.15 16.38
CA GLU E 149 28.15 1.13 15.51
C GLU E 149 28.03 1.65 14.07
N ILE E 150 27.56 2.89 13.92
CA ILE E 150 27.46 3.59 12.63
C ILE E 150 27.92 5.03 12.76
N SER E 151 28.80 5.46 11.88
CA SER E 151 29.21 6.85 11.85
C SER E 151 28.75 7.47 10.55
N VAL E 152 28.09 8.62 10.64
CA VAL E 152 27.60 9.34 9.48
C VAL E 152 28.47 10.58 9.23
N ASP E 153 28.92 10.75 8.00
CA ASP E 153 29.72 11.92 7.62
C ASP E 153 29.23 12.48 6.30
N PRO E 154 28.89 13.75 6.25
CA PRO E 154 28.63 14.39 4.97
C PRO E 154 29.94 14.67 4.25
N THR E 155 30.00 14.39 2.95
CA THR E 155 31.24 14.58 2.16
C THR E 155 31.19 15.89 1.38
N SER E 159 30.89 20.28 -5.19
CA SER E 159 30.09 20.68 -6.33
C SER E 159 29.33 21.97 -6.00
N ASP E 160 28.76 22.60 -7.03
CA ASP E 160 27.68 23.57 -6.85
C ASP E 160 26.38 22.80 -6.99
N ASP E 161 25.51 22.88 -5.96
CA ASP E 161 24.36 22.00 -5.84
C ASP E 161 23.10 22.50 -6.57
N SER E 162 23.30 23.35 -7.56
CA SER E 162 22.21 23.90 -8.38
C SER E 162 22.34 23.56 -9.87
N GLU E 163 23.36 22.79 -10.25
CA GLU E 163 23.61 22.64 -11.66
C GLU E 163 22.55 21.69 -12.18
N TYR E 164 22.17 20.72 -11.36
CA TYR E 164 21.10 19.79 -11.74
C TYR E 164 19.74 20.24 -11.24
N PHE E 165 19.65 20.59 -9.95
CA PHE E 165 18.35 20.90 -9.35
C PHE E 165 17.37 21.50 -10.36
N SER E 166 16.24 20.84 -10.54
CA SER E 166 15.28 21.12 -11.62
C SER E 166 15.21 22.58 -12.06
N GLN E 167 15.45 22.79 -13.34
CA GLN E 167 15.36 24.10 -13.94
C GLN E 167 13.90 24.57 -13.92
N TYR E 168 13.00 23.63 -13.61
CA TYR E 168 11.59 23.80 -13.85
C TYR E 168 10.74 23.81 -12.58
N SER E 169 11.36 24.05 -11.43
CA SER E 169 10.60 24.20 -10.18
C SER E 169 10.09 25.62 -10.00
N ARG E 170 9.07 25.76 -9.15
CA ARG E 170 8.54 27.06 -8.73
C ARG E 170 9.62 27.83 -7.96
N PHE E 171 10.63 27.10 -7.47
CA PHE E 171 11.70 27.63 -6.63
C PHE E 171 13.08 27.37 -7.21
N GLU E 172 14.07 28.11 -6.71
CA GLU E 172 15.48 27.93 -7.09
C GLU E 172 16.38 27.84 -5.85
N ILE E 173 17.40 26.98 -5.91
CA ILE E 173 18.28 26.74 -4.76
C ILE E 173 19.40 27.76 -4.70
N LEU E 174 19.74 28.20 -3.50
CA LEU E 174 20.82 29.15 -3.27
C LEU E 174 22.11 28.49 -2.79
N ASP E 175 22.04 27.74 -1.70
CA ASP E 175 23.22 27.11 -1.07
C ASP E 175 22.82 25.98 -0.12
N VAL E 176 23.49 24.83 -0.28
CA VAL E 176 23.30 23.67 0.57
C VAL E 176 24.57 23.37 1.38
N THR E 177 24.44 23.33 2.70
CA THR E 177 25.55 22.98 3.59
C THR E 177 25.18 21.82 4.49
N GLN E 178 25.88 20.73 4.28
CA GLN E 178 25.74 19.55 5.11
C GLN E 178 26.80 19.70 6.20
N LYS E 179 26.33 19.80 7.44
CA LYS E 179 27.19 20.02 8.59
C LYS E 179 26.84 19.01 9.69
N LYS E 180 27.76 18.09 9.95
CA LYS E 180 27.52 17.02 10.93
C LYS E 180 27.39 17.55 12.35
N ASN E 181 26.84 16.71 13.20
CA ASN E 181 26.42 17.08 14.53
C ASN E 181 26.54 15.87 15.46
N SER E 182 27.57 15.85 16.31
CA SER E 182 27.80 14.74 17.22
C SER E 182 27.26 15.10 18.61
N VAL E 183 26.46 14.20 19.19
CA VAL E 183 25.74 14.49 20.43
C VAL E 183 25.75 13.34 21.40
N THR E 184 26.13 13.61 22.64
CA THR E 184 26.29 12.54 23.65
C THR E 184 25.08 12.42 24.55
N TYR E 185 24.72 11.17 24.86
CA TYR E 185 23.61 10.84 25.76
C TYR E 185 24.09 10.13 26.99
N SER E 186 23.30 10.20 28.07
CA SER E 186 23.78 9.88 29.44
C SER E 186 23.62 8.43 29.88
N CYS E 187 24.19 7.52 29.11
CA CYS E 187 24.18 6.12 29.45
C CYS E 187 25.34 5.41 28.80
N CYS E 188 25.41 5.57 27.49
CA CYS E 188 26.07 4.63 26.62
C CYS E 188 27.39 5.22 26.11
N PRO E 189 28.37 4.35 25.81
CA PRO E 189 29.72 4.80 25.48
C PRO E 189 29.80 6.23 24.96
N GLU E 190 29.29 6.46 23.76
CA GLU E 190 29.54 7.72 23.08
C GLU E 190 28.23 8.45 22.71
N ALA E 191 27.97 8.63 21.40
CA ALA E 191 27.08 9.69 20.91
C ALA E 191 26.29 9.35 19.65
N TYR E 192 24.96 9.50 19.70
CA TYR E 192 24.12 9.20 18.55
C TYR E 192 24.36 10.20 17.42
N GLU E 193 25.28 9.86 16.52
CA GLU E 193 25.67 10.74 15.43
C GLU E 193 24.52 11.02 14.47
N ASP E 194 24.45 12.24 13.94
CA ASP E 194 23.39 12.61 12.99
C ASP E 194 23.72 13.86 12.14
N VAL E 195 23.44 13.78 10.85
CA VAL E 195 23.71 14.88 9.92
C VAL E 195 22.57 15.86 9.83
N GLU E 196 22.92 17.13 9.72
CA GLU E 196 21.96 18.22 9.62
C GLU E 196 22.20 18.95 8.32
N VAL E 197 21.33 18.76 7.35
CA VAL E 197 21.47 19.45 6.08
C VAL E 197 20.72 20.76 6.09
N SER E 198 21.33 21.78 5.51
CA SER E 198 20.79 23.13 5.53
C SER E 198 20.46 23.57 4.11
N LEU E 199 19.18 23.57 3.78
CA LEU E 199 18.70 23.92 2.45
C LEU E 199 18.25 25.37 2.41
N ASN E 200 19.11 26.25 1.93
CA ASN E 200 18.71 27.62 1.66
C ASN E 200 18.08 27.72 0.29
N PHE E 201 16.89 28.30 0.22
CA PHE E 201 16.15 28.43 -1.04
C PHE E 201 15.11 29.56 -1.03
N ARG E 202 14.53 29.83 -2.20
CA ARG E 202 13.58 30.92 -2.38
C ARG E 202 12.62 30.66 -3.52
N LYS E 203 11.52 31.41 -3.58
CA LYS E 203 10.61 31.31 -4.74
C LYS E 203 11.36 31.91 -5.93
N LYS E 204 10.96 31.51 -7.14
CA LYS E 204 11.59 32.01 -8.37
C LYS E 204 11.27 33.50 -8.48
N GLY E 205 11.65 34.14 -9.61
CA GLY E 205 11.16 35.48 -9.92
C GLY E 205 9.64 35.48 -10.02
N ARG E 206 9.13 35.35 -11.25
CA ARG E 206 7.69 35.27 -11.53
C ARG E 206 6.82 35.11 -10.27
N ILE F 1 44.41 22.96 33.34
CA ILE F 1 43.76 21.78 33.97
C ILE F 1 43.22 20.79 32.91
N ARG F 2 43.62 19.53 33.03
CA ARG F 2 43.19 18.48 32.09
C ARG F 2 41.77 18.01 32.46
N CYS F 3 40.82 18.20 31.53
CA CYS F 3 39.43 17.81 31.73
C CYS F 3 38.88 16.91 30.63
N PHE F 4 37.95 16.03 31.00
CA PHE F 4 37.35 15.10 30.05
C PHE F 4 36.47 15.81 29.06
N ILE F 5 36.87 15.80 27.79
CA ILE F 5 36.10 16.46 26.73
C ILE F 5 35.19 15.47 25.99
N THR F 6 34.07 16.01 25.48
CA THR F 6 33.05 15.26 24.76
C THR F 6 32.97 15.74 23.30
N PRO F 7 32.60 14.86 22.35
CA PRO F 7 32.11 13.50 22.62
C PRO F 7 33.20 12.45 22.70
N ASP F 8 34.41 12.88 23.03
CA ASP F 8 35.54 11.98 23.13
C ASP F 8 35.51 11.36 24.53
N ILE F 9 36.04 10.15 24.62
CA ILE F 9 36.10 9.39 25.88
C ILE F 9 37.18 10.00 26.79
N THR F 10 38.14 10.68 26.17
CA THR F 10 39.47 10.87 26.75
C THR F 10 39.70 12.29 27.30
N SER F 11 40.81 12.43 28.03
CA SER F 11 41.16 13.68 28.70
C SER F 11 42.12 14.50 27.83
N LYS F 12 41.97 15.83 27.87
CA LYS F 12 42.74 16.74 27.02
C LYS F 12 43.25 17.93 27.78
N ASP F 13 44.23 18.60 27.18
CA ASP F 13 45.02 19.61 27.88
C ASP F 13 44.47 21.03 27.73
N CYS F 14 43.81 21.52 28.78
CA CYS F 14 43.45 22.92 28.86
C CYS F 14 44.44 23.48 29.84
N PRO F 15 45.44 24.21 29.33
CA PRO F 15 46.16 25.16 30.18
C PRO F 15 45.13 26.21 30.63
N ASN F 16 44.95 26.26 31.94
CA ASN F 16 43.93 27.06 32.62
C ASN F 16 42.76 27.63 31.78
N GLY F 17 41.93 26.71 31.27
CA GLY F 17 40.49 26.90 31.31
C GLY F 17 40.22 26.41 32.72
N HIS F 18 39.81 27.30 33.62
CA HIS F 18 39.91 27.03 35.06
C HIS F 18 38.91 25.97 35.61
N VAL F 19 38.01 25.43 34.77
CA VAL F 19 36.99 24.49 35.23
C VAL F 19 36.75 23.31 34.32
N CYS F 20 36.50 22.15 34.92
CA CYS F 20 35.87 21.02 34.24
C CYS F 20 34.36 21.07 34.55
N TYR F 21 33.52 20.98 33.53
CA TYR F 21 32.07 21.10 33.73
C TYR F 21 31.30 19.92 33.21
N THR F 22 30.11 19.73 33.80
CA THR F 22 29.21 18.60 33.49
C THR F 22 27.75 19.10 33.34
N LYS F 23 27.41 19.53 32.11
CA LYS F 23 26.03 19.83 31.72
C LYS F 23 25.26 18.51 31.70
N THR F 24 24.03 18.53 32.21
CA THR F 24 23.12 17.40 32.13
C THR F 24 21.69 17.89 32.07
N TRP F 25 20.95 17.49 31.03
CA TRP F 25 19.55 17.87 30.91
C TRP F 25 18.68 16.83 30.21
N CYS F 26 17.40 16.80 30.57
CA CYS F 26 16.49 15.84 29.98
C CYS F 26 15.77 16.43 28.79
N ASP F 27 15.92 15.76 27.65
CA ASP F 27 15.24 16.13 26.40
C ASP F 27 14.03 15.18 26.13
N ALA F 28 13.72 14.95 24.85
CA ALA F 28 12.68 13.97 24.47
C ALA F 28 13.23 12.53 24.35
N PHE F 29 14.43 12.38 23.81
CA PHE F 29 15.13 11.09 23.67
C PHE F 29 15.61 10.51 25.02
N CYS F 30 14.98 10.92 26.11
CA CYS F 30 15.64 10.91 27.40
C CYS F 30 15.14 9.89 28.38
N SER F 31 13.85 9.57 28.34
CA SER F 31 13.30 8.63 29.33
C SER F 31 13.89 7.21 29.14
N ILE F 32 14.32 6.89 27.93
CA ILE F 32 15.00 5.63 27.68
C ILE F 32 16.48 5.78 28.03
N ARG F 33 17.21 6.46 27.14
CA ARG F 33 18.67 6.40 27.07
C ARG F 33 19.37 7.48 27.92
N GLY F 34 18.57 8.40 28.51
CA GLY F 34 18.99 9.25 29.62
C GLY F 34 19.06 10.75 29.34
N LYS F 35 19.45 11.53 30.35
CA LYS F 35 19.77 12.94 30.14
C LYS F 35 20.88 13.03 29.09
N ARG F 36 20.89 14.08 28.29
CA ARG F 36 22.05 14.39 27.44
C ARG F 36 23.15 14.93 28.37
N VAL F 37 24.41 14.63 28.09
CA VAL F 37 25.54 15.30 28.80
C VAL F 37 26.62 15.75 27.81
N ASP F 38 26.96 17.05 27.80
CA ASP F 38 28.17 17.50 27.12
C ASP F 38 29.18 17.88 28.19
N LEU F 39 30.28 17.15 28.21
CA LEU F 39 31.38 17.43 29.12
C LEU F 39 32.37 18.36 28.45
N GLY F 40 33.29 18.88 29.25
CA GLY F 40 34.34 19.70 28.70
C GLY F 40 35.01 20.58 29.72
N CYS F 41 35.84 21.50 29.23
CA CYS F 41 36.49 22.51 30.07
C CYS F 41 36.21 23.93 29.55
N ALA F 42 36.49 24.90 30.41
CA ALA F 42 36.16 26.29 30.10
C ALA F 42 36.90 27.27 31.02
N ALA F 43 36.82 28.54 30.66
CA ALA F 43 37.44 29.60 31.42
C ALA F 43 36.84 29.73 32.84
N THR F 44 35.51 29.84 32.91
CA THR F 44 34.80 29.87 34.21
C THR F 44 33.54 29.03 34.16
N CYS F 45 32.88 28.88 35.30
CA CYS F 45 31.67 28.05 35.36
C CYS F 45 30.60 28.70 34.55
N PRO F 46 29.87 27.92 33.75
CA PRO F 46 28.93 28.49 32.77
C PRO F 46 27.63 29.03 33.37
N THR F 47 26.90 29.77 32.53
CA THR F 47 25.55 30.23 32.85
C THR F 47 24.61 29.01 32.90
N VAL F 48 23.52 29.15 33.65
CA VAL F 48 22.56 28.06 33.86
C VAL F 48 21.21 28.37 33.18
N LYS F 49 20.84 27.56 32.18
CA LYS F 49 19.49 27.57 31.65
C LYS F 49 18.58 26.89 32.67
N THR F 50 17.29 27.26 32.67
CA THR F 50 16.34 26.84 33.71
C THR F 50 15.92 25.36 33.53
N GLY F 51 16.20 24.53 34.53
CA GLY F 51 16.03 23.10 34.41
C GLY F 51 17.34 22.37 34.09
N VAL F 52 18.18 23.00 33.27
CA VAL F 52 19.54 22.51 33.05
C VAL F 52 20.21 22.28 34.41
N ASP F 53 21.00 21.21 34.48
CA ASP F 53 21.62 20.77 35.74
C ASP F 53 23.14 20.68 35.55
N ILE F 54 23.89 21.32 36.46
CA ILE F 54 25.34 21.54 36.26
C ILE F 54 26.22 20.85 37.32
N GLN F 55 27.52 20.72 37.01
CA GLN F 55 28.52 20.25 37.98
C GLN F 55 29.93 20.71 37.59
N CYS F 56 30.43 21.75 38.28
CA CYS F 56 31.78 22.28 38.09
C CYS F 56 32.75 21.63 39.04
N CYS F 57 34.06 21.68 38.75
CA CYS F 57 35.11 21.15 39.64
C CYS F 57 36.56 21.45 39.18
N SER F 58 37.55 21.09 39.99
CA SER F 58 38.93 21.55 39.77
C SER F 58 40.06 20.52 40.00
N THR F 59 39.71 19.25 40.17
CA THR F 59 40.69 18.14 40.23
C THR F 59 41.01 17.68 38.79
N ASP F 60 42.29 17.51 38.48
CA ASP F 60 42.70 17.02 37.17
C ASP F 60 41.88 15.76 36.86
N ASN F 61 40.94 15.89 35.93
CA ASN F 61 39.98 14.83 35.63
C ASN F 61 39.06 14.54 36.82
N CYS F 62 38.05 15.41 36.97
CA CYS F 62 37.09 15.38 38.09
C CYS F 62 35.63 15.34 37.64
N ASN F 63 35.38 15.19 36.33
CA ASN F 63 34.03 15.29 35.77
C ASN F 63 33.61 14.12 34.89
N PRO F 64 34.17 12.92 35.12
CA PRO F 64 34.00 11.80 34.18
C PRO F 64 32.55 11.34 33.93
N PHE F 65 32.45 10.27 33.14
CA PHE F 65 31.17 9.69 32.77
C PHE F 65 30.49 8.95 33.92
N PRO F 66 29.23 9.27 34.22
CA PRO F 66 28.41 8.47 35.16
C PRO F 66 27.67 7.29 34.47
N THR F 67 26.58 6.81 35.12
CA THR F 67 25.41 6.18 34.47
C THR F 67 24.05 6.56 35.15
N ARG F 68 23.38 7.62 34.63
CA ARG F 68 22.09 8.17 35.14
C ARG F 68 21.19 8.75 34.04
N LEU G 1 31.13 -14.59 21.09
CA LEU G 1 29.77 -14.09 20.72
C LEU G 1 29.88 -12.74 20.02
N ASP G 2 29.26 -12.64 18.84
CA ASP G 2 29.26 -11.42 18.02
C ASP G 2 27.85 -10.98 17.59
N ARG G 3 27.73 -9.71 17.21
CA ARG G 3 26.45 -9.09 16.82
C ARG G 3 25.56 -10.04 16.05
N ALA G 4 26.13 -10.60 14.99
CA ALA G 4 25.42 -11.51 14.09
C ALA G 4 24.82 -12.67 14.87
N ASP G 5 25.65 -13.34 15.66
CA ASP G 5 25.20 -14.50 16.43
C ASP G 5 24.12 -14.16 17.48
N ILE G 6 24.03 -12.88 17.88
CA ILE G 6 22.98 -12.46 18.82
C ILE G 6 21.65 -12.31 18.09
N LEU G 7 21.68 -11.72 16.90
CA LEU G 7 20.48 -11.62 16.08
C LEU G 7 20.00 -13.01 15.63
N TYR G 8 20.94 -13.94 15.50
CA TYR G 8 20.65 -15.33 15.13
C TYR G 8 19.89 -16.00 16.26
N ASN G 9 20.30 -15.69 17.48
CA ASN G 9 19.58 -16.16 18.67
C ASN G 9 18.15 -15.69 18.60
N ILE G 10 17.99 -14.37 18.56
CA ILE G 10 16.71 -13.71 18.72
C ILE G 10 15.72 -14.05 17.60
N ARG G 11 16.18 -13.89 16.36
CA ARG G 11 15.39 -14.16 15.16
C ARG G 11 14.83 -15.58 15.13
N GLN G 12 15.69 -16.55 15.49
CA GLN G 12 15.40 -17.98 15.29
C GLN G 12 14.58 -18.63 16.42
N THR G 13 14.79 -18.17 17.67
CA THR G 13 14.17 -18.80 18.84
C THR G 13 13.07 -17.97 19.52
N SER G 14 12.97 -16.67 19.21
CA SER G 14 11.86 -15.85 19.72
C SER G 14 10.72 -15.75 18.72
N ARG G 15 9.52 -15.62 19.28
CA ARG G 15 8.30 -15.92 18.57
C ARG G 15 7.40 -14.68 18.55
N PRO G 16 7.31 -14.00 17.40
CA PRO G 16 6.51 -12.78 17.24
C PRO G 16 5.12 -12.81 17.87
N ASP G 17 4.35 -13.88 17.71
CA ASP G 17 3.13 -13.97 18.46
C ASP G 17 3.19 -15.12 19.44
N VAL G 18 3.90 -14.83 20.53
CA VAL G 18 3.86 -15.54 21.79
C VAL G 18 4.16 -14.47 22.84
N ILE G 19 3.11 -13.96 23.47
CA ILE G 19 3.26 -12.97 24.52
C ILE G 19 4.18 -13.49 25.63
N PRO G 20 5.33 -12.83 25.85
CA PRO G 20 6.30 -13.24 26.88
C PRO G 20 5.71 -13.30 28.28
N THR G 21 5.12 -14.44 28.59
CA THR G 21 4.53 -14.66 29.89
C THR G 21 5.60 -15.11 30.88
N GLN G 22 5.51 -14.58 32.09
CA GLN G 22 6.10 -15.19 33.26
C GLN G 22 4.93 -15.49 34.19
N ARG G 23 4.55 -16.76 34.27
CA ARG G 23 3.26 -17.23 34.83
C ARG G 23 2.49 -16.30 35.82
N ASP G 24 1.28 -15.90 35.42
CA ASP G 24 0.37 -15.03 36.23
C ASP G 24 0.91 -13.58 36.40
N ARG G 25 2.12 -13.33 35.90
CA ARG G 25 2.80 -12.05 35.97
C ARG G 25 2.69 -11.45 34.57
N PRO G 26 2.11 -10.27 34.46
CA PRO G 26 1.95 -9.66 33.16
C PRO G 26 3.28 -9.31 32.52
N VAL G 27 3.22 -8.66 31.37
CA VAL G 27 4.39 -8.11 30.73
C VAL G 27 4.37 -6.63 31.03
N ALA G 28 5.42 -6.17 31.68
CA ALA G 28 5.49 -4.79 32.13
C ALA G 28 5.78 -3.87 30.96
N VAL G 29 4.72 -3.26 30.43
CA VAL G 29 4.90 -2.31 29.35
C VAL G 29 4.89 -0.90 29.89
N SER G 30 5.91 -0.15 29.53
CA SER G 30 6.06 1.26 29.88
C SER G 30 5.91 2.12 28.63
N VAL G 31 4.82 2.86 28.57
CA VAL G 31 4.49 3.65 27.40
C VAL G 31 4.65 5.12 27.68
N SER G 32 4.82 5.86 26.60
CA SER G 32 4.67 7.31 26.60
C SER G 32 4.49 7.84 25.19
N LEU G 33 3.70 8.89 25.10
CA LEU G 33 3.62 9.67 23.88
C LEU G 33 4.45 10.93 24.08
N LYS G 34 5.47 11.11 23.23
CA LYS G 34 6.25 12.33 23.18
C LYS G 34 5.84 13.07 21.92
N PHE G 35 5.12 14.17 22.12
CA PHE G 35 4.46 14.86 21.02
C PHE G 35 5.45 15.74 20.28
N ILE G 36 5.54 15.54 18.95
CA ILE G 36 6.53 16.19 18.10
C ILE G 36 5.96 17.38 17.33
N ASN G 37 4.83 17.19 16.64
CA ASN G 37 4.31 18.24 15.78
C ASN G 37 2.83 18.12 15.51
N ILE G 38 2.11 19.21 15.78
CA ILE G 38 0.67 19.32 15.55
C ILE G 38 0.45 19.94 14.19
N LEU G 39 -0.17 19.19 13.28
CA LEU G 39 -0.24 19.60 11.88
C LEU G 39 -1.54 20.27 11.50
N GLU G 40 -2.60 19.48 11.43
CA GLU G 40 -3.87 19.94 10.93
C GLU G 40 -4.76 20.05 12.14
N VAL G 41 -5.50 21.13 12.26
CA VAL G 41 -6.53 21.19 13.27
C VAL G 41 -7.81 21.78 12.69
N ASN G 42 -8.92 21.19 13.12
CA ASN G 42 -10.24 21.60 12.66
C ASN G 42 -11.18 21.64 13.86
N GLU G 43 -11.27 22.82 14.48
CA GLU G 43 -12.20 23.06 15.59
C GLU G 43 -13.63 22.58 15.30
N ILE G 44 -14.01 22.67 14.04
CA ILE G 44 -15.38 22.40 13.62
C ILE G 44 -15.69 20.90 13.63
N THR G 45 -14.72 20.08 13.22
CA THR G 45 -14.93 18.64 13.13
C THR G 45 -14.20 17.84 14.24
N ASN G 46 -13.66 18.57 15.21
CA ASN G 46 -12.88 17.99 16.30
C ASN G 46 -11.95 16.89 15.79
N GLU G 47 -11.15 17.30 14.81
CA GLU G 47 -10.18 16.46 14.11
C GLU G 47 -8.77 17.07 14.22
N VAL G 48 -7.82 16.26 14.70
CA VAL G 48 -6.43 16.69 14.83
C VAL G 48 -5.57 15.76 14.00
N ASP G 49 -4.59 16.33 13.31
CA ASP G 49 -3.51 15.56 12.72
C ASP G 49 -2.28 15.88 13.54
N VAL G 50 -1.63 14.82 14.01
CA VAL G 50 -0.53 14.93 14.96
C VAL G 50 0.56 13.96 14.61
N VAL G 51 1.74 14.20 15.16
CA VAL G 51 2.90 13.37 14.96
C VAL G 51 3.61 13.20 16.27
N PHE G 52 3.90 11.96 16.66
CA PHE G 52 4.46 11.70 17.98
C PHE G 52 5.26 10.39 18.00
N TRP G 53 6.13 10.26 19.00
CA TRP G 53 6.95 9.06 19.16
C TRP G 53 6.31 8.20 20.24
N GLN G 54 5.70 7.07 19.86
CA GLN G 54 4.99 6.17 20.80
C GLN G 54 6.03 5.40 21.59
N GLN G 55 6.76 6.14 22.42
CA GLN G 55 7.83 5.63 23.26
C GLN G 55 7.39 4.40 24.03
N THR G 56 7.66 3.24 23.48
CA THR G 56 7.18 2.01 24.07
C THR G 56 8.35 1.16 24.53
N THR G 57 8.11 0.32 25.52
CA THR G 57 9.17 -0.32 26.28
C THR G 57 8.67 -1.57 26.98
N TRP G 58 9.50 -2.61 27.07
CA TRP G 58 9.12 -3.80 27.84
C TRP G 58 10.25 -4.74 28.24
N SER G 59 9.85 -5.78 28.96
CA SER G 59 10.73 -6.82 29.47
C SER G 59 10.40 -8.18 28.85
N ASP G 60 11.19 -8.57 27.85
CA ASP G 60 11.16 -9.92 27.29
C ASP G 60 12.44 -10.60 27.74
N ARG G 61 12.32 -11.50 28.71
CA ARG G 61 13.49 -12.05 29.36
C ARG G 61 14.10 -13.26 28.62
N THR G 62 13.34 -13.89 27.73
CA THR G 62 13.83 -15.05 26.98
C THR G 62 15.01 -14.69 26.08
N LEU G 63 14.91 -13.51 25.47
CA LEU G 63 15.91 -12.97 24.55
C LEU G 63 17.29 -12.92 25.17
N ALA G 64 17.31 -12.46 26.42
CA ALA G 64 18.53 -12.16 27.16
C ALA G 64 19.73 -13.04 26.81
N TRP G 65 20.91 -12.45 26.93
CA TRP G 65 22.17 -13.14 26.68
C TRP G 65 23.31 -12.70 27.60
N ASN G 66 24.44 -13.41 27.49
CA ASN G 66 25.66 -13.15 28.27
C ASN G 66 26.51 -12.07 27.60
N SER G 67 26.44 -10.84 28.14
CA SER G 67 27.06 -9.66 27.53
C SER G 67 28.46 -9.32 28.03
N SER G 68 28.96 -10.10 28.98
CA SER G 68 30.20 -9.76 29.71
C SER G 68 31.32 -9.29 28.75
N HIS G 69 31.74 -10.17 27.84
CA HIS G 69 32.78 -9.85 26.85
C HIS G 69 32.13 -9.80 25.47
N SER G 70 30.97 -9.12 25.42
CA SER G 70 30.14 -9.05 24.23
C SER G 70 29.28 -7.76 24.20
N PRO G 71 28.68 -7.43 23.04
CA PRO G 71 27.96 -6.15 22.87
C PRO G 71 26.71 -6.02 23.73
N ASP G 72 26.60 -4.92 24.45
CA ASP G 72 25.54 -4.75 25.43
C ASP G 72 24.17 -4.50 24.75
N GLN G 73 24.18 -3.81 23.61
CA GLN G 73 22.96 -3.47 22.88
C GLN G 73 23.05 -3.83 21.40
N VAL G 74 21.96 -4.37 20.84
CA VAL G 74 21.83 -4.56 19.39
C VAL G 74 20.47 -4.05 18.92
N SER G 75 20.34 -3.82 17.62
CA SER G 75 19.08 -3.32 17.06
C SER G 75 18.40 -4.39 16.22
N VAL G 76 17.20 -4.77 16.65
CA VAL G 76 16.44 -5.87 16.04
C VAL G 76 15.29 -5.27 15.22
N PRO G 77 14.76 -6.01 14.26
CA PRO G 77 13.52 -5.58 13.60
C PRO G 77 12.27 -5.96 14.35
N ILE G 78 11.19 -5.24 14.11
CA ILE G 78 9.92 -5.48 14.77
C ILE G 78 9.34 -6.82 14.35
N SER G 79 9.58 -7.18 13.09
CA SER G 79 8.98 -8.37 12.52
C SER G 79 9.42 -9.67 13.21
N SER G 80 10.59 -9.64 13.85
CA SER G 80 11.17 -10.84 14.45
C SER G 80 10.99 -10.93 15.97
N LEU G 81 10.34 -9.92 16.57
CA LEU G 81 10.08 -9.88 18.01
C LEU G 81 8.59 -9.84 18.35
N TRP G 82 8.27 -10.09 19.62
CA TRP G 82 6.92 -9.88 20.11
C TRP G 82 6.74 -8.39 20.41
N VAL G 83 5.52 -7.91 20.15
CA VAL G 83 5.19 -6.50 20.26
C VAL G 83 3.87 -6.32 20.98
N PRO G 84 3.71 -5.24 21.74
CA PRO G 84 2.42 -4.96 22.34
C PRO G 84 1.38 -4.68 21.27
N ASP G 85 0.18 -5.22 21.45
CA ASP G 85 -0.93 -4.97 20.55
C ASP G 85 -1.65 -3.67 20.92
N LEU G 86 -0.88 -2.62 21.13
CA LEU G 86 -1.45 -1.38 21.60
C LEU G 86 -2.26 -0.74 20.51
N ALA G 87 -3.20 0.10 20.91
CA ALA G 87 -4.11 0.69 19.96
C ALA G 87 -4.75 1.96 20.51
N ALA G 88 -4.76 3.00 19.68
CA ALA G 88 -5.41 4.25 20.04
C ALA G 88 -6.91 4.08 19.88
N TYR G 89 -7.63 4.05 21.00
CA TYR G 89 -9.07 3.82 20.99
C TYR G 89 -9.79 4.87 20.12
N ASN G 90 -9.46 6.14 20.32
CA ASN G 90 -10.12 7.21 19.57
C ASN G 90 -9.34 7.59 18.33
N ALA G 91 -8.89 6.57 17.60
CA ALA G 91 -8.11 6.79 16.40
C ALA G 91 -9.04 6.92 15.20
N ILE G 92 -8.66 7.80 14.29
CA ILE G 92 -9.38 8.02 13.05
C ILE G 92 -8.68 7.22 11.97
N SER G 93 -7.38 7.43 11.84
CA SER G 93 -6.62 6.88 10.73
C SER G 93 -5.62 5.85 11.20
N LYS G 94 -5.08 5.11 10.25
CA LYS G 94 -4.09 4.09 10.55
C LYS G 94 -2.78 4.73 10.98
N PRO G 95 -1.88 3.93 11.55
CA PRO G 95 -0.52 4.39 11.85
C PRO G 95 0.38 4.58 10.62
N GLU G 96 0.81 5.82 10.40
CA GLU G 96 1.78 6.14 9.36
C GLU G 96 3.17 6.15 9.98
N VAL G 97 3.89 5.04 9.76
CA VAL G 97 5.23 4.82 10.32
C VAL G 97 6.29 5.56 9.49
N LEU G 98 7.07 6.42 10.14
CA LEU G 98 8.13 7.23 9.49
C LEU G 98 9.53 6.60 9.55
N THR G 99 9.95 6.23 10.75
CA THR G 99 11.28 5.69 10.97
C THR G 99 11.26 4.24 10.57
N PRO G 100 12.41 3.58 10.57
CA PRO G 100 12.46 2.14 10.28
C PRO G 100 11.83 1.37 11.42
N GLN G 101 11.11 0.31 11.07
CA GLN G 101 10.51 -0.58 12.06
C GLN G 101 11.66 -1.39 12.65
N LEU G 102 12.33 -0.82 13.65
CA LEU G 102 13.35 -1.52 14.44
C LEU G 102 13.19 -1.17 15.91
N ALA G 103 13.49 -2.14 16.77
CA ALA G 103 13.58 -1.87 18.19
C ALA G 103 14.96 -2.25 18.73
N ARG G 104 15.40 -1.53 19.75
CA ARG G 104 16.65 -1.79 20.45
C ARG G 104 16.41 -2.83 21.52
N VAL G 105 17.34 -3.76 21.65
CA VAL G 105 17.22 -4.84 22.62
C VAL G 105 18.50 -4.99 23.44
N VAL G 106 18.38 -4.81 24.74
CA VAL G 106 19.52 -4.91 25.64
C VAL G 106 19.73 -6.37 26.03
N SER G 107 20.91 -6.68 26.54
CA SER G 107 21.23 -8.03 26.99
C SER G 107 20.36 -8.53 28.15
N ASP G 108 19.91 -7.63 29.00
CA ASP G 108 19.14 -8.04 30.18
C ASP G 108 17.66 -8.29 29.87
N GLY G 109 17.29 -8.23 28.59
CA GLY G 109 15.94 -8.54 28.15
C GLY G 109 15.02 -7.34 28.06
N GLU G 110 15.59 -6.13 28.04
CA GLU G 110 14.81 -4.90 27.92
C GLU G 110 14.67 -4.52 26.45
N VAL G 111 13.51 -4.00 26.09
CA VAL G 111 13.17 -3.84 24.69
C VAL G 111 12.60 -2.44 24.45
N LEU G 112 13.19 -1.76 23.48
CA LEU G 112 12.88 -0.37 23.25
C LEU G 112 12.38 -0.16 21.82
N TYR G 113 11.06 -0.17 21.66
CA TYR G 113 10.43 0.22 20.42
C TYR G 113 9.82 1.59 20.59
N MET G 114 10.35 2.54 19.86
CA MET G 114 9.77 3.87 19.84
C MET G 114 9.75 4.25 18.39
N PRO G 115 8.61 4.06 17.75
CA PRO G 115 8.41 4.53 16.38
C PRO G 115 7.93 5.98 16.34
N SER G 116 8.17 6.63 15.21
CA SER G 116 7.64 7.95 14.93
C SER G 116 6.35 7.72 14.19
N ILE G 117 5.32 8.49 14.52
CA ILE G 117 3.99 8.18 14.04
C ILE G 117 3.20 9.41 13.61
N ARG G 118 2.52 9.29 12.48
CA ARG G 118 1.51 10.24 12.09
C ARG G 118 0.15 9.56 12.13
N GLN G 119 -0.79 10.15 12.86
CA GLN G 119 -2.13 9.58 13.01
C GLN G 119 -3.11 10.71 13.32
N ARG G 120 -4.31 10.62 12.76
CA ARG G 120 -5.37 11.59 13.04
C ARG G 120 -6.17 11.12 14.23
N PHE G 121 -6.90 12.02 14.88
CA PHE G 121 -7.56 11.69 16.15
C PHE G 121 -8.81 12.52 16.40
N SER G 122 -9.89 11.84 16.82
CA SER G 122 -11.08 12.58 17.25
C SER G 122 -10.88 12.88 18.71
N CYS G 123 -10.88 14.17 19.03
CA CYS G 123 -10.71 14.60 20.42
C CYS G 123 -11.21 16.01 20.62
N ASP G 124 -11.27 16.41 21.90
CA ASP G 124 -11.74 17.74 22.28
C ASP G 124 -10.80 18.85 21.78
N VAL G 125 -11.16 19.38 20.61
CA VAL G 125 -10.44 20.48 19.99
C VAL G 125 -11.08 21.79 20.43
N SER G 126 -12.25 21.71 21.05
CA SER G 126 -12.94 22.90 21.56
C SER G 126 -12.00 23.79 22.37
N GLY G 127 -11.62 24.94 21.80
CA GLY G 127 -10.91 25.97 22.53
C GLY G 127 -9.47 26.14 22.13
N VAL G 128 -9.22 26.23 20.83
CA VAL G 128 -7.86 26.32 20.30
C VAL G 128 -7.28 27.74 20.36
N ASP G 129 -8.04 28.70 19.87
CA ASP G 129 -7.62 30.09 19.89
C ASP G 129 -8.01 30.77 21.22
N THR G 130 -7.42 30.24 22.31
CA THR G 130 -7.59 30.78 23.66
C THR G 130 -6.23 30.83 24.34
N GLU G 131 -6.17 31.47 25.50
CA GLU G 131 -4.97 31.42 26.33
C GLU G 131 -4.92 30.06 27.04
N SER G 132 -6.09 29.55 27.43
CA SER G 132 -6.21 28.26 28.11
C SER G 132 -5.88 27.12 27.18
N GLY G 133 -6.29 27.26 25.92
CA GLY G 133 -6.04 26.26 24.90
C GLY G 133 -6.97 25.07 24.99
N ALA G 134 -7.04 24.32 23.90
CA ALA G 134 -7.85 23.11 23.84
C ALA G 134 -7.10 21.97 24.55
N THR G 135 -7.86 21.12 25.25
CA THR G 135 -7.28 19.96 25.90
C THR G 135 -7.76 18.74 25.17
N CYS G 136 -6.82 17.97 24.66
CA CYS G 136 -7.11 16.94 23.69
C CYS G 136 -6.84 15.57 24.23
N ARG G 137 -7.88 14.79 24.38
CA ARG G 137 -7.76 13.47 24.97
C ARG G 137 -7.41 12.43 23.91
N ILE G 138 -6.39 11.63 24.16
CA ILE G 138 -6.09 10.44 23.34
C ILE G 138 -5.98 9.20 24.22
N LYS G 139 -6.96 8.31 24.12
CA LYS G 139 -6.94 7.06 24.84
C LYS G 139 -6.21 6.04 24.01
N ILE G 140 -5.36 5.26 24.66
CA ILE G 140 -4.70 4.15 24.01
C ILE G 140 -4.45 3.05 25.01
N GLY G 141 -4.57 1.81 24.54
CA GLY G 141 -4.33 0.63 25.34
C GLY G 141 -4.44 -0.62 24.51
N SER G 142 -4.03 -1.75 25.07
CA SER G 142 -4.08 -3.00 24.34
C SER G 142 -5.50 -3.25 23.88
N TRP G 143 -5.63 -3.84 22.70
CA TRP G 143 -6.94 -4.17 22.16
C TRP G 143 -7.46 -5.49 22.67
N THR G 144 -6.60 -6.47 22.71
CA THR G 144 -7.03 -7.82 23.00
C THR G 144 -6.61 -8.23 24.39
N HIS G 145 -5.40 -7.85 24.78
CA HIS G 145 -4.88 -8.26 26.08
C HIS G 145 -5.33 -7.34 27.20
N HIS G 146 -5.62 -7.95 28.35
CA HIS G 146 -6.05 -7.25 29.54
C HIS G 146 -4.91 -7.12 30.54
N SER G 147 -5.19 -6.62 31.75
CA SER G 147 -4.17 -6.32 32.77
C SER G 147 -3.15 -7.42 33.11
N ARG G 148 -3.64 -8.56 33.56
CA ARG G 148 -2.75 -9.63 34.04
C ARG G 148 -2.00 -10.38 32.92
N GLU G 149 -2.24 -9.95 31.68
CA GLU G 149 -1.42 -10.34 30.54
C GLU G 149 -0.44 -9.23 30.17
N ILE G 150 -0.96 -8.00 30.08
CA ILE G 150 -0.15 -6.81 29.78
C ILE G 150 -0.59 -5.65 30.68
N SER G 151 0.37 -5.02 31.35
CA SER G 151 0.09 -3.84 32.14
C SER G 151 0.76 -2.64 31.50
N VAL G 152 0.01 -1.57 31.33
CA VAL G 152 0.60 -0.36 30.77
C VAL G 152 0.67 0.72 31.85
N ASP G 153 1.83 1.34 31.95
CA ASP G 153 2.04 2.41 32.93
C ASP G 153 2.75 3.57 32.25
N PRO G 154 2.19 4.76 32.36
CA PRO G 154 2.90 5.95 31.89
C PRO G 154 3.95 6.39 32.90
N THR G 155 5.13 6.77 32.40
CA THR G 155 6.09 7.50 33.21
C THR G 155 5.84 8.99 32.97
N THR G 156 6.26 9.81 33.93
CA THR G 156 6.07 11.25 33.86
C THR G 156 7.11 11.91 34.75
N GLU G 157 8.27 12.23 34.18
CA GLU G 157 9.36 12.89 34.93
C GLU G 157 9.21 14.43 34.99
N ASN G 158 7.98 14.93 34.79
CA ASN G 158 7.76 16.34 34.45
C ASN G 158 8.79 16.77 33.39
N SER G 159 8.87 15.94 32.34
CA SER G 159 9.89 16.08 31.29
C SER G 159 9.52 17.20 30.32
N ASP G 160 10.18 18.34 30.52
CA ASP G 160 10.05 19.55 29.67
C ASP G 160 8.72 19.66 28.95
N ASP G 161 7.84 20.49 29.53
CA ASP G 161 6.61 20.96 28.88
C ASP G 161 6.68 20.86 27.33
N SER G 162 7.76 21.38 26.74
CA SER G 162 8.03 21.24 25.31
C SER G 162 9.40 21.80 24.96
N GLU G 163 10.47 21.04 25.22
CA GLU G 163 11.78 21.53 24.86
C GLU G 163 12.09 21.11 23.43
N TYR G 164 11.59 19.91 23.05
CA TYR G 164 11.78 19.43 21.68
C TYR G 164 10.63 19.82 20.76
N PHE G 165 9.39 19.57 21.19
CA PHE G 165 8.24 19.76 20.32
C PHE G 165 8.49 20.90 19.33
N SER G 166 8.39 20.58 18.05
CA SER G 166 8.85 21.46 16.95
C SER G 166 8.61 22.95 17.20
N GLN G 167 9.71 23.71 17.10
CA GLN G 167 9.67 25.16 17.23
C GLN G 167 8.84 25.77 16.08
N TYR G 168 8.58 24.93 15.09
CA TYR G 168 8.17 25.37 13.78
C TYR G 168 6.74 24.96 13.45
N SER G 169 5.95 24.56 14.45
CA SER G 169 4.53 24.26 14.21
C SER G 169 3.63 25.52 14.29
N ARG G 170 2.45 25.41 13.68
CA ARG G 170 1.42 26.43 13.74
C ARG G 170 0.95 26.60 15.19
N PHE G 171 1.23 25.59 16.02
CA PHE G 171 0.77 25.52 17.40
C PHE G 171 1.92 25.31 18.38
N GLU G 172 1.68 25.60 19.66
CA GLU G 172 2.66 25.38 20.75
C GLU G 172 2.04 24.60 21.90
N ILE G 173 2.83 23.72 22.52
CA ILE G 173 2.31 22.85 23.57
C ILE G 173 2.40 23.53 24.92
N LEU G 174 1.37 23.32 25.75
CA LEU G 174 1.31 23.88 27.09
C LEU G 174 1.69 22.88 28.18
N ASP G 175 0.99 21.75 28.21
CA ASP G 175 1.20 20.75 29.26
C ASP G 175 0.64 19.38 28.88
N VAL G 176 1.45 18.33 29.04
CA VAL G 176 1.02 16.95 28.75
C VAL G 176 1.02 16.12 30.05
N THR G 177 -0.13 15.51 30.33
CA THR G 177 -0.27 14.65 31.50
C THR G 177 -0.75 13.27 31.06
N GLN G 178 0.10 12.28 31.27
CA GLN G 178 -0.26 10.90 31.03
C GLN G 178 -0.79 10.41 32.38
N LYS G 179 -2.05 9.99 32.39
CA LYS G 179 -2.70 9.52 33.60
C LYS G 179 -3.44 8.21 33.33
N LYS G 180 -2.92 7.11 33.90
CA LYS G 180 -3.45 5.78 33.62
C LYS G 180 -4.88 5.63 34.12
N ASN G 181 -5.55 4.59 33.60
CA ASN G 181 -6.97 4.37 33.83
C ASN G 181 -7.24 2.86 33.82
N SER G 182 -7.51 2.29 34.99
CA SER G 182 -7.80 0.86 35.12
C SER G 182 -9.31 0.65 35.21
N VAL G 183 -9.82 -0.27 34.40
CA VAL G 183 -11.27 -0.44 34.27
C VAL G 183 -11.66 -1.90 34.17
N THR G 184 -12.62 -2.31 35.00
CA THR G 184 -13.03 -3.70 35.11
C THR G 184 -14.24 -4.03 34.26
N TYR G 185 -14.22 -5.21 33.65
CA TYR G 185 -15.33 -5.70 32.85
C TYR G 185 -15.89 -6.99 33.43
N SER G 186 -17.14 -7.29 33.08
CA SER G 186 -17.98 -8.25 33.81
C SER G 186 -17.89 -9.70 33.36
N CYS G 187 -16.68 -10.23 33.33
CA CYS G 187 -16.49 -11.62 32.99
C CYS G 187 -15.20 -12.15 33.59
N CYS G 188 -14.13 -11.43 33.30
CA CYS G 188 -12.81 -12.01 33.33
C CYS G 188 -12.03 -11.43 34.50
N PRO G 189 -11.06 -12.20 35.00
CA PRO G 189 -10.37 -11.88 36.25
C PRO G 189 -10.42 -10.40 36.63
N GLU G 190 -9.72 -9.56 35.87
CA GLU G 190 -9.50 -8.18 36.29
C GLU G 190 -9.98 -7.15 35.23
N ALA G 191 -9.07 -6.37 34.65
CA ALA G 191 -9.44 -5.07 34.05
C ALA G 191 -8.60 -4.69 32.84
N TYR G 192 -9.24 -4.38 31.72
CA TYR G 192 -8.52 -4.00 30.49
C TYR G 192 -7.81 -2.65 30.64
N GLU G 193 -6.54 -2.68 31.08
CA GLU G 193 -5.78 -1.48 31.39
C GLU G 193 -5.55 -0.64 30.15
N ASP G 194 -5.60 0.69 30.32
CA ASP G 194 -5.42 1.65 29.23
C ASP G 194 -5.00 3.07 29.66
N VAL G 195 -4.00 3.61 28.95
CA VAL G 195 -3.47 4.93 29.23
C VAL G 195 -4.22 6.03 28.49
N GLU G 196 -4.46 7.13 29.18
CA GLU G 196 -5.15 8.28 28.63
C GLU G 196 -4.21 9.48 28.70
N VAL G 197 -3.69 9.88 27.54
CA VAL G 197 -2.80 11.04 27.48
C VAL G 197 -3.59 12.32 27.26
N SER G 198 -3.19 13.37 27.96
CA SER G 198 -3.88 14.66 27.94
C SER G 198 -3.00 15.74 27.33
N LEU G 199 -3.31 16.07 26.09
CA LEU G 199 -2.55 17.05 25.34
C LEU G 199 -3.25 18.41 25.40
N ASN G 200 -2.79 19.27 26.30
CA ASN G 200 -3.21 20.69 26.28
C ASN G 200 -2.33 21.48 25.32
N PHE G 201 -2.98 22.21 24.40
CA PHE G 201 -2.29 22.96 23.36
C PHE G 201 -3.11 24.16 22.83
N ARG G 202 -2.46 24.99 22.03
CA ARG G 202 -3.08 26.20 21.48
C ARG G 202 -2.36 26.72 20.20
N LYS G 203 -2.86 27.81 19.60
CA LYS G 203 -2.27 28.42 18.38
C LYS G 203 -1.10 29.34 18.71
N LYS G 204 -0.24 29.61 17.71
CA LYS G 204 0.96 30.46 17.88
C LYS G 204 0.64 31.98 17.75
N GLY G 205 0.62 32.67 18.89
CA GLY G 205 0.26 34.09 18.96
C GLY G 205 1.16 34.87 19.93
N ILE H 1 -18.09 -2.64 57.50
CA ILE H 1 -18.39 -3.87 56.73
C ILE H 1 -17.34 -4.09 55.62
N ARG H 2 -16.79 -5.31 55.57
CA ARG H 2 -15.79 -5.71 54.57
C ARG H 2 -16.50 -6.02 53.25
N CYS H 3 -16.16 -5.27 52.20
CA CYS H 3 -16.77 -5.51 50.88
C CYS H 3 -15.75 -5.58 49.74
N PHE H 4 -16.08 -6.38 48.73
CA PHE H 4 -15.18 -6.65 47.61
C PHE H 4 -15.00 -5.39 46.78
N ILE H 5 -13.78 -4.84 46.77
CA ILE H 5 -13.51 -3.64 45.99
C ILE H 5 -12.90 -3.98 44.61
N THR H 6 -13.16 -3.09 43.65
CA THR H 6 -12.70 -3.16 42.26
C THR H 6 -11.67 -2.05 41.98
N PRO H 7 -10.68 -2.31 41.13
CA PRO H 7 -10.61 -3.49 40.25
C PRO H 7 -9.85 -4.63 40.88
N ASP H 8 -9.77 -4.61 42.19
CA ASP H 8 -9.04 -5.62 42.91
C ASP H 8 -9.95 -6.83 43.13
N ILE H 9 -9.32 -7.99 43.22
CA ILE H 9 -10.01 -9.27 43.40
C ILE H 9 -10.56 -9.37 44.81
N THR H 10 -9.92 -8.63 45.72
CA THR H 10 -9.91 -8.92 47.15
C THR H 10 -10.86 -8.06 47.97
N SER H 11 -11.04 -8.47 49.23
CA SER H 11 -11.94 -7.80 50.18
C SER H 11 -11.15 -6.80 51.04
N LYS H 12 -11.77 -5.66 51.34
CA LYS H 12 -11.12 -4.55 52.07
C LYS H 12 -12.01 -3.97 53.17
N ASP H 13 -11.36 -3.28 54.09
CA ASP H 13 -11.95 -2.93 55.38
C ASP H 13 -12.63 -1.55 55.30
N CYS H 14 -13.96 -1.56 55.21
CA CYS H 14 -14.75 -0.35 55.34
C CYS H 14 -15.40 -0.46 56.70
N PRO H 15 -14.83 0.21 57.71
CA PRO H 15 -15.60 0.52 58.92
C PRO H 15 -16.82 1.36 58.49
N ASN H 16 -18.00 0.80 58.73
CA ASN H 16 -19.30 1.29 58.25
C ASN H 16 -19.35 2.39 57.16
N GLY H 17 -18.89 1.99 55.97
CA GLY H 17 -19.57 2.38 54.74
C GLY H 17 -20.65 1.30 54.73
N HIS H 18 -21.91 1.65 54.97
CA HIS H 18 -22.93 0.66 55.35
C HIS H 18 -23.39 -0.34 54.27
N VAL H 19 -22.87 -0.23 53.04
CA VAL H 19 -23.30 -1.08 51.91
C VAL H 19 -22.15 -1.62 51.05
N CYS H 20 -22.30 -2.86 50.61
CA CYS H 20 -21.56 -3.42 49.49
C CYS H 20 -22.45 -3.28 48.24
N TYR H 21 -21.90 -2.72 47.16
CA TYR H 21 -22.70 -2.46 45.95
C TYR H 21 -22.14 -3.13 44.71
N THR H 22 -23.05 -3.37 43.75
CA THR H 22 -22.75 -4.04 42.47
C THR H 22 -23.44 -3.30 41.31
N LYS H 23 -22.77 -2.26 40.81
CA LYS H 23 -23.16 -1.59 39.57
C LYS H 23 -22.91 -2.56 38.41
N THR H 24 -23.83 -2.60 37.46
CA THR H 24 -23.69 -3.43 36.24
C THR H 24 -24.39 -2.73 35.09
N TRP H 25 -23.68 -2.48 34.00
CA TRP H 25 -24.28 -1.83 32.82
C TRP H 25 -23.66 -2.28 31.50
N CYS H 26 -24.48 -2.27 30.46
CA CYS H 26 -24.00 -2.65 29.14
C CYS H 26 -23.59 -1.43 28.31
N ASP H 27 -22.33 -1.46 27.89
CA ASP H 27 -21.73 -0.44 27.04
C ASP H 27 -21.61 -0.95 25.57
N ALA H 28 -20.60 -0.48 24.84
CA ALA H 28 -20.31 -0.94 23.48
C ALA H 28 -19.45 -2.23 23.46
N PHE H 29 -18.44 -2.26 24.33
CA PHE H 29 -17.53 -3.41 24.53
C PHE H 29 -18.22 -4.65 25.10
N CYS H 30 -19.53 -4.73 25.00
CA CYS H 30 -20.32 -5.47 25.97
C CYS H 30 -20.91 -6.76 25.45
N SER H 31 -21.29 -6.80 24.18
CA SER H 31 -21.95 -8.01 23.68
C SER H 31 -21.00 -9.22 23.69
N ILE H 32 -19.69 -8.97 23.62
CA ILE H 32 -18.72 -10.06 23.77
C ILE H 32 -18.46 -10.34 25.23
N ARG H 33 -17.74 -9.42 25.85
CA ARG H 33 -17.04 -9.62 27.12
C ARG H 33 -17.88 -9.23 28.37
N GLY H 34 -19.03 -8.62 28.13
CA GLY H 34 -20.10 -8.52 29.12
C GLY H 34 -20.41 -7.11 29.58
N LYS H 35 -21.40 -6.99 30.47
CA LYS H 35 -21.67 -5.72 31.15
C LYS H 35 -20.39 -5.30 31.87
N ARG H 36 -20.14 -4.00 32.00
CA ARG H 36 -19.08 -3.53 32.90
C ARG H 36 -19.59 -3.71 34.35
N VAL H 37 -18.71 -4.05 35.29
CA VAL H 37 -19.07 -4.00 36.74
C VAL H 37 -17.98 -3.31 37.56
N ASP H 38 -18.38 -2.25 38.27
CA ASP H 38 -17.55 -1.60 39.28
C ASP H 38 -18.12 -2.00 40.65
N LEU H 39 -17.38 -2.83 41.39
CA LEU H 39 -17.77 -3.26 42.73
C LEU H 39 -17.17 -2.30 43.77
N GLY H 40 -17.69 -2.35 45.00
CA GLY H 40 -17.16 -1.52 46.05
C GLY H 40 -18.06 -1.40 47.25
N CYS H 41 -17.65 -0.52 48.17
CA CYS H 41 -18.43 -0.15 49.35
C CYS H 41 -18.71 1.36 49.41
N ALA H 42 -19.69 1.75 50.22
CA ALA H 42 -20.11 3.15 50.31
C ALA H 42 -20.96 3.43 51.55
N ALA H 43 -21.17 4.70 51.83
CA ALA H 43 -21.95 5.10 53.00
C ALA H 43 -23.42 4.63 52.90
N THR H 44 -24.05 4.87 51.76
CA THR H 44 -25.44 4.44 51.49
C THR H 44 -25.60 3.90 50.04
N CYS H 45 -26.76 3.31 49.75
CA CYS H 45 -27.04 2.77 48.41
C CYS H 45 -27.04 3.90 47.39
N PRO H 46 -26.35 3.73 46.26
CA PRO H 46 -26.15 4.85 45.33
C PRO H 46 -27.41 5.23 44.52
N THR H 47 -27.29 6.38 43.86
CA THR H 47 -28.29 6.85 42.87
C THR H 47 -28.22 5.92 41.65
N VAL H 48 -29.35 5.80 40.95
CA VAL H 48 -29.48 4.91 39.79
C VAL H 48 -29.63 5.70 38.48
N LYS H 49 -28.64 5.59 37.60
CA LYS H 49 -28.79 6.11 36.24
C LYS H 49 -29.71 5.14 35.46
N THR H 50 -30.38 5.67 34.44
CA THR H 50 -31.48 4.93 33.77
C THR H 50 -30.92 3.86 32.81
N GLY H 51 -31.29 2.61 33.08
CA GLY H 51 -30.72 1.45 32.42
C GLY H 51 -29.63 0.77 33.26
N VAL H 52 -28.85 1.58 33.99
CA VAL H 52 -27.91 1.03 34.98
C VAL H 52 -28.67 0.10 35.94
N ASP H 53 -27.99 -0.97 36.31
CA ASP H 53 -28.58 -2.11 37.04
C ASP H 53 -27.77 -2.29 38.35
N ILE H 54 -28.47 -2.30 39.49
CA ILE H 54 -27.83 -2.25 40.82
C ILE H 54 -28.06 -3.51 41.70
N GLN H 55 -27.21 -3.69 42.72
CA GLN H 55 -27.41 -4.72 43.75
C GLN H 55 -26.69 -4.34 45.05
N CYS H 56 -27.46 -3.85 46.03
CA CYS H 56 -26.93 -3.48 47.35
C CYS H 56 -27.09 -4.68 48.32
N CYS H 57 -26.30 -4.69 49.41
CA CYS H 57 -26.37 -5.78 50.42
C CYS H 57 -25.56 -5.50 51.72
N SER H 58 -25.66 -6.37 52.74
CA SER H 58 -25.06 -6.12 54.08
C SER H 58 -24.37 -7.30 54.79
N THR H 59 -24.15 -8.41 54.08
CA THR H 59 -23.37 -9.52 54.61
C THR H 59 -21.89 -9.28 54.31
N ASP H 60 -21.03 -9.53 55.30
CA ASP H 60 -19.57 -9.39 55.16
C ASP H 60 -19.16 -10.19 53.89
N ASN H 61 -18.81 -9.48 52.82
CA ASN H 61 -18.55 -10.07 51.50
C ASN H 61 -19.81 -10.71 50.92
N CYS H 62 -20.68 -9.87 50.36
CA CYS H 62 -21.97 -10.31 49.81
C CYS H 62 -22.18 -9.89 48.35
N ASN H 63 -21.15 -9.31 47.73
CA ASN H 63 -21.29 -8.73 46.39
C ASN H 63 -20.28 -9.24 45.35
N PRO H 64 -19.75 -10.46 45.52
CA PRO H 64 -18.62 -10.91 44.69
C PRO H 64 -18.86 -10.97 43.18
N PHE H 65 -17.85 -11.46 42.48
CA PHE H 65 -17.87 -11.58 41.03
C PHE H 65 -18.80 -12.69 40.55
N PRO H 66 -19.68 -12.39 39.60
CA PRO H 66 -20.43 -13.42 38.88
C PRO H 66 -19.65 -13.96 37.65
N THR H 67 -20.36 -14.67 36.76
CA THR H 67 -19.93 -14.92 35.38
C THR H 67 -21.16 -15.39 34.59
N LEU I 1 0.85 -27.29 29.63
CA LEU I 1 0.38 -26.43 28.49
C LEU I 1 0.59 -24.95 28.79
N ASP I 2 1.27 -24.24 27.89
CA ASP I 2 1.47 -22.81 28.04
C ASP I 2 1.09 -22.04 26.79
N ARG I 3 0.91 -20.72 26.97
CA ARG I 3 0.47 -19.81 25.90
C ARG I 3 1.08 -20.13 24.55
N ALA I 4 2.41 -20.24 24.54
CA ALA I 4 3.18 -20.53 23.34
C ALA I 4 2.70 -21.79 22.67
N ASP I 5 2.62 -22.87 23.44
CA ASP I 5 2.23 -24.15 22.88
C ASP I 5 0.76 -24.18 22.44
N ILE I 6 -0.06 -23.22 22.89
CA ILE I 6 -1.44 -23.08 22.38
C ILE I 6 -1.44 -22.47 20.98
N LEU I 7 -0.67 -21.39 20.81
CA LEU I 7 -0.55 -20.74 19.52
C LEU I 7 0.12 -21.67 18.50
N TYR I 8 0.98 -22.56 19.00
CA TYR I 8 1.66 -23.57 18.18
C TYR I 8 0.61 -24.55 17.64
N ASN I 9 -0.34 -24.90 18.50
CA ASN I 9 -1.48 -25.74 18.13
C ASN I 9 -2.20 -25.06 16.98
N ILE I 10 -2.69 -23.85 17.24
CA ILE I 10 -3.60 -23.16 16.35
C ILE I 10 -2.96 -22.79 15.01
N ARG I 11 -1.80 -22.16 15.08
CA ARG I 11 -1.08 -21.71 13.88
C ARG I 11 -0.76 -22.87 12.92
N GLN I 12 -0.34 -24.00 13.48
CA GLN I 12 0.20 -25.12 12.69
C GLN I 12 -0.86 -26.05 12.10
N THR I 13 -1.95 -26.28 12.82
CA THR I 13 -2.95 -27.28 12.42
C THR I 13 -4.31 -26.68 11.97
N SER I 14 -4.53 -25.39 12.21
CA SER I 14 -5.73 -24.73 11.68
C SER I 14 -5.45 -23.98 10.38
N ARG I 15 -6.47 -23.95 9.52
CA ARG I 15 -6.29 -23.68 8.10
C ARG I 15 -7.11 -22.45 7.71
N PRO I 16 -6.42 -21.33 7.48
CA PRO I 16 -7.05 -20.05 7.10
C PRO I 16 -8.18 -20.11 6.07
N ASP I 17 -8.03 -20.85 4.98
CA ASP I 17 -9.19 -21.09 4.13
C ASP I 17 -9.54 -22.57 4.07
N VAL I 18 -10.22 -22.95 5.15
CA VAL I 18 -11.02 -24.15 5.25
C VAL I 18 -12.13 -23.75 6.21
N ILE I 19 -13.30 -23.43 5.67
CA ILE I 19 -14.43 -23.05 6.51
C ILE I 19 -14.74 -24.15 7.50
N PRO I 20 -14.65 -23.87 8.81
CA PRO I 20 -14.95 -24.85 9.84
C PRO I 20 -16.37 -25.42 9.76
N THR I 21 -16.49 -26.46 8.94
CA THR I 21 -17.76 -27.14 8.73
C THR I 21 -17.97 -28.19 9.84
N GLN I 22 -19.20 -28.22 10.35
CA GLN I 22 -19.71 -29.38 11.05
C GLN I 22 -20.88 -29.89 10.22
N ARG I 23 -20.66 -30.99 9.49
CA ARG I 23 -21.50 -31.44 8.36
C ARG I 23 -22.96 -30.95 8.33
N ASP I 24 -23.30 -30.24 7.24
CA ASP I 24 -24.67 -29.72 7.00
C ASP I 24 -25.09 -28.63 8.00
N ARG I 25 -24.24 -28.36 8.99
CA ARG I 25 -24.49 -27.35 10.01
C ARG I 25 -23.58 -26.19 9.64
N PRO I 26 -24.13 -24.99 9.55
CA PRO I 26 -23.33 -23.85 9.15
C PRO I 26 -22.37 -23.49 10.25
N VAL I 27 -21.69 -22.38 10.03
CA VAL I 27 -20.84 -21.78 11.02
C VAL I 27 -21.64 -20.63 11.60
N ALA I 28 -21.88 -20.69 12.90
CA ALA I 28 -22.71 -19.70 13.58
C ALA I 28 -21.92 -18.41 13.75
N VAL I 29 -22.18 -17.46 12.85
CA VAL I 29 -21.57 -16.16 12.93
C VAL I 29 -22.50 -15.16 13.57
N SER I 30 -22.00 -14.49 14.61
CA SER I 30 -22.71 -13.43 15.31
C SER I 30 -22.04 -12.11 15.03
N VAL I 31 -22.72 -11.25 14.30
CA VAL I 31 -22.17 -9.97 13.90
C VAL I 31 -22.85 -8.82 14.59
N SER I 32 -22.14 -7.71 14.65
CA SER I 32 -22.71 -6.45 15.04
C SER I 32 -21.80 -5.31 14.59
N LEU I 33 -22.44 -4.22 14.19
CA LEU I 33 -21.75 -2.96 13.97
C LEU I 33 -22.03 -2.06 15.16
N LYS I 34 -20.96 -1.68 15.88
CA LYS I 34 -21.05 -0.70 16.95
C LYS I 34 -20.42 0.56 16.41
N PHE I 35 -21.27 1.57 16.20
CA PHE I 35 -20.87 2.79 15.51
C PHE I 35 -20.14 3.73 16.44
N ILE I 36 -18.94 4.14 16.02
CA ILE I 36 -18.04 4.94 16.85
C ILE I 36 -18.09 6.41 16.51
N ASN I 37 -17.94 6.73 15.23
CA ASN I 37 -17.80 8.11 14.82
C ASN I 37 -18.18 8.37 13.39
N ILE I 38 -19.08 9.32 13.19
CA ILE I 38 -19.54 9.72 11.87
C ILE I 38 -18.75 10.93 11.44
N LEU I 39 -17.98 10.80 10.35
CA LEU I 39 -16.97 11.79 9.97
C LEU I 39 -17.44 12.79 8.93
N GLU I 40 -17.57 12.30 7.70
CA GLU I 40 -17.85 13.16 6.57
C GLU I 40 -19.29 12.82 6.18
N VAL I 41 -20.10 13.84 5.91
CA VAL I 41 -21.43 13.62 5.37
C VAL I 41 -21.70 14.55 4.23
N ASN I 42 -22.35 14.02 3.22
CA ASN I 42 -22.61 14.73 2.00
C ASN I 42 -24.02 14.42 1.52
N GLU I 43 -24.98 15.19 2.04
CA GLU I 43 -26.39 15.05 1.67
C GLU I 43 -26.61 15.01 0.16
N ILE I 44 -25.77 15.71 -0.59
CA ILE I 44 -25.93 15.86 -2.04
C ILE I 44 -25.51 14.59 -2.80
N THR I 45 -24.45 13.92 -2.32
CA THR I 45 -23.92 12.71 -2.97
C THR I 45 -24.28 11.42 -2.25
N ASN I 46 -25.14 11.52 -1.23
CA ASN I 46 -25.51 10.38 -0.41
C ASN I 46 -24.28 9.53 -0.10
N GLU I 47 -23.26 10.20 0.44
CA GLU I 47 -21.98 9.59 0.84
C GLU I 47 -21.69 9.87 2.32
N VAL I 48 -21.38 8.80 3.04
CA VAL I 48 -21.05 8.88 4.44
C VAL I 48 -19.67 8.31 4.66
N ASP I 49 -18.90 8.97 5.51
CA ASP I 49 -17.67 8.43 6.02
C ASP I 49 -17.92 8.13 7.47
N VAL I 50 -17.65 6.88 7.84
CA VAL I 50 -17.99 6.36 9.15
C VAL I 50 -16.88 5.51 9.71
N VAL I 51 -16.94 5.29 11.02
CA VAL I 51 -15.99 4.45 11.71
C VAL I 51 -16.71 3.58 12.74
N PHE I 52 -16.47 2.28 12.70
CA PHE I 52 -17.22 1.34 13.52
C PHE I 52 -16.43 0.08 13.83
N TRP I 53 -16.84 -0.63 14.87
CA TRP I 53 -16.22 -1.88 15.26
C TRP I 53 -17.09 -3.01 14.75
N GLN I 54 -16.63 -3.74 13.73
CA GLN I 54 -17.41 -4.84 13.11
C GLN I 54 -17.36 -6.03 14.05
N GLN I 55 -18.01 -5.88 15.20
CA GLN I 55 -18.02 -6.88 16.26
C GLN I 55 -18.41 -8.24 15.68
N THR I 56 -17.41 -9.05 15.37
CA THR I 56 -17.63 -10.34 14.71
C THR I 56 -17.30 -11.45 15.67
N THR I 57 -17.93 -12.60 15.49
CA THR I 57 -17.85 -13.69 16.45
C THR I 57 -18.24 -15.03 15.84
N TRP I 58 -17.57 -16.11 16.24
CA TRP I 58 -17.96 -17.43 15.75
C TRP I 58 -17.46 -18.62 16.55
N SER I 59 -17.88 -19.80 16.09
CA SER I 59 -17.58 -21.07 16.72
C SER I 59 -16.69 -21.91 15.80
N ASP I 60 -15.38 -21.90 16.04
CA ASP I 60 -14.47 -22.86 15.40
C ASP I 60 -14.02 -23.86 16.46
N ARG I 61 -14.55 -25.07 16.38
CA ARG I 61 -14.39 -26.01 17.47
C ARG I 61 -13.09 -26.82 17.35
N THR I 62 -12.47 -26.86 16.17
CA THR I 62 -11.23 -27.62 15.98
C THR I 62 -10.11 -27.08 16.87
N LEU I 63 -10.06 -25.76 16.97
CA LEU I 63 -9.04 -25.05 17.75
C LEU I 63 -8.99 -25.52 19.19
N ALA I 64 -10.19 -25.68 19.77
CA ALA I 64 -10.39 -25.92 21.19
C ALA I 64 -9.30 -26.75 21.85
N TRP I 65 -9.09 -26.46 23.14
CA TRP I 65 -8.08 -27.16 23.93
C TRP I 65 -8.52 -27.38 25.38
N ASN I 66 -7.70 -28.13 26.11
CA ASN I 66 -7.92 -28.46 27.54
C ASN I 66 -7.36 -27.35 28.47
N SER I 67 -8.27 -26.50 28.94
CA SER I 67 -7.92 -25.27 29.68
C SER I 67 -7.90 -25.39 31.20
N SER I 68 -8.17 -26.60 31.70
CA SER I 68 -8.34 -26.85 33.14
C SER I 68 -7.25 -26.19 34.00
N HIS I 69 -6.01 -26.62 33.79
CA HIS I 69 -4.85 -26.05 34.50
C HIS I 69 -4.01 -25.26 33.49
N SER I 70 -4.70 -24.45 32.68
CA SER I 70 -4.09 -23.72 31.58
C SER I 70 -4.89 -22.45 31.27
N PRO I 71 -4.32 -21.55 30.45
CA PRO I 71 -4.92 -20.23 30.17
C PRO I 71 -6.22 -20.30 29.37
N ASP I 72 -7.26 -19.65 29.87
CA ASP I 72 -8.59 -19.79 29.28
C ASP I 72 -8.69 -19.04 27.94
N GLN I 73 -8.00 -17.90 27.81
CA GLN I 73 -8.04 -17.07 26.58
C GLN I 73 -6.63 -16.71 26.08
N VAL I 74 -6.41 -16.77 24.77
CA VAL I 74 -5.18 -16.26 24.11
C VAL I 74 -5.55 -15.40 22.91
N SER I 75 -4.63 -14.56 22.45
CA SER I 75 -4.93 -13.74 21.27
C SER I 75 -4.11 -14.18 20.07
N VAL I 76 -4.83 -14.50 19.02
CA VAL I 76 -4.30 -15.04 17.81
C VAL I 76 -4.31 -13.96 16.75
N PRO I 77 -3.45 -14.07 15.76
CA PRO I 77 -3.57 -13.24 14.56
C PRO I 77 -4.62 -13.73 13.55
N ILE I 78 -5.14 -12.80 12.75
CA ILE I 78 -6.13 -13.10 11.73
C ILE I 78 -5.55 -13.97 10.66
N SER I 79 -4.28 -13.75 10.35
CA SER I 79 -3.62 -14.45 9.25
C SER I 79 -3.56 -15.96 9.44
N SER I 80 -3.63 -16.41 10.68
CA SER I 80 -3.46 -17.84 10.97
C SER I 80 -4.78 -18.58 11.28
N LEU I 81 -5.90 -17.87 11.26
CA LEU I 81 -7.22 -18.46 11.47
C LEU I 81 -8.15 -18.32 10.28
N TRP I 82 -9.25 -19.06 10.33
CA TRP I 82 -10.32 -18.86 9.36
C TRP I 82 -11.16 -17.66 9.76
N VAL I 83 -11.64 -16.94 8.76
CA VAL I 83 -12.38 -15.70 8.93
C VAL I 83 -13.61 -15.68 8.04
N PRO I 84 -14.70 -15.07 8.50
CA PRO I 84 -15.86 -14.90 7.63
C PRO I 84 -15.50 -14.02 6.47
N ASP I 85 -15.98 -14.38 5.29
CA ASP I 85 -15.77 -13.56 4.09
C ASP I 85 -16.85 -12.49 3.99
N LEU I 86 -17.06 -11.76 5.09
CA LEU I 86 -18.11 -10.79 5.17
C LEU I 86 -17.80 -9.62 4.28
N ALA I 87 -18.83 -8.91 3.87
CA ALA I 87 -18.66 -7.79 2.96
C ALA I 87 -19.84 -6.85 3.00
N ALA I 88 -19.54 -5.55 3.04
CA ALA I 88 -20.55 -4.52 2.96
C ALA I 88 -20.99 -4.35 1.51
N TYR I 89 -22.21 -4.79 1.20
CA TYR I 89 -22.71 -4.78 -0.16
C TYR I 89 -22.69 -3.36 -0.71
N ASN I 90 -23.16 -2.39 0.07
CA ASN I 90 -23.22 -1.00 -0.37
C ASN I 90 -21.97 -0.22 0.02
N ALA I 91 -20.82 -0.86 -0.16
CA ALA I 91 -19.55 -0.25 0.22
C ALA I 91 -18.99 0.54 -0.94
N ILE I 92 -18.39 1.68 -0.61
CA ILE I 92 -17.75 2.57 -1.57
C ILE I 92 -16.28 2.26 -1.57
N SER I 93 -15.69 2.29 -0.38
CA SER I 93 -14.24 2.18 -0.25
C SER I 93 -13.83 0.90 0.45
N LYS I 94 -12.56 0.61 0.38
CA LYS I 94 -12.05 -0.60 1.01
C LYS I 94 -12.01 -0.42 2.54
N PRO I 95 -11.73 -1.51 3.27
CA PRO I 95 -11.62 -1.44 4.74
C PRO I 95 -10.31 -0.84 5.20
N GLU I 96 -10.40 0.28 5.92
CA GLU I 96 -9.23 0.91 6.54
C GLU I 96 -9.14 0.40 7.98
N VAL I 97 -8.27 -0.59 8.20
CA VAL I 97 -8.13 -1.24 9.49
C VAL I 97 -7.26 -0.42 10.43
N LEU I 98 -7.77 -0.10 11.62
CA LEU I 98 -7.05 0.71 12.61
C LEU I 98 -6.29 -0.12 13.65
N THR I 99 -6.99 -1.06 14.27
CA THR I 99 -6.41 -1.88 15.34
C THR I 99 -5.49 -2.88 14.72
N PRO I 100 -4.74 -3.59 15.53
CA PRO I 100 -3.99 -4.75 15.02
C PRO I 100 -4.93 -5.84 14.60
N GLN I 101 -4.60 -6.52 13.50
CA GLN I 101 -5.41 -7.62 13.03
C GLN I 101 -5.11 -8.80 13.92
N LEU I 102 -5.85 -8.89 15.03
CA LEU I 102 -5.81 -10.01 15.95
C LEU I 102 -7.20 -10.36 16.41
N ALA I 103 -7.45 -11.64 16.65
CA ALA I 103 -8.68 -12.05 17.29
C ALA I 103 -8.42 -12.85 18.54
N ARG I 104 -9.33 -12.74 19.49
CA ARG I 104 -9.28 -13.50 20.73
C ARG I 104 -9.89 -14.88 20.50
N VAL I 105 -9.30 -15.91 21.08
CA VAL I 105 -9.79 -17.27 20.93
C VAL I 105 -9.84 -17.98 22.28
N VAL I 106 -11.05 -18.38 22.65
CA VAL I 106 -11.32 -19.04 23.91
C VAL I 106 -11.03 -20.55 23.74
N SER I 107 -10.80 -21.24 24.86
CA SER I 107 -10.52 -22.68 24.87
C SER I 107 -11.67 -23.51 24.32
N ASP I 108 -12.90 -23.03 24.47
CA ASP I 108 -14.08 -23.77 24.03
C ASP I 108 -14.36 -23.63 22.52
N GLY I 109 -13.48 -22.94 21.79
CA GLY I 109 -13.57 -22.79 20.35
C GLY I 109 -14.30 -21.54 19.88
N GLU I 110 -14.50 -20.59 20.80
CA GLU I 110 -15.17 -19.32 20.49
C GLU I 110 -14.13 -18.31 19.99
N VAL I 111 -14.52 -17.51 19.02
CA VAL I 111 -13.57 -16.65 18.32
C VAL I 111 -14.11 -15.24 18.19
N LEU I 112 -13.31 -14.28 18.64
CA LEU I 112 -13.74 -12.90 18.72
C LEU I 112 -12.84 -12.02 17.90
N TYR I 113 -13.25 -11.76 16.67
CA TYR I 113 -12.60 -10.73 15.86
C TYR I 113 -13.50 -9.53 15.78
N MET I 114 -13.04 -8.44 16.34
CA MET I 114 -13.75 -7.20 16.29
C MET I 114 -12.67 -6.19 15.94
N PRO I 115 -12.55 -5.88 14.66
CA PRO I 115 -11.69 -4.79 14.20
C PRO I 115 -12.36 -3.42 14.23
N SER I 116 -11.53 -2.38 14.30
CA SER I 116 -11.99 -1.01 14.17
C SER I 116 -11.86 -0.67 12.70
N ILE I 117 -12.85 0.01 12.13
CA ILE I 117 -12.91 0.18 10.68
C ILE I 117 -13.28 1.57 10.27
N ARG I 118 -12.61 2.08 9.24
CA ARG I 118 -13.07 3.26 8.52
C ARG I 118 -13.44 2.84 7.11
N GLN I 119 -14.66 3.19 6.70
CA GLN I 119 -15.18 2.84 5.38
C GLN I 119 -16.25 3.85 4.98
N ARG I 120 -16.28 4.20 3.68
CA ARG I 120 -17.30 5.10 3.14
C ARG I 120 -18.44 4.27 2.60
N PHE I 121 -19.63 4.86 2.50
CA PHE I 121 -20.85 4.10 2.21
C PHE I 121 -21.91 4.89 1.47
N SER I 122 -22.48 4.28 0.45
CA SER I 122 -23.59 4.89 -0.26
C SER I 122 -24.83 4.50 0.48
N CYS I 123 -25.54 5.48 1.01
CA CYS I 123 -26.77 5.23 1.76
C CYS I 123 -27.68 6.43 1.83
N ASP I 124 -28.90 6.21 2.34
CA ASP I 124 -29.90 7.27 2.47
C ASP I 124 -29.46 8.31 3.50
N VAL I 125 -28.84 9.37 2.99
CA VAL I 125 -28.43 10.52 3.77
C VAL I 125 -29.53 11.58 3.75
N SER I 126 -30.51 11.42 2.87
CA SER I 126 -31.60 12.38 2.78
C SER I 126 -32.24 12.60 4.16
N GLY I 127 -31.99 13.79 4.73
CA GLY I 127 -32.65 14.26 5.95
C GLY I 127 -31.75 14.35 7.17
N VAL I 128 -30.58 14.96 7.00
CA VAL I 128 -29.62 15.03 8.09
C VAL I 128 -29.94 16.14 9.07
N ASP I 129 -30.22 17.34 8.54
CA ASP I 129 -30.55 18.52 9.34
C ASP I 129 -32.04 18.55 9.67
N THR I 130 -32.51 17.53 10.38
CA THR I 130 -33.89 17.42 10.84
C THR I 130 -33.90 16.90 12.27
N GLU I 131 -35.07 16.96 12.91
CA GLU I 131 -35.23 16.35 14.23
C GLU I 131 -35.30 14.82 14.06
N SER I 132 -35.96 14.39 12.98
CA SER I 132 -36.12 12.97 12.67
C SER I 132 -34.79 12.33 12.27
N GLY I 133 -33.97 13.10 11.56
CA GLY I 133 -32.65 12.65 11.14
C GLY I 133 -32.70 11.69 9.96
N ALA I 134 -31.57 11.55 9.29
CA ALA I 134 -31.46 10.63 8.16
C ALA I 134 -31.31 9.21 8.65
N THR I 135 -31.91 8.27 7.92
CA THR I 135 -31.82 6.86 8.26
C THR I 135 -30.94 6.25 7.21
N CYS I 136 -29.84 5.65 7.65
CA CYS I 136 -28.77 5.22 6.76
C CYS I 136 -28.60 3.71 6.74
N ARG I 137 -28.92 3.11 5.60
CA ARG I 137 -28.91 1.67 5.46
C ARG I 137 -27.52 1.20 5.08
N ILE I 138 -26.98 0.21 5.81
CA ILE I 138 -25.76 -0.49 5.41
C ILE I 138 -26.01 -1.99 5.38
N LYS I 139 -26.03 -2.58 4.20
CA LYS I 139 -26.18 -4.02 4.05
C LYS I 139 -24.81 -4.63 4.11
N ILE I 140 -24.70 -5.74 4.81
CA ILE I 140 -23.48 -6.54 4.84
C ILE I 140 -23.80 -8.00 5.01
N GLY I 141 -23.02 -8.84 4.35
CA GLY I 141 -23.16 -10.28 4.46
C GLY I 141 -22.08 -10.97 3.67
N SER I 142 -21.97 -12.29 3.83
CA SER I 142 -20.95 -13.01 3.11
C SER I 142 -21.10 -12.80 1.62
N TRP I 143 -19.98 -12.77 0.95
CA TRP I 143 -19.98 -12.58 -0.47
C TRP I 143 -20.19 -13.91 -1.18
N THR I 144 -19.48 -14.94 -0.73
CA THR I 144 -19.40 -16.19 -1.46
C THR I 144 -20.22 -17.26 -0.79
N HIS I 145 -20.14 -17.31 0.52
CA HIS I 145 -20.83 -18.34 1.29
C HIS I 145 -22.30 -17.99 1.57
N HIS I 146 -23.17 -18.99 1.46
CA HIS I 146 -24.60 -18.84 1.67
C HIS I 146 -25.01 -19.36 3.05
N SER I 147 -26.32 -19.42 3.33
CA SER I 147 -26.85 -19.76 4.68
C SER I 147 -26.33 -21.06 5.32
N ARG I 148 -26.47 -22.19 4.64
CA ARG I 148 -26.11 -23.50 5.22
C ARG I 148 -24.60 -23.73 5.33
N GLU I 149 -23.82 -22.77 4.86
CA GLU I 149 -22.38 -22.74 5.09
C GLU I 149 -22.05 -21.75 6.22
N ILE I 150 -22.61 -20.54 6.12
CA ILE I 150 -22.46 -19.47 7.14
C ILE I 150 -23.80 -18.79 7.42
N SER I 151 -24.18 -18.71 8.68
CA SER I 151 -25.38 -18.00 9.06
C SER I 151 -24.99 -16.77 9.85
N VAL I 152 -25.56 -15.63 9.47
CA VAL I 152 -25.29 -14.38 10.19
C VAL I 152 -26.51 -13.96 10.98
N ASP I 153 -26.30 -13.66 12.26
CA ASP I 153 -27.39 -13.25 13.16
C ASP I 153 -26.96 -12.00 13.92
N PRO I 154 -27.77 -10.95 13.89
CA PRO I 154 -27.51 -9.76 14.70
C PRO I 154 -28.11 -9.90 16.10
N THR I 155 -27.62 -9.09 17.04
CA THR I 155 -28.00 -9.20 18.46
C THR I 155 -28.76 -7.98 19.01
N ASN I 158 -29.24 -6.61 23.72
CA ASN I 158 -29.22 -5.48 24.64
C ASN I 158 -28.04 -4.55 24.28
N SER I 159 -28.13 -3.29 24.74
CA SER I 159 -27.01 -2.31 24.82
C SER I 159 -27.46 -0.87 24.42
N ASP I 160 -26.97 0.13 25.15
CA ASP I 160 -27.14 1.54 24.75
C ASP I 160 -26.17 1.80 23.62
N ASP I 161 -26.62 1.68 22.38
CA ASP I 161 -25.73 1.73 21.21
C ASP I 161 -24.84 3.00 21.22
N SER I 162 -25.38 4.10 21.78
CA SER I 162 -24.70 5.41 21.87
C SER I 162 -24.62 5.99 23.31
N GLU I 163 -23.99 5.21 24.19
CA GLU I 163 -23.37 5.72 25.41
C GLU I 163 -21.87 5.87 25.14
N TYR I 164 -21.31 5.10 24.18
CA TYR I 164 -19.92 5.33 23.76
C TYR I 164 -19.81 6.25 22.56
N PHE I 165 -20.60 6.01 21.52
CA PHE I 165 -20.43 6.78 20.27
C PHE I 165 -19.88 8.17 20.56
N SER I 166 -18.75 8.49 19.95
CA SER I 166 -17.96 9.69 20.30
C SER I 166 -18.81 10.90 20.66
N GLN I 167 -18.52 11.45 21.84
CA GLN I 167 -19.16 12.68 22.33
C GLN I 167 -18.77 13.87 21.42
N TYR I 168 -17.77 13.63 20.58
CA TYR I 168 -17.03 14.68 19.92
C TYR I 168 -17.24 14.71 18.40
N SER I 169 -18.27 14.03 17.90
CA SER I 169 -18.57 14.07 16.46
C SER I 169 -19.42 15.29 16.11
N ARG I 170 -19.40 15.67 14.84
CA ARG I 170 -20.27 16.72 14.30
C ARG I 170 -21.72 16.25 14.37
N PHE I 171 -21.92 14.95 14.57
CA PHE I 171 -23.24 14.32 14.58
C PHE I 171 -23.48 13.50 15.86
N GLU I 172 -24.76 13.22 16.13
CA GLU I 172 -25.17 12.39 17.28
C GLU I 172 -26.11 11.28 16.83
N ILE I 173 -25.98 10.09 17.44
CA ILE I 173 -26.78 8.95 17.02
C ILE I 173 -28.10 8.87 17.79
N LEU I 174 -29.16 8.49 17.07
CA LEU I 174 -30.50 8.39 17.63
C LEU I 174 -30.88 6.96 17.99
N ASP I 175 -30.78 6.06 17.02
CA ASP I 175 -31.24 4.66 17.19
C ASP I 175 -30.65 3.73 16.11
N VAL I 176 -30.06 2.62 16.55
CA VAL I 176 -29.53 1.59 15.64
C VAL I 176 -30.32 0.30 15.76
N THR I 177 -30.81 -0.19 14.62
CA THR I 177 -31.55 -1.45 14.56
C THR I 177 -30.90 -2.38 13.57
N GLN I 178 -30.37 -3.49 14.09
CA GLN I 178 -29.84 -4.54 13.24
C GLN I 178 -31.02 -5.48 13.04
N LYS I 179 -31.42 -5.66 11.78
CA LYS I 179 -32.53 -6.55 11.44
C LYS I 179 -32.13 -7.44 10.27
N LYS I 180 -32.02 -8.74 10.53
CA LYS I 180 -31.56 -9.70 9.54
C LYS I 180 -32.53 -9.85 8.38
N ASN I 181 -32.01 -10.38 7.27
CA ASN I 181 -32.73 -10.46 6.02
C ASN I 181 -32.30 -11.72 5.27
N SER I 182 -33.17 -12.73 5.22
CA SER I 182 -32.87 -13.98 4.52
C SER I 182 -33.53 -13.96 3.14
N VAL I 183 -32.75 -14.30 2.12
CA VAL I 183 -33.17 -14.14 0.73
C VAL I 183 -32.77 -15.34 -0.12
N THR I 184 -33.73 -15.93 -0.83
CA THR I 184 -33.49 -17.16 -1.60
C THR I 184 -33.18 -16.85 -3.07
N TYR I 185 -32.25 -17.62 -3.61
CA TYR I 185 -31.87 -17.51 -5.01
C TYR I 185 -32.13 -18.80 -5.76
N SER I 186 -32.25 -18.68 -7.08
CA SER I 186 -32.87 -19.68 -7.94
C SER I 186 -31.95 -20.77 -8.45
N CYS I 187 -31.26 -21.45 -7.55
CA CYS I 187 -30.39 -22.53 -7.95
C CYS I 187 -30.16 -23.49 -6.79
N CYS I 188 -29.71 -22.91 -5.68
CA CYS I 188 -28.95 -23.61 -4.67
C CYS I 188 -29.80 -23.79 -3.42
N PRO I 189 -29.50 -24.81 -2.62
CA PRO I 189 -30.39 -25.25 -1.55
C PRO I 189 -31.25 -24.12 -1.01
N GLU I 190 -30.62 -23.15 -0.34
CA GLU I 190 -31.35 -22.17 0.45
C GLU I 190 -31.06 -20.73 0.02
N ALA I 191 -30.47 -19.92 0.91
CA ALA I 191 -30.59 -18.45 0.83
C ALA I 191 -29.36 -17.71 1.31
N TYR I 192 -28.81 -16.82 0.48
CA TYR I 192 -27.61 -16.08 0.86
C TYR I 192 -27.91 -15.05 1.96
N GLU I 193 -27.73 -15.47 3.22
CA GLU I 193 -28.13 -14.65 4.38
C GLU I 193 -27.28 -13.39 4.48
N ASP I 194 -27.90 -12.30 4.95
CA ASP I 194 -27.25 -11.00 5.04
C ASP I 194 -27.91 -10.02 6.04
N VAL I 195 -27.09 -9.37 6.87
CA VAL I 195 -27.59 -8.42 7.87
C VAL I 195 -27.69 -7.01 7.31
N GLU I 196 -28.75 -6.33 7.72
CA GLU I 196 -29.05 -4.98 7.31
C GLU I 196 -29.09 -4.11 8.55
N VAL I 197 -28.04 -3.30 8.75
CA VAL I 197 -27.97 -2.37 9.89
C VAL I 197 -28.59 -1.02 9.54
N SER I 198 -29.41 -0.50 10.44
CA SER I 198 -30.14 0.74 10.19
C SER I 198 -29.67 1.83 11.13
N LEU I 199 -28.87 2.75 10.60
CA LEU I 199 -28.27 3.84 11.36
C LEU I 199 -29.11 5.10 11.23
N ASN I 200 -29.96 5.37 12.21
CA ASN I 200 -30.63 6.67 12.29
C ASN I 200 -29.71 7.66 13.02
N PHE I 201 -29.51 8.81 12.39
CA PHE I 201 -28.61 9.84 12.92
C PHE I 201 -28.93 11.23 12.39
N ARG I 202 -28.28 12.23 13.00
CA ARG I 202 -28.55 13.64 12.69
C ARG I 202 -27.39 14.58 13.07
N LYS I 203 -27.53 15.86 12.73
CA LYS I 203 -26.51 16.87 13.05
C LYS I 203 -26.52 17.22 14.53
N LYS I 204 -25.51 17.96 14.96
CA LYS I 204 -25.43 18.47 16.32
C LYS I 204 -25.75 19.98 16.35
N GLY I 205 -26.40 20.45 17.43
CA GLY I 205 -26.75 21.86 17.59
C GLY I 205 -25.58 22.73 18.05
N ILE J 1 -55.02 -24.59 0.76
CA ILE J 1 -54.04 -25.31 -0.10
C ILE J 1 -52.61 -25.18 0.44
N ARG J 2 -51.92 -26.32 0.53
CA ARG J 2 -50.53 -26.39 1.00
C ARG J 2 -49.56 -25.98 -0.12
N CYS J 3 -48.82 -24.89 0.09
CA CYS J 3 -47.82 -24.41 -0.90
C CYS J 3 -46.43 -24.19 -0.32
N PHE J 4 -45.43 -24.38 -1.17
CA PHE J 4 -44.03 -24.26 -0.77
C PHE J 4 -43.69 -22.83 -0.44
N ILE J 5 -43.39 -22.53 0.81
CA ILE J 5 -43.04 -21.15 1.17
C ILE J 5 -41.52 -20.95 1.24
N THR J 6 -41.13 -19.68 1.00
CA THR J 6 -39.75 -19.18 0.99
C THR J 6 -39.48 -18.26 2.19
N PRO J 7 -38.26 -18.24 2.72
CA PRO J 7 -37.09 -18.94 2.18
C PRO J 7 -36.92 -20.36 2.71
N ASP J 8 -38.02 -20.95 3.16
CA ASP J 8 -38.00 -22.28 3.71
C ASP J 8 -38.10 -23.30 2.57
N ILE J 9 -37.54 -24.47 2.82
CA ILE J 9 -37.51 -25.55 1.84
C ILE J 9 -38.87 -26.22 1.75
N THR J 10 -39.66 -26.05 2.81
CA THR J 10 -40.77 -26.93 3.14
C THR J 10 -42.16 -26.38 2.81
N SER J 11 -43.17 -27.24 2.87
CA SER J 11 -44.55 -26.89 2.57
C SER J 11 -45.31 -26.51 3.85
N LYS J 12 -46.23 -25.56 3.71
CA LYS J 12 -46.97 -25.01 4.85
C LYS J 12 -48.44 -24.81 4.55
N ASP J 13 -49.21 -24.71 5.62
CA ASP J 13 -50.66 -24.85 5.54
C ASP J 13 -51.34 -23.50 5.32
N CYS J 14 -51.79 -23.26 4.09
CA CYS J 14 -52.62 -22.13 3.82
C CYS J 14 -53.99 -22.71 3.60
N PRO J 15 -54.85 -22.58 4.61
CA PRO J 15 -56.29 -22.72 4.39
C PRO J 15 -56.70 -21.65 3.39
N ASN J 16 -57.17 -22.10 2.23
CA ASN J 16 -57.42 -21.27 1.07
C ASN J 16 -56.92 -19.79 1.06
N GLY J 17 -55.60 -19.67 0.98
CA GLY J 17 -54.98 -18.68 0.12
C GLY J 17 -55.02 -19.46 -1.19
N HIS J 18 -55.82 -19.03 -2.16
CA HIS J 18 -56.24 -19.91 -3.28
C HIS J 18 -55.14 -20.29 -4.30
N VAL J 19 -53.93 -19.73 -4.18
CA VAL J 19 -52.84 -19.95 -5.15
C VAL J 19 -51.48 -20.21 -4.54
N CYS J 20 -50.72 -21.11 -5.18
CA CYS J 20 -49.28 -21.20 -5.01
C CYS J 20 -48.63 -20.38 -6.13
N TYR J 21 -47.68 -19.50 -5.79
CA TYR J 21 -47.07 -18.61 -6.77
C TYR J 21 -45.55 -18.72 -6.84
N THR J 22 -45.01 -18.39 -8.00
CA THR J 22 -43.57 -18.50 -8.30
C THR J 22 -43.08 -17.23 -9.05
N LYS J 23 -42.76 -16.21 -8.26
CA LYS J 23 -42.08 -15.01 -8.77
C LYS J 23 -40.69 -15.42 -9.21
N THR J 24 -40.23 -14.87 -10.32
CA THR J 24 -38.87 -15.08 -10.80
C THR J 24 -38.42 -13.86 -11.60
N TRP J 25 -37.29 -13.26 -11.20
CA TRP J 25 -36.76 -12.10 -11.90
C TRP J 25 -35.23 -12.01 -11.87
N CYS J 26 -34.67 -11.40 -12.91
CA CYS J 26 -33.23 -11.22 -13.00
C CYS J 26 -32.81 -9.87 -12.44
N ASP J 27 -31.94 -9.91 -11.43
CA ASP J 27 -31.33 -8.73 -10.83
C ASP J 27 -29.87 -8.56 -11.32
N ALA J 28 -29.00 -8.01 -10.47
CA ALA J 28 -27.56 -7.90 -10.78
C ALA J 28 -26.74 -9.15 -10.36
N PHE J 29 -27.07 -9.73 -9.22
CA PHE J 29 -26.43 -10.96 -8.70
C PHE J 29 -26.80 -12.20 -9.52
N CYS J 30 -27.21 -12.01 -10.77
CA CYS J 30 -28.10 -12.96 -11.42
C CYS J 30 -27.44 -13.79 -12.51
N SER J 31 -26.50 -13.22 -13.25
CA SER J 31 -25.93 -13.96 -14.37
C SER J 31 -25.09 -15.17 -13.88
N ILE J 32 -24.61 -15.12 -12.64
CA ILE J 32 -23.97 -16.30 -12.06
C ILE J 32 -25.02 -17.22 -11.48
N ARG J 33 -25.57 -16.79 -10.35
CA ARG J 33 -26.30 -17.68 -9.44
C ARG J 33 -27.83 -17.73 -9.71
N GLY J 34 -28.30 -16.89 -10.63
CA GLY J 34 -29.59 -17.05 -11.28
C GLY J 34 -30.61 -15.97 -10.98
N LYS J 35 -31.81 -16.10 -11.55
CA LYS J 35 -32.92 -15.22 -11.19
C LYS J 35 -33.21 -15.40 -9.71
N ARG J 36 -33.67 -14.35 -9.04
CA ARG J 36 -34.15 -14.52 -7.67
C ARG J 36 -35.51 -15.19 -7.78
N VAL J 37 -35.88 -16.01 -6.80
CA VAL J 37 -37.26 -16.54 -6.69
C VAL J 37 -37.78 -16.44 -5.25
N ASP J 38 -38.91 -15.77 -5.05
CA ASP J 38 -39.65 -15.88 -3.80
C ASP J 38 -40.90 -16.71 -4.06
N LEU J 39 -40.96 -17.87 -3.42
CA LEU J 39 -42.11 -18.75 -3.50
C LEU J 39 -43.08 -18.41 -2.39
N GLY J 40 -44.31 -18.91 -2.49
CA GLY J 40 -45.28 -18.73 -1.43
C GLY J 40 -46.70 -18.99 -1.85
N CYS J 41 -47.62 -18.67 -0.95
CA CYS J 41 -49.06 -18.75 -1.19
C CYS J 41 -49.75 -17.41 -0.97
N ALA J 42 -50.96 -17.28 -1.50
CA ALA J 42 -51.70 -16.03 -1.43
C ALA J 42 -53.19 -16.21 -1.73
N ALA J 43 -53.95 -15.14 -1.49
CA ALA J 43 -55.38 -15.13 -1.73
C ALA J 43 -55.67 -15.30 -3.22
N THR J 44 -55.06 -14.45 -4.05
CA THR J 44 -55.27 -14.44 -5.51
C THR J 44 -53.92 -14.27 -6.26
N CYS J 45 -53.92 -14.51 -7.57
CA CYS J 45 -52.70 -14.38 -8.37
C CYS J 45 -52.24 -12.93 -8.31
N PRO J 46 -50.96 -12.73 -8.08
CA PRO J 46 -50.45 -11.38 -7.86
C PRO J 46 -50.41 -10.47 -9.11
N THR J 47 -50.19 -9.19 -8.84
CA THR J 47 -49.90 -8.20 -9.87
C THR J 47 -48.52 -8.48 -10.48
N VAL J 48 -48.32 -8.09 -11.75
CA VAL J 48 -47.07 -8.35 -12.47
C VAL J 48 -46.30 -7.05 -12.76
N LYS J 49 -45.11 -6.92 -12.17
CA LYS J 49 -44.16 -5.87 -12.53
C LYS J 49 -43.59 -6.20 -13.91
N THR J 50 -43.15 -5.17 -14.64
CA THR J 50 -42.71 -5.32 -16.03
C THR J 50 -41.34 -6.01 -16.14
N GLY J 51 -41.32 -7.18 -16.79
CA GLY J 51 -40.13 -8.01 -16.84
C GLY J 51 -40.15 -9.13 -15.81
N VAL J 52 -40.74 -8.85 -14.64
CA VAL J 52 -41.05 -9.89 -13.65
C VAL J 52 -41.81 -11.03 -14.33
N ASP J 53 -41.47 -12.25 -13.93
CA ASP J 53 -41.90 -13.48 -14.58
C ASP J 53 -42.63 -14.36 -13.54
N ILE J 54 -43.87 -14.76 -13.85
CA ILE J 54 -44.79 -15.39 -12.89
C ILE J 54 -45.18 -16.86 -13.22
N GLN J 55 -45.66 -17.57 -12.21
CA GLN J 55 -46.26 -18.90 -12.41
C GLN J 55 -47.23 -19.25 -11.26
N CYS J 56 -48.53 -19.13 -11.50
CA CYS J 56 -49.57 -19.51 -10.52
C CYS J 56 -49.99 -20.98 -10.72
N CYS J 57 -50.61 -21.58 -9.71
CA CYS J 57 -51.18 -22.96 -9.83
C CYS J 57 -51.98 -23.43 -8.57
N SER J 58 -52.59 -24.61 -8.66
CA SER J 58 -53.59 -25.06 -7.67
C SER J 58 -53.52 -26.53 -7.21
N THR J 59 -52.44 -27.21 -7.54
CA THR J 59 -52.15 -28.56 -7.05
C THR J 59 -51.44 -28.46 -5.69
N ASP J 60 -51.89 -29.23 -4.70
CA ASP J 60 -51.20 -29.29 -3.41
C ASP J 60 -49.70 -29.45 -3.66
N ASN J 61 -48.91 -28.41 -3.40
CA ASN J 61 -47.48 -28.39 -3.76
C ASN J 61 -47.25 -28.55 -5.26
N CYS J 62 -47.42 -27.43 -5.97
CA CYS J 62 -47.32 -27.36 -7.42
C CYS J 62 -46.25 -26.38 -7.91
N ASN J 63 -45.54 -25.74 -6.98
CA ASN J 63 -44.68 -24.60 -7.31
C ASN J 63 -43.23 -24.74 -6.83
N PRO J 64 -42.71 -25.97 -6.76
CA PRO J 64 -41.43 -26.24 -6.09
C PRO J 64 -40.20 -25.58 -6.72
N PHE J 65 -39.04 -25.89 -6.17
CA PHE J 65 -37.77 -25.38 -6.66
C PHE J 65 -37.39 -25.94 -8.02
N PRO J 66 -36.98 -25.10 -8.98
CA PRO J 66 -36.34 -25.61 -10.22
C PRO J 66 -34.82 -25.82 -10.10
N THR J 67 -34.19 -26.27 -11.21
CA THR J 67 -32.77 -25.97 -11.55
C THR J 67 -32.64 -25.67 -13.07
N ARG J 68 -33.03 -24.47 -13.50
CA ARG J 68 -32.80 -24.02 -14.89
C ARG J 68 -32.85 -22.49 -15.01
#